data_3MVD
#
_entry.id   3MVD
#
_cell.length_a   102.681
_cell.length_b   183.036
_cell.length_c   107.030
_cell.angle_alpha   90.00
_cell.angle_beta   101.52
_cell.angle_gamma   90.00
#
_symmetry.space_group_name_H-M   'P 1 21 1'
#
loop_
_entity.id
_entity.type
_entity.pdbx_description
1 polymer 'Histone H3.2'
2 polymer 'Histone H4'
3 polymer 'Histone H2A'
4 polymer 'Histone H2B 1.1'
5 polymer 'DNA (146-MER)'
6 polymer 'DNA (146-MER)'
7 polymer 'Regulator of chromosome condensation'
#
loop_
_entity_poly.entity_id
_entity_poly.type
_entity_poly.pdbx_seq_one_letter_code
_entity_poly.pdbx_strand_id
1 'polypeptide(L)'
;ARTKQTARKSTGGKAPRKQLATKAARKSAPATGGVKKPHRYRPGTVALREIRRYQKSTELLIRKLPFQRLVREIAQDFKT
DLRFQSSAVMALQEASEAYLVALFEDTNLCAIHAKRVTIMPKDIQLARRIRGERA
;
A,E
2 'polypeptide(L)'
;SGRGKGGKGLGKGGAKRHRKVLRDNIQGITKPAIRRLARRGGVKRISGLIYEETRGVLKVFLENVIRDAVTYTEHAKRKT
VTAMDVVYALKRQGRTLYGFGG
;
B,F
3 'polypeptide(L)'
;SGRGKQGGKTRAKAKTRSSRAGLQFPVGRVHRLLRKGNYAERVGAGAPVYLAAVLEYLTAEILELAGNAARDNKKTRIIP
RHLQLAVRNDEELNKLLGRVTIAQGGVLPNIQSVLLPKKTESSKSAKSK
;
C,G
4 'polypeptide(L)'
;AKSAPAPKKGSKKAVTKTQKKDGKKRRKTRKESYAIYVYKVLKQVHPDTGISSKAMSIMNSFVNDVFERIAGEASRLAHY
NKRSTITSREIQTAVRLLLPGELAKHAVSEGTKAVTKYTSAK
;
D,H
5 'polydeoxyribonucleotide'
;(DA)(DT)(DC)(DG)(DA)(DG)(DA)(DA)(DT)(DC)(DC)(DC)(DG)(DG)(DT)(DG)(DC)(DC)(DG)(DA)
(DG)(DG)(DC)(DC)(DG)(DC)(DT)(DC)(DA)(DA)(DT)(DT)(DG)(DG)(DT)(DC)(DG)(DT)(DA)(DG)
(DA)(DC)(DA)(DG)(DC)(DT)(DC)(DT)(DA)(DG)(DC)(DA)(DC)(DC)(DG)(DC)(DT)(DT)(DA)(DA)
(DA)(DC)(DG)(DC)(DA)(DC)(DG)(DT)(DA)(DC)(DG)(DC)(DG)(DC)(DT)(DG)(DT)(DC)(DC)(DC)
(DC)(DC)(DG)(DC)(DG)(DT)(DT)(DT)(DT)(DA)(DA)(DC)(DC)(DG)(DC)(DC)(DA)(DA)(DG)(DG)
(DG)(DG)(DA)(DT)(DT)(DA)(DC)(DT)(DC)(DC)(DC)(DT)(DA)(DG)(DT)(DC)(DT)(DC)(DC)(DA)
(DG)(DG)(DC)(DA)(DC)(DG)(DT)(DG)(DT)(DC)(DA)(DG)(DA)(DT)(DA)(DT)(DA)(DT)(DA)(DC)
(DA)(DT)(DC)(DC)(DG)(DA)(DT)
;
I
6 'polydeoxyribonucleotide'
;(DA)(DT)(DC)(DG)(DG)(DA)(DT)(DG)(DT)(DA)(DT)(DA)(DT)(DA)(DT)(DC)(DT)(DG)(DA)(DC)
(DA)(DC)(DG)(DT)(DG)(DC)(DC)(DT)(DG)(DG)(DA)(DG)(DA)(DC)(DT)(DA)(DG)(DG)(DG)(DA)
(DG)(DT)(DA)(DA)(DT)(DC)(DC)(DC)(DC)(DT)(DT)(DG)(DG)(DC)(DG)(DG)(DT)(DT)(DA)(DA)
(DA)(DA)(DC)(DG)(DC)(DG)(DG)(DG)(DG)(DG)(DA)(DC)(DA)(DG)(DC)(DG)(DC)(DG)(DT)(DA)
(DC)(DG)(DT)(DG)(DC)(DG)(DT)(DT)(DT)(DA)(DA)(DG)(DC)(DG)(DG)(DT)(DG)(DC)(DT)(DA)
(DG)(DA)(DG)(DC)(DT)(DG)(DT)(DC)(DT)(DA)(DC)(DG)(DA)(DC)(DC)(DA)(DA)(DT)(DT)(DG)
(DA)(DG)(DC)(DG)(DG)(DC)(DC)(DT)(DC)(DG)(DG)(DC)(DA)(DC)(DC)(DG)(DG)(DG)(DA)(DT)
(DT)(DC)(DT)(DC)(DG)(DA)(DT)
;
J
7 'polypeptide(L)'
;GSPRRKALTNNNNAGEAEQQPPKAKRARIAFHLELPKRRTVLGNVLVCGNGDVGQLGLGEDILERKRLSPVAGIPDAVDI
SAGGMHNLVLTKSGDIYSFGCNDEGALGRDTSEDGSESKPDLIDLPGKALCISAGDSHSACLLEDGRVFAWGSFRDSHGN
MGLTIDGNKRTPIDLMEGTVCCSIASGADHLVILTTAGKVFTVGCAEQGQLGRLSERSISGEGRRGKRDLLRPTQLIITR
AKPFEAIWATNYCTFMRESQTQVIWATGLNNFKQLAHETKGKEFALTPIKTELKDIRHIAGGQHHTVILTTDLKCSVVGR
PEYGRLGLGDVKDVVEKPTIVKKLTEKIVSVGCGEVCSYAVTIDGKLYSWGSGVNNQLGVGDGDDELEPIVVVSKNTQGK
HMLLASGGGQHAIFLVKADKQDQ
;
K,L
#
loop_
_chem_comp.id
_chem_comp.type
_chem_comp.name
_chem_comp.formula
DA DNA linking 2'-DEOXYADENOSINE-5'-MONOPHOSPHATE 'C10 H14 N5 O6 P'
DC DNA linking 2'-DEOXYCYTIDINE-5'-MONOPHOSPHATE 'C9 H14 N3 O7 P'
DG DNA linking 2'-DEOXYGUANOSINE-5'-MONOPHOSPHATE 'C10 H14 N5 O7 P'
DT DNA linking THYMIDINE-5'-MONOPHOSPHATE 'C10 H15 N2 O8 P'
#
# COMPACT_ATOMS: atom_id res chain seq x y z
N LYS A 37 33.83 -40.96 19.13
CA LYS A 37 33.81 -39.88 18.15
C LYS A 37 32.99 -38.70 18.66
N PRO A 38 33.45 -37.47 18.35
CA PRO A 38 32.78 -36.24 18.76
C PRO A 38 31.33 -36.19 18.27
N HIS A 39 30.51 -35.37 18.92
CA HIS A 39 29.11 -35.24 18.55
C HIS A 39 28.81 -33.92 17.86
N ARG A 40 28.35 -34.00 16.61
CA ARG A 40 27.99 -32.82 15.85
C ARG A 40 26.60 -32.99 15.22
N TYR A 41 25.82 -31.92 15.24
CA TYR A 41 24.52 -31.92 14.57
C TYR A 41 24.73 -31.72 13.07
N ARG A 42 23.78 -32.22 12.28
CA ARG A 42 23.85 -32.07 10.83
C ARG A 42 23.48 -30.64 10.43
N PRO A 43 24.11 -30.13 9.37
CA PRO A 43 23.83 -28.79 8.87
C PRO A 43 22.33 -28.57 8.64
N GLY A 44 21.78 -27.53 9.27
CA GLY A 44 20.37 -27.22 9.13
C GLY A 44 19.58 -27.54 10.39
N THR A 45 20.06 -28.52 11.15
CA THR A 45 19.37 -28.94 12.37
C THR A 45 19.33 -27.81 13.40
N VAL A 46 20.50 -27.24 13.70
CA VAL A 46 20.60 -26.12 14.63
C VAL A 46 19.87 -24.91 14.06
N ALA A 47 19.95 -24.76 12.74
CA ALA A 47 19.28 -23.65 12.06
C ALA A 47 17.79 -23.65 12.37
N LEU A 48 17.13 -24.79 12.16
CA LEU A 48 15.71 -24.91 12.43
C LEU A 48 15.43 -24.66 13.91
N ARG A 49 16.31 -25.15 14.76
CA ARG A 49 16.17 -24.96 16.21
C ARG A 49 16.15 -23.47 16.53
N GLU A 50 16.97 -22.70 15.81
CA GLU A 50 17.01 -21.26 15.98
C GLU A 50 15.73 -20.61 15.45
N ILE A 51 15.23 -21.13 14.33
CA ILE A 51 13.98 -20.63 13.76
C ILE A 51 12.85 -20.80 14.76
N ARG A 52 12.69 -22.01 15.28
CA ARG A 52 11.64 -22.30 16.26
C ARG A 52 11.80 -21.41 17.49
N ARG A 53 13.05 -21.17 17.88
CA ARG A 53 13.34 -20.36 19.06
C ARG A 53 12.88 -18.92 18.89
N TYR A 54 13.38 -18.26 17.86
CA TYR A 54 13.12 -16.84 17.66
C TYR A 54 11.70 -16.54 17.18
N GLN A 55 11.05 -17.53 16.60
CA GLN A 55 9.65 -17.39 16.20
C GLN A 55 8.75 -17.48 17.42
N LYS A 56 9.26 -18.09 18.49
CA LYS A 56 8.51 -18.24 19.72
C LYS A 56 8.66 -17.03 20.62
N SER A 57 9.85 -16.42 20.60
CA SER A 57 10.14 -15.27 21.44
C SER A 57 9.80 -13.95 20.74
N THR A 58 9.87 -12.85 21.48
CA THR A 58 9.49 -11.55 20.95
C THR A 58 10.47 -10.44 21.32
N GLU A 59 11.71 -10.81 21.61
CA GLU A 59 12.72 -9.82 21.98
C GLU A 59 13.46 -9.31 20.75
N LEU A 60 13.94 -8.07 20.82
CA LEU A 60 14.68 -7.46 19.73
C LEU A 60 15.99 -8.21 19.46
N LEU A 61 16.29 -8.43 18.19
CA LEU A 61 17.42 -9.25 17.79
C LEU A 61 18.64 -8.41 17.41
N ILE A 62 18.44 -7.09 17.31
CA ILE A 62 19.54 -6.18 17.01
C ILE A 62 20.06 -5.56 18.31
N ARG A 63 21.36 -5.30 18.35
CA ARG A 63 21.98 -4.71 19.55
C ARG A 63 21.56 -3.27 19.74
N LYS A 64 21.02 -2.98 20.92
CA LYS A 64 20.48 -1.66 21.24
C LYS A 64 21.40 -0.50 20.87
N LEU A 65 22.56 -0.42 21.53
CA LEU A 65 23.47 0.70 21.36
C LEU A 65 23.96 0.89 19.91
N PRO A 66 24.49 -0.18 19.29
CA PRO A 66 24.93 -0.05 17.90
C PRO A 66 23.83 0.52 16.99
N PHE A 67 22.60 0.07 17.22
CA PHE A 67 21.46 0.55 16.42
C PHE A 67 21.14 2.01 16.71
N GLN A 68 21.26 2.41 17.98
CA GLN A 68 20.98 3.79 18.36
C GLN A 68 21.97 4.74 17.71
N ARG A 69 23.21 4.27 17.53
CA ARG A 69 24.23 5.06 16.86
C ARG A 69 23.95 5.14 15.36
N LEU A 70 23.49 4.05 14.78
CA LEU A 70 23.13 4.03 13.36
C LEU A 70 22.05 5.07 13.09
N VAL A 71 21.06 5.12 13.98
CA VAL A 71 19.97 6.07 13.86
C VAL A 71 20.49 7.50 13.90
N ARG A 72 21.30 7.80 14.91
CA ARG A 72 21.85 9.15 15.06
C ARG A 72 22.73 9.54 13.88
N GLU A 73 23.52 8.59 13.39
CA GLU A 73 24.39 8.82 12.24
C GLU A 73 23.58 9.19 11.02
N ILE A 74 22.58 8.38 10.71
CA ILE A 74 21.70 8.63 9.58
C ILE A 74 20.99 9.96 9.71
N ALA A 75 20.66 10.33 10.95
CA ALA A 75 19.92 11.55 11.22
C ALA A 75 20.75 12.81 10.98
N GLN A 76 22.07 12.67 11.06
CA GLN A 76 22.99 13.80 10.87
C GLN A 76 22.75 14.53 9.55
N ASP A 77 22.44 13.76 8.51
CA ASP A 77 22.29 14.32 7.17
C ASP A 77 20.99 15.09 6.99
N PHE A 78 20.21 15.21 8.07
CA PHE A 78 18.92 15.88 8.00
C PHE A 78 18.89 17.12 8.87
N LYS A 79 19.41 16.99 10.09
CA LYS A 79 19.46 18.10 11.02
C LYS A 79 20.65 17.95 11.96
N THR A 80 21.34 19.05 12.23
CA THR A 80 22.54 19.04 13.05
C THR A 80 22.22 19.04 14.54
N ASP A 81 22.93 18.21 15.30
CA ASP A 81 22.76 18.14 16.74
C ASP A 81 21.33 17.79 17.14
N LEU A 82 20.88 16.62 16.67
CA LEU A 82 19.54 16.13 17.01
C LEU A 82 19.55 15.35 18.32
N ARG A 83 18.50 15.53 19.11
CA ARG A 83 18.30 14.74 20.31
C ARG A 83 17.14 13.76 20.12
N PHE A 84 17.22 12.62 20.76
CA PHE A 84 16.21 11.58 20.61
C PHE A 84 15.63 11.17 21.95
N GLN A 85 14.30 11.10 22.01
CA GLN A 85 13.65 10.46 23.15
C GLN A 85 14.03 8.99 23.10
N SER A 86 14.24 8.39 24.27
CA SER A 86 14.61 6.98 24.32
C SER A 86 13.58 6.13 23.59
N SER A 87 12.31 6.46 23.77
CA SER A 87 11.22 5.71 23.15
C SER A 87 11.19 5.88 21.64
N ALA A 88 11.66 7.02 21.15
CA ALA A 88 11.71 7.28 19.72
C ALA A 88 12.69 6.33 19.04
N VAL A 89 13.80 6.05 19.72
CA VAL A 89 14.80 5.13 19.20
C VAL A 89 14.27 3.70 19.23
N MET A 90 13.51 3.38 20.27
CA MET A 90 12.93 2.05 20.42
C MET A 90 11.86 1.81 19.36
N ALA A 91 11.02 2.81 19.13
CA ALA A 91 9.97 2.73 18.14
C ALA A 91 10.56 2.45 16.75
N LEU A 92 11.73 3.04 16.49
CA LEU A 92 12.42 2.84 15.23
C LEU A 92 12.95 1.41 15.09
N GLN A 93 13.52 0.89 16.16
CA GLN A 93 14.07 -0.46 16.14
C GLN A 93 12.97 -1.49 15.98
N GLU A 94 11.86 -1.29 16.68
CA GLU A 94 10.70 -2.16 16.54
C GLU A 94 10.21 -2.20 15.10
N ALA A 95 10.04 -1.02 14.51
CA ALA A 95 9.58 -0.91 13.13
C ALA A 95 10.59 -1.50 12.15
N SER A 96 11.87 -1.31 12.46
CA SER A 96 12.94 -1.79 11.60
C SER A 96 13.02 -3.32 11.58
N GLU A 97 12.97 -3.93 12.76
CA GLU A 97 13.05 -5.38 12.85
C GLU A 97 11.80 -6.04 12.27
N ALA A 98 10.64 -5.47 12.56
CA ALA A 98 9.40 -5.98 12.02
C ALA A 98 9.43 -5.92 10.49
N TYR A 99 10.04 -4.85 9.97
CA TYR A 99 10.17 -4.68 8.52
C TYR A 99 11.11 -5.72 7.92
N LEU A 100 12.30 -5.85 8.51
CA LEU A 100 13.30 -6.79 8.01
C LEU A 100 12.85 -8.24 8.12
N VAL A 101 12.27 -8.59 9.27
CA VAL A 101 11.76 -9.94 9.48
C VAL A 101 10.76 -10.34 8.41
N ALA A 102 9.78 -9.48 8.17
CA ALA A 102 8.77 -9.72 7.15
C ALA A 102 9.41 -9.81 5.77
N LEU A 103 10.37 -8.93 5.50
CA LEU A 103 11.09 -8.94 4.24
C LEU A 103 11.77 -10.27 4.00
N PHE A 104 12.31 -10.85 5.06
CA PHE A 104 12.97 -12.15 4.98
C PHE A 104 11.98 -13.26 4.66
N GLU A 105 10.76 -13.13 5.18
CA GLU A 105 9.71 -14.08 4.89
C GLU A 105 9.46 -14.12 3.38
N ASP A 106 9.43 -12.94 2.77
CA ASP A 106 9.22 -12.83 1.32
C ASP A 106 10.47 -13.25 0.56
N THR A 107 11.63 -12.84 1.07
CA THR A 107 12.90 -13.25 0.48
C THR A 107 13.00 -14.76 0.46
N ASN A 108 12.48 -15.39 1.51
CA ASN A 108 12.50 -16.83 1.66
C ASN A 108 11.66 -17.51 0.59
N LEU A 109 10.46 -16.99 0.35
CA LEU A 109 9.56 -17.56 -0.66
C LEU A 109 10.15 -17.48 -2.06
N CYS A 110 10.94 -16.43 -2.31
CA CYS A 110 11.57 -16.26 -3.61
C CYS A 110 12.68 -17.27 -3.84
N ALA A 111 13.52 -17.48 -2.84
CA ALA A 111 14.57 -18.50 -2.93
C ALA A 111 13.94 -19.85 -3.19
N ILE A 112 12.93 -20.20 -2.39
CA ILE A 112 12.21 -21.45 -2.54
C ILE A 112 11.56 -21.56 -3.92
N HIS A 113 11.06 -20.44 -4.42
CA HIS A 113 10.44 -20.40 -5.73
C HIS A 113 11.41 -20.83 -6.83
N ALA A 114 12.69 -20.50 -6.63
CA ALA A 114 13.72 -20.86 -7.59
C ALA A 114 14.31 -22.22 -7.26
N LYS A 115 13.55 -23.02 -6.53
CA LYS A 115 13.99 -24.35 -6.13
C LYS A 115 15.32 -24.30 -5.37
N ARG A 116 15.40 -23.38 -4.42
CA ARG A 116 16.58 -23.26 -3.56
C ARG A 116 16.12 -23.16 -2.11
N VAL A 117 17.05 -23.36 -1.18
CA VAL A 117 16.74 -23.21 0.24
C VAL A 117 17.65 -22.15 0.85
N THR A 118 18.50 -21.58 0.02
CA THR A 118 19.43 -20.54 0.44
C THR A 118 19.02 -19.18 -0.12
N ILE A 119 18.66 -18.25 0.76
CA ILE A 119 18.31 -16.90 0.31
C ILE A 119 19.54 -16.17 -0.21
N MET A 120 19.37 -15.47 -1.32
CA MET A 120 20.47 -14.76 -1.95
C MET A 120 20.07 -13.31 -2.23
N PRO A 121 21.05 -12.44 -2.46
CA PRO A 121 20.79 -11.02 -2.73
C PRO A 121 19.69 -10.80 -3.78
N LYS A 122 19.71 -11.60 -4.86
CA LYS A 122 18.73 -11.45 -5.92
C LYS A 122 17.32 -11.79 -5.44
N ASP A 123 17.23 -12.56 -4.35
CA ASP A 123 15.94 -12.88 -3.74
C ASP A 123 15.36 -11.67 -3.02
N ILE A 124 16.20 -10.97 -2.28
CA ILE A 124 15.77 -9.75 -1.58
C ILE A 124 15.35 -8.69 -2.59
N GLN A 125 16.09 -8.60 -3.69
CA GLN A 125 15.84 -7.60 -4.72
C GLN A 125 14.50 -7.83 -5.41
N LEU A 126 14.19 -9.09 -5.73
CA LEU A 126 12.92 -9.43 -6.35
C LEU A 126 11.75 -9.08 -5.43
N ALA A 127 11.85 -9.51 -4.18
CA ALA A 127 10.81 -9.26 -3.20
C ALA A 127 10.50 -7.76 -3.08
N ARG A 128 11.55 -6.95 -2.96
CA ARG A 128 11.38 -5.51 -2.82
C ARG A 128 10.77 -4.89 -4.08
N ARG A 129 11.16 -5.42 -5.24
CA ARG A 129 10.62 -4.94 -6.51
C ARG A 129 9.12 -5.22 -6.61
N ILE A 130 8.73 -6.45 -6.31
CA ILE A 130 7.33 -6.83 -6.32
C ILE A 130 6.53 -5.94 -5.36
N ARG A 131 7.12 -5.65 -4.21
CA ARG A 131 6.50 -4.80 -3.20
C ARG A 131 6.28 -3.38 -3.72
N GLY A 132 7.28 -2.86 -4.43
CA GLY A 132 7.21 -1.51 -4.97
C GLY A 132 8.26 -0.60 -4.38
N GLU A 133 9.29 -1.20 -3.80
CA GLU A 133 10.37 -0.44 -3.18
C GLU A 133 11.50 -0.21 -4.18
N ARG A 134 11.42 -0.89 -5.32
CA ARG A 134 12.43 -0.75 -6.36
C ARG A 134 11.80 -0.51 -7.72
N LYS B 20 31.17 16.28 18.05
CA LYS B 20 30.91 14.86 17.88
C LYS B 20 30.39 14.55 16.48
N VAL B 21 30.82 13.41 15.95
CA VAL B 21 30.38 12.96 14.62
C VAL B 21 30.36 11.43 14.55
N LEU B 22 29.32 10.90 13.91
CA LEU B 22 29.16 9.45 13.81
C LEU B 22 29.59 8.94 12.44
N ARG B 23 30.22 7.76 12.42
CA ARG B 23 30.72 7.17 11.20
C ARG B 23 30.73 5.65 11.25
N ASP B 24 30.32 5.02 10.15
CA ASP B 24 30.41 3.56 10.00
C ASP B 24 29.66 2.76 11.06
N ASN B 25 28.60 3.34 11.61
CA ASN B 25 27.81 2.65 12.61
C ASN B 25 26.94 1.53 12.03
N ILE B 26 26.87 1.47 10.71
CA ILE B 26 26.08 0.43 10.05
C ILE B 26 26.73 -0.94 10.22
N GLN B 27 28.02 -0.93 10.56
CA GLN B 27 28.74 -2.17 10.84
C GLN B 27 28.27 -2.76 12.16
N GLY B 28 27.49 -1.98 12.91
CA GLY B 28 26.92 -2.43 14.15
C GLY B 28 25.95 -3.58 13.91
N ILE B 29 25.18 -3.47 12.84
CA ILE B 29 24.29 -4.54 12.42
C ILE B 29 25.14 -5.70 11.91
N THR B 30 25.39 -6.67 12.78
CA THR B 30 26.37 -7.72 12.51
C THR B 30 25.78 -8.96 11.85
N LYS B 31 26.67 -9.85 11.43
CA LYS B 31 26.28 -11.12 10.84
C LYS B 31 25.29 -11.89 11.73
N PRO B 32 25.68 -12.13 13.00
CA PRO B 32 24.83 -12.91 13.90
C PRO B 32 23.49 -12.24 14.20
N ALA B 33 23.45 -10.92 14.11
CA ALA B 33 22.22 -10.18 14.34
C ALA B 33 21.29 -10.28 13.14
N ILE B 34 21.86 -10.17 11.95
CA ILE B 34 21.09 -10.28 10.73
C ILE B 34 20.52 -11.68 10.56
N ARG B 35 21.35 -12.69 10.75
CA ARG B 35 20.91 -14.08 10.60
C ARG B 35 19.82 -14.44 11.60
N ARG B 36 19.81 -13.77 12.76
CA ARG B 36 18.75 -13.97 13.74
C ARG B 36 17.41 -13.48 13.20
N LEU B 37 17.40 -12.25 12.69
CA LEU B 37 16.21 -11.69 12.06
C LEU B 37 15.70 -12.64 10.99
N ALA B 38 16.63 -13.19 10.21
CA ALA B 38 16.28 -14.14 9.15
C ALA B 38 15.64 -15.40 9.73
N ARG B 39 16.22 -15.89 10.82
CA ARG B 39 15.69 -17.08 11.49
C ARG B 39 14.23 -16.87 11.89
N ARG B 40 13.93 -15.69 12.42
CA ARG B 40 12.57 -15.34 12.80
C ARG B 40 11.70 -15.22 11.55
N GLY B 41 12.33 -14.93 10.43
CA GLY B 41 11.64 -14.83 9.16
C GLY B 41 11.42 -16.19 8.53
N GLY B 42 12.04 -17.22 9.13
CA GLY B 42 11.87 -18.58 8.67
C GLY B 42 12.99 -19.06 7.76
N VAL B 43 14.03 -18.25 7.64
CA VAL B 43 15.17 -18.59 6.78
C VAL B 43 16.04 -19.67 7.41
N LYS B 44 16.47 -20.63 6.60
CA LYS B 44 17.25 -21.77 7.08
C LYS B 44 18.71 -21.69 6.63
N ARG B 45 18.94 -21.20 5.42
CA ARG B 45 20.30 -21.08 4.89
C ARG B 45 20.50 -19.69 4.29
N ILE B 46 21.66 -19.09 4.56
CA ILE B 46 21.90 -17.70 4.19
C ILE B 46 23.22 -17.50 3.44
N SER B 47 23.13 -16.92 2.24
CA SER B 47 24.31 -16.58 1.46
C SER B 47 25.09 -15.44 2.12
N GLY B 48 26.41 -15.54 2.09
CA GLY B 48 27.26 -14.54 2.71
C GLY B 48 27.04 -13.13 2.18
N LEU B 49 26.57 -13.05 0.94
CA LEU B 49 26.36 -11.76 0.29
C LEU B 49 25.13 -11.05 0.85
N ILE B 50 24.28 -11.81 1.54
CA ILE B 50 23.03 -11.29 2.09
C ILE B 50 23.27 -10.19 3.12
N TYR B 51 24.33 -10.32 3.90
CA TYR B 51 24.57 -9.42 5.03
C TYR B 51 24.77 -7.96 4.62
N GLU B 52 25.63 -7.72 3.63
CA GLU B 52 25.82 -6.37 3.11
C GLU B 52 24.54 -5.86 2.45
N GLU B 53 23.86 -6.76 1.74
CA GLU B 53 22.61 -6.40 1.06
C GLU B 53 21.56 -5.93 2.06
N THR B 54 21.53 -6.59 3.22
CA THR B 54 20.57 -6.25 4.26
C THR B 54 20.89 -4.90 4.89
N ARG B 55 22.17 -4.67 5.16
CA ARG B 55 22.59 -3.39 5.74
C ARG B 55 22.17 -2.23 4.85
N GLY B 56 22.29 -2.41 3.53
CA GLY B 56 21.89 -1.39 2.58
C GLY B 56 20.39 -1.17 2.58
N VAL B 57 19.64 -2.25 2.62
CA VAL B 57 18.18 -2.18 2.67
C VAL B 57 17.74 -1.46 3.95
N LEU B 58 18.35 -1.81 5.06
CA LEU B 58 18.04 -1.20 6.34
C LEU B 58 18.33 0.29 6.35
N LYS B 59 19.48 0.67 5.80
CA LYS B 59 19.87 2.08 5.73
C LYS B 59 18.80 2.88 5.01
N VAL B 60 18.40 2.41 3.84
CA VAL B 60 17.35 3.06 3.06
C VAL B 60 16.09 3.21 3.89
N PHE B 61 15.63 2.12 4.49
CA PHE B 61 14.43 2.14 5.32
C PHE B 61 14.51 3.21 6.39
N LEU B 62 15.60 3.21 7.16
CA LEU B 62 15.80 4.18 8.22
C LEU B 62 15.86 5.60 7.68
N GLU B 63 16.57 5.79 6.57
CA GLU B 63 16.66 7.10 5.94
C GLU B 63 15.27 7.67 5.66
N ASN B 64 14.42 6.85 5.06
CA ASN B 64 13.07 7.28 4.70
C ASN B 64 12.24 7.68 5.92
N VAL B 65 12.22 6.83 6.92
CA VAL B 65 11.40 7.06 8.12
C VAL B 65 11.95 8.21 8.96
N ILE B 66 13.25 8.20 9.22
CA ILE B 66 13.88 9.25 10.01
C ILE B 66 13.72 10.62 9.34
N ARG B 67 13.78 10.65 8.02
CA ARG B 67 13.63 11.90 7.28
C ARG B 67 12.29 12.56 7.57
N ASP B 68 11.22 11.79 7.46
CA ASP B 68 9.88 12.30 7.75
C ASP B 68 9.74 12.62 9.23
N ALA B 69 10.33 11.79 10.07
CA ALA B 69 10.30 12.02 11.50
C ALA B 69 10.86 13.40 11.83
N VAL B 70 12.05 13.69 11.31
CA VAL B 70 12.71 14.96 11.55
C VAL B 70 11.90 16.13 10.97
N THR B 71 11.24 15.88 9.85
CA THR B 71 10.40 16.91 9.22
C THR B 71 9.28 17.33 10.17
N TYR B 72 8.70 16.35 10.86
CA TYR B 72 7.71 16.63 11.89
C TYR B 72 8.37 17.37 13.06
N THR B 73 9.58 16.94 13.40
CA THR B 73 10.32 17.53 14.51
C THR B 73 10.60 19.01 14.26
N GLU B 74 11.02 19.32 13.04
CA GLU B 74 11.34 20.71 12.68
C GLU B 74 10.09 21.58 12.61
N HIS B 75 8.97 20.98 12.20
CA HIS B 75 7.71 21.71 12.15
C HIS B 75 7.26 22.11 13.55
N ALA B 76 7.54 21.25 14.52
CA ALA B 76 7.17 21.52 15.90
C ALA B 76 8.18 22.47 16.55
N LYS B 77 9.20 22.86 15.78
CA LYS B 77 10.26 23.73 16.28
C LYS B 77 10.97 23.09 17.47
N ARG B 78 11.25 21.80 17.35
CA ARG B 78 11.94 21.07 18.42
C ARG B 78 13.33 20.62 17.97
N LYS B 79 14.21 20.38 18.94
CA LYS B 79 15.54 19.88 18.67
C LYS B 79 15.63 18.41 19.08
N THR B 80 14.52 17.90 19.61
CA THR B 80 14.45 16.51 20.06
C THR B 80 13.39 15.73 19.32
N VAL B 81 13.79 14.65 18.68
CA VAL B 81 12.85 13.75 18.01
C VAL B 81 12.05 12.97 19.03
N THR B 82 10.74 13.20 19.04
CA THR B 82 9.86 12.50 19.97
C THR B 82 9.34 11.20 19.37
N ALA B 83 8.74 10.36 20.20
CA ALA B 83 8.22 9.08 19.74
C ALA B 83 7.10 9.28 18.72
N MET B 84 6.30 10.33 18.93
CA MET B 84 5.21 10.64 18.02
C MET B 84 5.70 10.98 16.62
N ASP B 85 6.81 11.71 16.55
CA ASP B 85 7.42 12.06 15.27
C ASP B 85 7.71 10.80 14.46
N VAL B 86 8.20 9.77 15.14
CA VAL B 86 8.50 8.50 14.49
C VAL B 86 7.22 7.74 14.14
N VAL B 87 6.25 7.78 15.04
CA VAL B 87 4.99 7.09 14.82
C VAL B 87 4.21 7.69 13.65
N TYR B 88 4.07 9.02 13.65
CA TYR B 88 3.38 9.70 12.57
C TYR B 88 4.06 9.44 11.23
N ALA B 89 5.38 9.39 11.25
CA ALA B 89 6.15 9.11 10.04
C ALA B 89 5.85 7.72 9.51
N LEU B 90 5.87 6.73 10.40
CA LEU B 90 5.60 5.35 10.02
C LEU B 90 4.18 5.20 9.47
N LYS B 91 3.23 5.90 10.07
CA LYS B 91 1.86 5.86 9.60
C LYS B 91 1.76 6.46 8.21
N ARG B 92 2.48 7.55 7.99
CA ARG B 92 2.48 8.24 6.70
C ARG B 92 2.92 7.30 5.58
N GLN B 93 3.69 6.28 5.94
CA GLN B 93 4.27 5.35 4.96
C GLN B 93 3.57 4.00 4.94
N GLY B 94 2.41 3.92 5.59
CA GLY B 94 1.65 2.68 5.62
C GLY B 94 2.32 1.61 6.46
N ARG B 95 3.01 2.03 7.51
CA ARG B 95 3.64 1.11 8.44
C ARG B 95 3.27 1.48 9.87
N THR B 96 1.98 1.62 10.10
CA THR B 96 1.44 1.99 11.42
C THR B 96 2.07 1.15 12.53
N LEU B 97 2.36 1.80 13.65
CA LEU B 97 2.96 1.12 14.80
C LEU B 97 2.13 1.34 16.06
N TYR B 98 1.83 0.25 16.76
CA TYR B 98 1.10 0.30 18.02
C TYR B 98 2.04 0.13 19.19
N GLY B 99 1.83 0.92 20.26
CA GLY B 99 2.57 0.74 21.49
C GLY B 99 3.58 1.81 21.82
N PHE B 100 3.38 3.01 21.29
CA PHE B 100 4.26 4.15 21.58
C PHE B 100 3.47 5.44 21.57
N GLY B 101 2.17 5.33 21.35
CA GLY B 101 1.30 6.49 21.26
C GLY B 101 0.94 6.82 19.82
N ALA C 12 -11.78 50.77 -4.22
CA ALA C 12 -12.98 50.33 -4.93
C ALA C 12 -12.63 49.30 -6.01
N LYS C 13 -11.71 49.66 -6.90
CA LYS C 13 -11.30 48.77 -7.97
C LYS C 13 -10.73 47.47 -7.41
N ALA C 14 -11.40 46.35 -7.72
CA ALA C 14 -11.01 45.06 -7.19
C ALA C 14 -9.91 44.40 -8.02
N LYS C 15 -9.29 43.36 -7.45
CA LYS C 15 -8.21 42.65 -8.11
C LYS C 15 -8.02 41.29 -7.46
N THR C 16 -8.03 40.23 -8.29
CA THR C 16 -7.92 38.86 -7.79
C THR C 16 -6.67 38.68 -6.92
N ARG C 17 -6.77 37.81 -5.92
CA ARG C 17 -5.64 37.49 -5.07
C ARG C 17 -4.55 36.76 -5.85
N SER C 18 -4.95 36.07 -6.90
CA SER C 18 -4.02 35.35 -7.75
C SER C 18 -3.02 36.30 -8.39
N SER C 19 -3.52 37.43 -8.88
CA SER C 19 -2.67 38.42 -9.54
C SER C 19 -1.66 39.04 -8.59
N ARG C 20 -2.08 39.24 -7.34
CA ARG C 20 -1.19 39.79 -6.32
C ARG C 20 -0.04 38.84 -6.03
N ALA C 21 -0.28 37.55 -6.24
CA ALA C 21 0.74 36.53 -6.01
C ALA C 21 1.38 36.10 -7.32
N GLY C 22 0.91 36.67 -8.42
CA GLY C 22 1.43 36.34 -9.73
C GLY C 22 1.17 34.89 -10.10
N LEU C 23 -0.02 34.41 -9.78
CA LEU C 23 -0.40 33.02 -10.03
C LEU C 23 -1.49 32.89 -11.07
N GLN C 24 -1.54 31.73 -11.71
CA GLN C 24 -2.62 31.41 -12.64
C GLN C 24 -3.75 30.70 -11.91
N PHE C 25 -3.39 29.81 -11.00
CA PHE C 25 -4.38 29.07 -10.20
C PHE C 25 -5.12 29.99 -9.23
N PRO C 26 -6.40 29.67 -8.97
CA PRO C 26 -7.31 30.53 -8.20
C PRO C 26 -7.03 30.52 -6.71
N VAL C 27 -6.34 31.54 -6.21
CA VAL C 27 -6.08 31.66 -4.78
C VAL C 27 -7.39 31.70 -3.99
N GLY C 28 -8.35 32.46 -4.49
CA GLY C 28 -9.63 32.62 -3.82
C GLY C 28 -10.42 31.32 -3.73
N ARG C 29 -10.50 30.60 -4.84
CA ARG C 29 -11.20 29.32 -4.86
C ARG C 29 -10.55 28.31 -3.93
N VAL C 30 -9.22 28.25 -3.97
CA VAL C 30 -8.47 27.37 -3.09
C VAL C 30 -8.74 27.71 -1.62
N HIS C 31 -8.81 29.00 -1.32
CA HIS C 31 -9.10 29.45 0.04
C HIS C 31 -10.46 28.97 0.49
N ARG C 32 -11.44 29.04 -0.40
CA ARG C 32 -12.80 28.60 -0.09
C ARG C 32 -12.83 27.08 0.11
N LEU C 33 -12.23 26.37 -0.83
CA LEU C 33 -12.16 24.91 -0.75
C LEU C 33 -11.54 24.45 0.56
N LEU C 34 -10.55 25.21 1.04
CA LEU C 34 -9.90 24.88 2.30
C LEU C 34 -10.83 25.10 3.48
N ARG C 35 -11.51 26.24 3.51
CA ARG C 35 -12.44 26.56 4.59
C ARG C 35 -13.59 25.56 4.67
N LYS C 36 -14.17 25.24 3.52
CA LYS C 36 -15.33 24.36 3.47
C LYS C 36 -14.96 22.90 3.20
N GLY C 37 -13.72 22.54 3.50
CA GLY C 37 -13.24 21.21 3.21
C GLY C 37 -13.01 20.35 4.44
N ASN C 38 -13.35 20.87 5.61
CA ASN C 38 -13.17 20.14 6.86
C ASN C 38 -11.70 19.80 7.12
N TYR C 39 -10.86 20.83 7.20
CA TYR C 39 -9.44 20.61 7.44
C TYR C 39 -9.00 21.27 8.75
N ALA C 40 -9.59 22.42 9.07
CA ALA C 40 -9.28 23.12 10.30
C ALA C 40 -10.35 24.15 10.63
N GLU C 41 -10.42 24.54 11.90
CA GLU C 41 -11.37 25.55 12.33
C GLU C 41 -11.14 26.83 11.54
N ARG C 42 -9.87 27.16 11.31
CA ARG C 42 -9.52 28.40 10.61
C ARG C 42 -8.42 28.17 9.57
N VAL C 43 -8.38 29.04 8.57
CA VAL C 43 -7.38 28.94 7.51
C VAL C 43 -6.59 30.24 7.37
N GLY C 44 -5.27 30.13 7.43
CA GLY C 44 -4.38 31.28 7.34
C GLY C 44 -4.47 31.98 5.99
N ALA C 45 -4.05 33.25 5.97
CA ALA C 45 -4.12 34.06 4.76
C ALA C 45 -3.15 33.59 3.69
N GLY C 46 -2.01 33.05 4.11
CA GLY C 46 -0.98 32.63 3.19
C GLY C 46 -1.15 31.21 2.70
N ALA C 47 -1.96 30.43 3.41
CA ALA C 47 -2.20 29.03 3.05
C ALA C 47 -2.66 28.84 1.61
N PRO C 48 -3.74 29.55 1.21
CA PRO C 48 -4.26 29.38 -0.15
C PRO C 48 -3.25 29.79 -1.21
N VAL C 49 -2.53 30.88 -0.95
CA VAL C 49 -1.50 31.36 -1.88
C VAL C 49 -0.41 30.31 -2.07
N TYR C 50 0.08 29.76 -0.95
CA TYR C 50 1.13 28.76 -0.99
C TYR C 50 0.67 27.49 -1.72
N LEU C 51 -0.55 27.06 -1.41
CA LEU C 51 -1.10 25.85 -2.00
C LEU C 51 -1.34 25.99 -3.50
N ALA C 52 -1.96 27.09 -3.90
CA ALA C 52 -2.24 27.35 -5.30
C ALA C 52 -0.93 27.41 -6.10
N ALA C 53 0.09 28.00 -5.49
CA ALA C 53 1.41 28.09 -6.12
C ALA C 53 1.99 26.71 -6.36
N VAL C 54 1.85 25.83 -5.36
CA VAL C 54 2.37 24.46 -5.46
C VAL C 54 1.60 23.66 -6.51
N LEU C 55 0.29 23.82 -6.53
CA LEU C 55 -0.54 23.15 -7.52
C LEU C 55 -0.18 23.61 -8.92
N GLU C 56 0.01 24.92 -9.08
CA GLU C 56 0.38 25.49 -10.36
C GLU C 56 1.73 24.96 -10.82
N TYR C 57 2.68 24.85 -9.89
CA TYR C 57 4.01 24.34 -10.21
C TYR C 57 3.97 22.91 -10.71
N LEU C 58 3.28 22.04 -9.96
CA LEU C 58 3.17 20.63 -10.34
C LEU C 58 2.47 20.47 -11.69
N THR C 59 1.44 21.27 -11.92
CA THR C 59 0.72 21.25 -13.19
C THR C 59 1.65 21.63 -14.34
N ALA C 60 2.49 22.64 -14.13
CA ALA C 60 3.43 23.07 -15.15
C ALA C 60 4.48 22.01 -15.42
N GLU C 61 4.99 21.39 -14.36
CA GLU C 61 6.02 20.37 -14.47
C GLU C 61 5.56 19.21 -15.34
N ILE C 62 4.33 18.78 -15.14
CA ILE C 62 3.79 17.64 -15.88
C ILE C 62 3.36 18.04 -17.29
N LEU C 63 2.76 19.22 -17.42
CA LEU C 63 2.32 19.70 -18.72
C LEU C 63 3.48 19.95 -19.68
N GLU C 64 4.63 20.31 -19.13
CA GLU C 64 5.81 20.53 -19.96
C GLU C 64 6.32 19.21 -20.52
N LEU C 65 6.51 18.22 -19.64
CA LEU C 65 6.95 16.90 -20.08
C LEU C 65 5.94 16.27 -21.03
N ALA C 66 4.66 16.45 -20.74
CA ALA C 66 3.59 15.95 -21.59
C ALA C 66 3.64 16.60 -22.97
N GLY C 67 3.75 17.93 -22.98
CA GLY C 67 3.84 18.68 -24.21
C GLY C 67 4.96 18.16 -25.09
N ASN C 68 6.12 17.96 -24.48
CA ASN C 68 7.27 17.39 -25.18
C ASN C 68 6.94 16.03 -25.79
N ALA C 69 6.18 15.23 -25.05
CA ALA C 69 5.80 13.89 -25.48
C ALA C 69 4.93 13.94 -26.74
N ALA C 70 3.97 14.86 -26.77
CA ALA C 70 3.12 15.04 -27.94
C ALA C 70 3.95 15.49 -29.13
N ARG C 71 4.88 16.40 -28.88
CA ARG C 71 5.77 16.91 -29.92
C ARG C 71 6.62 15.79 -30.50
N ASP C 72 7.08 14.89 -29.64
CA ASP C 72 7.94 13.79 -30.06
C ASP C 72 7.20 12.78 -30.92
N ASN C 73 5.88 12.76 -30.79
CA ASN C 73 5.05 11.86 -31.60
C ASN C 73 4.32 12.59 -32.72
N LYS C 74 4.74 13.82 -33.00
CA LYS C 74 4.22 14.60 -34.10
C LYS C 74 2.76 15.02 -33.91
N LYS C 75 2.38 15.26 -32.67
CA LYS C 75 1.03 15.73 -32.34
C LYS C 75 1.12 17.09 -31.66
N THR C 76 0.08 17.90 -31.80
CA THR C 76 0.04 19.21 -31.16
C THR C 76 -0.92 19.23 -29.98
N ARG C 77 -1.77 18.22 -29.89
CA ARG C 77 -2.69 18.10 -28.75
C ARG C 77 -2.29 16.99 -27.80
N ILE C 78 -2.22 17.32 -26.52
CA ILE C 78 -1.86 16.36 -25.50
C ILE C 78 -2.98 15.37 -25.24
N ILE C 79 -2.62 14.10 -25.13
CA ILE C 79 -3.58 13.05 -24.81
C ILE C 79 -3.07 12.21 -23.64
N PRO C 80 -3.96 11.45 -22.99
CA PRO C 80 -3.60 10.62 -21.84
C PRO C 80 -2.26 9.91 -22.02
N ARG C 81 -2.01 9.36 -23.21
CA ARG C 81 -0.75 8.67 -23.47
C ARG C 81 0.45 9.56 -23.18
N HIS C 82 0.38 10.82 -23.63
CA HIS C 82 1.48 11.76 -23.43
C HIS C 82 1.65 12.07 -21.94
N LEU C 83 0.55 12.10 -21.21
CA LEU C 83 0.60 12.28 -19.76
C LEU C 83 1.30 11.09 -19.12
N GLN C 84 0.88 9.89 -19.51
CA GLN C 84 1.47 8.66 -18.98
C GLN C 84 2.97 8.59 -19.26
N LEU C 85 3.36 8.94 -20.48
CA LEU C 85 4.77 8.94 -20.85
C LEU C 85 5.55 9.96 -20.03
N ALA C 86 5.00 11.16 -19.92
CA ALA C 86 5.62 12.21 -19.13
C ALA C 86 5.88 11.78 -17.68
N VAL C 87 4.87 11.15 -17.07
CA VAL C 87 4.97 10.74 -15.67
C VAL C 87 5.89 9.53 -15.45
N ARG C 88 5.64 8.45 -16.18
CA ARG C 88 6.37 7.21 -15.95
C ARG C 88 7.85 7.29 -16.32
N ASN C 89 8.22 8.34 -17.05
CA ASN C 89 9.62 8.54 -17.42
C ASN C 89 10.35 9.46 -16.44
N ASP C 90 9.58 10.19 -15.64
CA ASP C 90 10.15 11.07 -14.63
C ASP C 90 10.16 10.38 -13.27
N GLU C 91 11.33 9.91 -12.87
CA GLU C 91 11.50 9.16 -11.61
C GLU C 91 10.66 9.73 -10.47
N GLU C 92 10.75 11.03 -10.26
CA GLU C 92 10.06 11.68 -9.15
C GLU C 92 8.54 11.73 -9.34
N LEU C 93 8.10 12.15 -10.53
CA LEU C 93 6.67 12.20 -10.83
C LEU C 93 6.06 10.80 -10.74
N ASN C 94 6.82 9.80 -11.18
CA ASN C 94 6.39 8.42 -11.08
C ASN C 94 6.09 8.04 -9.64
N LYS C 95 7.02 8.39 -8.75
CA LYS C 95 6.86 8.11 -7.33
C LYS C 95 5.62 8.79 -6.77
N LEU C 96 5.47 10.08 -7.06
CA LEU C 96 4.32 10.85 -6.60
C LEU C 96 3.01 10.20 -7.06
N LEU C 97 3.03 9.61 -8.24
CA LEU C 97 1.84 8.95 -8.79
C LEU C 97 2.06 7.46 -8.93
N GLY C 98 2.71 6.87 -7.94
CA GLY C 98 3.01 5.45 -7.97
C GLY C 98 1.79 4.57 -7.77
N ARG C 99 0.75 5.13 -7.16
CA ARG C 99 -0.49 4.39 -6.94
C ARG C 99 -1.67 5.00 -7.70
N VAL C 100 -1.36 5.70 -8.78
CA VAL C 100 -2.41 6.27 -9.63
C VAL C 100 -2.42 5.59 -11.00
N THR C 101 -3.62 5.39 -11.55
CA THR C 101 -3.77 4.78 -12.86
C THR C 101 -4.37 5.78 -13.84
N ILE C 102 -3.63 6.05 -14.91
CA ILE C 102 -4.07 7.01 -15.92
C ILE C 102 -4.84 6.31 -17.04
N ALA C 103 -6.11 6.67 -17.19
CA ALA C 103 -6.97 6.04 -18.18
C ALA C 103 -6.46 6.25 -19.60
N GLN C 104 -6.45 5.17 -20.38
CA GLN C 104 -5.98 5.22 -21.76
C GLN C 104 -4.54 5.73 -21.86
N GLY C 105 -3.73 5.38 -20.86
CA GLY C 105 -2.36 5.84 -20.80
C GLY C 105 -1.35 4.82 -21.30
N GLY C 106 -1.73 3.55 -21.29
CA GLY C 106 -0.84 2.48 -21.72
C GLY C 106 0.33 2.31 -20.77
N VAL C 107 1.40 1.69 -21.27
CA VAL C 107 2.59 1.47 -20.47
C VAL C 107 3.86 1.85 -21.23
N LEU C 108 4.97 1.97 -20.50
CA LEU C 108 6.25 2.22 -21.13
C LEU C 108 6.76 0.95 -21.80
N PRO C 109 7.30 1.08 -23.02
CA PRO C 109 7.92 -0.06 -23.70
C PRO C 109 9.09 -0.62 -22.88
N ASN C 110 8.92 -1.82 -22.33
CA ASN C 110 9.98 -2.46 -21.58
C ASN C 110 9.98 -3.97 -21.73
N ILE C 111 10.93 -4.47 -22.51
CA ILE C 111 11.11 -5.91 -22.70
C ILE C 111 12.33 -6.39 -21.93
N GLN C 112 12.12 -7.38 -21.06
CA GLN C 112 13.22 -7.93 -20.27
C GLN C 112 14.34 -8.43 -21.18
N SER C 113 15.57 -8.07 -20.83
CA SER C 113 16.74 -8.39 -21.65
C SER C 113 16.81 -9.86 -22.06
N VAL C 114 16.57 -10.75 -21.12
CA VAL C 114 16.68 -12.19 -21.37
C VAL C 114 15.67 -12.67 -22.41
N LEU C 115 14.57 -11.92 -22.56
CA LEU C 115 13.52 -12.30 -23.48
C LEU C 115 13.91 -12.04 -24.93
N LEU C 116 14.90 -11.17 -25.13
CA LEU C 116 15.39 -10.86 -26.46
C LEU C 116 16.22 -12.03 -27.00
N PRO C 117 16.28 -12.15 -28.34
CA PRO C 117 17.03 -13.25 -28.97
C PRO C 117 18.48 -12.87 -29.25
N LYS C 118 19.30 -13.87 -29.51
CA LYS C 118 20.73 -13.64 -29.80
C LYS C 118 21.37 -14.89 -30.39
N THR D 29 -27.12 23.45 -13.67
CA THR D 29 -26.27 23.40 -12.48
C THR D 29 -24.79 23.44 -12.86
N ARG D 30 -24.16 24.59 -12.64
CA ARG D 30 -22.77 24.78 -13.01
C ARG D 30 -21.80 24.01 -12.11
N LYS D 31 -20.96 23.18 -12.73
CA LYS D 31 -19.94 22.44 -12.00
C LYS D 31 -18.55 22.97 -12.35
N GLU D 32 -17.79 23.32 -11.32
CA GLU D 32 -16.50 23.96 -11.51
C GLU D 32 -15.36 22.94 -11.61
N SER D 33 -14.25 23.36 -12.21
CA SER D 33 -13.05 22.55 -12.30
C SER D 33 -11.85 23.45 -12.58
N TYR D 34 -10.65 22.88 -12.45
CA TYR D 34 -9.42 23.64 -12.70
C TYR D 34 -9.13 23.71 -14.20
N ALA D 35 -10.12 23.38 -15.01
CA ALA D 35 -9.96 23.34 -16.46
C ALA D 35 -9.29 24.59 -17.04
N ILE D 36 -9.88 25.75 -16.77
CA ILE D 36 -9.39 26.99 -17.35
C ILE D 36 -8.00 27.37 -16.85
N TYR D 37 -7.71 27.01 -15.59
CA TYR D 37 -6.42 27.33 -15.00
C TYR D 37 -5.33 26.43 -15.59
N VAL D 38 -5.67 25.16 -15.80
CA VAL D 38 -4.74 24.23 -16.41
C VAL D 38 -4.39 24.67 -17.82
N TYR D 39 -5.36 25.26 -18.51
CA TYR D 39 -5.15 25.73 -19.86
C TYR D 39 -4.25 26.95 -19.89
N LYS D 40 -4.46 27.86 -18.94
CA LYS D 40 -3.62 29.06 -18.84
C LYS D 40 -2.17 28.68 -18.58
N VAL D 41 -1.96 27.65 -17.76
CA VAL D 41 -0.63 27.16 -17.48
C VAL D 41 -0.04 26.49 -18.72
N LEU D 42 -0.88 25.74 -19.43
CA LEU D 42 -0.46 25.06 -20.64
C LEU D 42 0.04 26.06 -21.69
N LYS D 43 -0.64 27.20 -21.78
CA LYS D 43 -0.31 28.21 -22.79
C LYS D 43 0.98 28.95 -22.47
N GLN D 44 1.41 28.90 -21.21
CA GLN D 44 2.67 29.51 -20.81
C GLN D 44 3.84 28.58 -21.10
N VAL D 45 3.58 27.27 -21.03
CA VAL D 45 4.62 26.27 -21.20
C VAL D 45 4.71 25.77 -22.64
N HIS D 46 3.58 25.80 -23.33
CA HIS D 46 3.52 25.40 -24.74
C HIS D 46 2.38 26.12 -25.44
N PRO D 47 2.65 27.36 -25.88
CA PRO D 47 1.64 28.24 -26.49
C PRO D 47 0.98 27.63 -27.71
N ASP D 48 1.71 26.78 -28.43
CA ASP D 48 1.20 26.18 -29.66
C ASP D 48 0.72 24.75 -29.44
N THR D 49 0.44 24.39 -28.19
CA THR D 49 0.02 23.04 -27.85
C THR D 49 -1.34 23.04 -27.18
N GLY D 50 -2.21 22.12 -27.60
CA GLY D 50 -3.52 21.97 -27.02
C GLY D 50 -3.66 20.71 -26.19
N ILE D 51 -4.87 20.41 -25.74
CA ILE D 51 -5.11 19.25 -24.90
C ILE D 51 -6.51 18.67 -25.08
N SER D 52 -6.60 17.35 -25.20
CA SER D 52 -7.88 16.67 -25.37
C SER D 52 -8.69 16.65 -24.07
N SER D 53 -10.01 16.57 -24.20
CA SER D 53 -10.90 16.62 -23.04
C SER D 53 -10.60 15.54 -22.02
N LYS D 54 -10.30 14.34 -22.49
CA LYS D 54 -9.96 13.23 -21.60
C LYS D 54 -8.67 13.54 -20.84
N ALA D 55 -7.71 14.16 -21.53
CA ALA D 55 -6.44 14.53 -20.92
C ALA D 55 -6.64 15.64 -19.90
N MET D 56 -7.53 16.57 -20.22
CA MET D 56 -7.86 17.66 -19.31
C MET D 56 -8.54 17.13 -18.06
N SER D 57 -9.40 16.14 -18.23
CA SER D 57 -10.05 15.49 -17.08
C SER D 57 -8.99 14.88 -16.16
N ILE D 58 -8.10 14.09 -16.74
CA ILE D 58 -6.99 13.51 -16.00
C ILE D 58 -6.21 14.58 -15.24
N MET D 59 -5.96 15.71 -15.90
CA MET D 59 -5.27 16.82 -15.27
C MET D 59 -6.07 17.41 -14.12
N ASN D 60 -7.39 17.48 -14.29
CA ASN D 60 -8.26 18.00 -13.25
C ASN D 60 -8.29 17.06 -12.04
N SER D 61 -8.33 15.77 -12.32
CA SER D 61 -8.32 14.76 -11.26
C SER D 61 -7.01 14.82 -10.47
N PHE D 62 -5.92 15.07 -11.18
CA PHE D 62 -4.60 15.16 -10.56
C PHE D 62 -4.52 16.33 -9.57
N VAL D 63 -5.03 17.48 -9.99
CA VAL D 63 -5.00 18.66 -9.13
C VAL D 63 -5.83 18.45 -7.87
N ASN D 64 -7.02 17.89 -8.04
CA ASN D 64 -7.89 17.59 -6.91
C ASN D 64 -7.25 16.60 -5.95
N ASP D 65 -6.54 15.62 -6.51
CA ASP D 65 -5.85 14.63 -5.68
C ASP D 65 -4.77 15.31 -4.85
N VAL D 66 -3.79 15.92 -5.53
CA VAL D 66 -2.70 16.60 -4.85
C VAL D 66 -3.22 17.59 -3.82
N PHE D 67 -4.28 18.31 -4.17
CA PHE D 67 -4.91 19.25 -3.24
C PHE D 67 -5.29 18.53 -1.94
N GLU D 68 -6.05 17.45 -2.08
CA GLU D 68 -6.53 16.71 -0.91
C GLU D 68 -5.40 16.12 -0.07
N ARG D 69 -4.37 15.62 -0.73
CA ARG D 69 -3.21 15.08 -0.01
C ARG D 69 -2.57 16.16 0.85
N ILE D 70 -2.27 17.29 0.23
CA ILE D 70 -1.60 18.40 0.91
C ILE D 70 -2.45 18.99 2.02
N ALA D 71 -3.72 19.23 1.74
CA ALA D 71 -4.63 19.80 2.73
C ALA D 71 -4.85 18.82 3.88
N GLY D 72 -4.98 17.54 3.54
CA GLY D 72 -5.17 16.51 4.56
C GLY D 72 -4.00 16.44 5.51
N GLU D 73 -2.78 16.44 4.96
CA GLU D 73 -1.58 16.38 5.77
C GLU D 73 -1.44 17.64 6.61
N ALA D 74 -1.67 18.79 6.00
CA ALA D 74 -1.63 20.06 6.73
C ALA D 74 -2.65 20.05 7.85
N SER D 75 -3.80 19.44 7.58
CA SER D 75 -4.86 19.30 8.57
C SER D 75 -4.35 18.51 9.77
N ARG D 76 -3.72 17.38 9.50
CA ARG D 76 -3.15 16.53 10.55
C ARG D 76 -2.03 17.24 11.32
N LEU D 77 -1.21 18.00 10.60
CA LEU D 77 -0.12 18.72 11.24
C LEU D 77 -0.65 19.73 12.27
N ALA D 78 -1.66 20.49 11.89
CA ALA D 78 -2.27 21.45 12.79
C ALA D 78 -2.87 20.72 13.99
N HIS D 79 -3.39 19.53 13.75
CA HIS D 79 -3.98 18.73 14.82
C HIS D 79 -2.91 18.18 15.76
N TYR D 80 -1.88 17.56 15.19
CA TYR D 80 -0.80 16.98 15.97
C TYR D 80 -0.16 18.00 16.91
N ASN D 81 -0.16 19.26 16.49
CA ASN D 81 0.44 20.33 17.27
C ASN D 81 -0.59 21.18 17.99
N LYS D 82 -1.79 20.62 18.16
CA LYS D 82 -2.85 21.26 18.92
C LYS D 82 -3.08 22.71 18.50
N ARG D 83 -3.11 22.93 17.18
CA ARG D 83 -3.44 24.23 16.61
C ARG D 83 -4.66 24.11 15.72
N SER D 84 -5.47 25.17 15.68
CA SER D 84 -6.71 25.13 14.93
C SER D 84 -6.66 26.00 13.67
N THR D 85 -5.46 26.26 13.18
CA THR D 85 -5.29 27.06 11.97
C THR D 85 -4.33 26.41 10.98
N ILE D 86 -4.79 26.26 9.74
CA ILE D 86 -3.91 25.78 8.67
C ILE D 86 -3.24 26.96 8.00
N THR D 87 -1.96 27.15 8.29
CA THR D 87 -1.21 28.27 7.75
C THR D 87 -0.27 27.80 6.64
N SER D 88 0.44 28.75 6.04
CA SER D 88 1.40 28.43 4.99
C SER D 88 2.48 27.48 5.50
N ARG D 89 2.66 27.45 6.81
CA ARG D 89 3.68 26.61 7.42
C ARG D 89 3.28 25.14 7.35
N GLU D 90 2.01 24.85 7.67
CA GLU D 90 1.49 23.50 7.57
C GLU D 90 1.54 23.02 6.12
N ILE D 91 1.21 23.92 5.19
CA ILE D 91 1.26 23.61 3.78
C ILE D 91 2.67 23.22 3.35
N GLN D 92 3.66 24.00 3.78
CA GLN D 92 5.05 23.75 3.43
C GLN D 92 5.53 22.40 3.95
N THR D 93 5.30 22.13 5.22
CA THR D 93 5.69 20.86 5.82
C THR D 93 4.99 19.71 5.12
N ALA D 94 3.71 19.89 4.81
CA ALA D 94 2.95 18.87 4.09
C ALA D 94 3.61 18.56 2.76
N VAL D 95 3.99 19.60 2.02
CA VAL D 95 4.67 19.45 0.75
C VAL D 95 5.97 18.68 0.91
N ARG D 96 6.75 19.03 1.93
CA ARG D 96 8.01 18.37 2.19
C ARG D 96 7.83 16.87 2.42
N LEU D 97 6.71 16.51 3.03
CA LEU D 97 6.39 15.10 3.32
C LEU D 97 5.87 14.36 2.09
N LEU D 98 5.05 15.05 1.29
CA LEU D 98 4.34 14.40 0.19
C LEU D 98 5.13 14.34 -1.11
N LEU D 99 5.87 15.39 -1.43
CA LEU D 99 6.58 15.47 -2.70
C LEU D 99 8.01 14.94 -2.60
N PRO D 100 8.41 14.12 -3.58
CA PRO D 100 9.73 13.47 -3.64
C PRO D 100 10.86 14.41 -4.06
N GLY D 101 11.96 14.35 -3.33
CA GLY D 101 13.18 15.07 -3.68
C GLY D 101 13.02 16.46 -4.26
N GLU D 102 13.57 16.66 -5.45
CA GLU D 102 13.61 17.97 -6.08
C GLU D 102 12.23 18.60 -6.30
N LEU D 103 11.21 17.77 -6.47
CA LEU D 103 9.86 18.26 -6.63
C LEU D 103 9.45 19.10 -5.42
N ALA D 104 9.81 18.63 -4.24
CA ALA D 104 9.49 19.34 -3.01
C ALA D 104 10.29 20.62 -2.89
N LYS D 105 11.57 20.54 -3.21
CA LYS D 105 12.46 21.69 -3.12
C LYS D 105 11.96 22.85 -3.99
N HIS D 106 11.54 22.54 -5.21
CA HIS D 106 11.05 23.56 -6.14
C HIS D 106 9.63 24.00 -5.79
N ALA D 107 8.83 23.08 -5.26
CA ALA D 107 7.47 23.41 -4.84
C ALA D 107 7.53 24.41 -3.68
N VAL D 108 8.40 24.14 -2.72
CA VAL D 108 8.59 25.02 -1.57
C VAL D 108 9.12 26.38 -2.04
N SER D 109 9.98 26.35 -3.05
CA SER D 109 10.50 27.58 -3.64
C SER D 109 9.35 28.42 -4.18
N GLU D 110 8.48 27.79 -4.96
CA GLU D 110 7.36 28.48 -5.59
C GLU D 110 6.37 29.02 -4.56
N GLY D 111 6.05 28.20 -3.56
CA GLY D 111 5.15 28.60 -2.51
C GLY D 111 5.67 29.82 -1.77
N THR D 112 6.98 29.84 -1.54
CA THR D 112 7.62 30.96 -0.85
C THR D 112 7.51 32.25 -1.66
N LYS D 113 7.90 32.18 -2.93
CA LYS D 113 7.80 33.33 -3.82
C LYS D 113 6.41 33.93 -3.78
N ALA D 114 5.41 33.11 -4.09
CA ALA D 114 4.02 33.56 -4.13
C ALA D 114 3.62 34.30 -2.86
N VAL D 115 3.82 33.67 -1.70
CA VAL D 115 3.48 34.29 -0.43
C VAL D 115 4.20 35.61 -0.23
N THR D 116 5.49 35.62 -0.55
CA THR D 116 6.30 36.84 -0.46
C THR D 116 5.71 37.93 -1.35
N LYS D 117 5.65 37.67 -2.64
CA LYS D 117 5.11 38.61 -3.61
C LYS D 117 3.72 39.10 -3.21
N TYR D 118 2.92 38.19 -2.66
CA TYR D 118 1.55 38.50 -2.29
C TYR D 118 1.46 39.50 -1.14
N THR D 119 2.29 39.30 -0.12
CA THR D 119 2.26 40.14 1.08
C THR D 119 2.81 41.54 0.82
N SER D 120 3.37 41.76 -0.36
CA SER D 120 3.90 43.07 -0.72
C SER D 120 2.96 43.80 -1.67
N ALA D 121 1.87 43.13 -2.05
CA ALA D 121 0.88 43.72 -2.95
C ALA D 121 -0.42 44.05 -2.20
N ARG E 40 7.63 -19.04 -42.32
CA ARG E 40 7.26 -19.18 -40.92
C ARG E 40 8.28 -18.55 -39.97
N TYR E 41 7.80 -17.71 -39.07
CA TYR E 41 8.67 -17.09 -38.07
C TYR E 41 8.96 -18.06 -36.94
N ARG E 42 10.18 -18.00 -36.41
CA ARG E 42 10.58 -18.85 -35.29
C ARG E 42 9.75 -18.56 -34.05
N PRO E 43 9.48 -19.61 -33.25
CA PRO E 43 8.74 -19.47 -32.00
C PRO E 43 9.33 -18.38 -31.11
N GLY E 44 8.51 -17.39 -30.75
CA GLY E 44 8.96 -16.31 -29.90
C GLY E 44 9.08 -15.01 -30.66
N THR E 45 9.40 -15.10 -31.95
CA THR E 45 9.60 -13.92 -32.79
C THR E 45 8.32 -13.09 -32.90
N VAL E 46 7.21 -13.76 -33.19
CA VAL E 46 5.93 -13.07 -33.30
C VAL E 46 5.46 -12.58 -31.93
N ALA E 47 5.80 -13.34 -30.90
CA ALA E 47 5.46 -12.96 -29.53
C ALA E 47 6.04 -11.59 -29.17
N LEU E 48 7.34 -11.42 -29.43
CA LEU E 48 8.01 -10.16 -29.19
C LEU E 48 7.35 -9.04 -29.98
N ARG E 49 6.91 -9.35 -31.20
CA ARG E 49 6.24 -8.38 -32.04
C ARG E 49 4.93 -7.93 -31.40
N GLU E 50 4.22 -8.88 -30.79
CA GLU E 50 2.99 -8.57 -30.08
C GLU E 50 3.30 -7.70 -28.87
N ILE E 51 4.32 -8.08 -28.11
CA ILE E 51 4.75 -7.31 -26.96
C ILE E 51 4.94 -5.85 -27.33
N ARG E 52 5.72 -5.61 -28.38
CA ARG E 52 5.99 -4.25 -28.82
C ARG E 52 4.73 -3.53 -29.27
N ARG E 53 3.88 -4.24 -30.01
CA ARG E 53 2.65 -3.63 -30.53
C ARG E 53 1.77 -3.08 -29.42
N TYR E 54 1.56 -3.88 -28.38
CA TYR E 54 0.63 -3.51 -27.32
C TYR E 54 1.23 -2.59 -26.26
N GLN E 55 2.55 -2.61 -26.13
CA GLN E 55 3.22 -1.65 -25.24
C GLN E 55 3.26 -0.28 -25.90
N LYS E 56 2.96 -0.25 -27.19
CA LYS E 56 2.99 0.99 -27.96
C LYS E 56 1.60 1.65 -27.99
N SER E 57 0.56 0.83 -27.82
CA SER E 57 -0.81 1.33 -27.89
C SER E 57 -1.44 1.47 -26.50
N THR E 58 -2.70 1.89 -26.47
CA THR E 58 -3.38 2.12 -25.19
C THR E 58 -4.82 1.59 -25.19
N GLU E 59 -5.27 1.03 -26.30
CA GLU E 59 -6.63 0.52 -26.39
C GLU E 59 -6.84 -0.62 -25.41
N LEU E 60 -8.10 -0.83 -25.02
CA LEU E 60 -8.43 -1.92 -24.11
C LEU E 60 -8.30 -3.27 -24.82
N LEU E 61 -7.80 -4.26 -24.11
CA LEU E 61 -7.47 -5.54 -24.71
C LEU E 61 -8.50 -6.63 -24.46
N ILE E 62 -9.46 -6.34 -23.59
CA ILE E 62 -10.55 -7.28 -23.32
C ILE E 62 -11.80 -6.85 -24.08
N ARG E 63 -12.54 -7.81 -24.61
CA ARG E 63 -13.78 -7.50 -25.32
C ARG E 63 -14.74 -6.77 -24.40
N LYS E 64 -15.25 -5.64 -24.84
CA LYS E 64 -16.05 -4.76 -24.00
C LYS E 64 -17.35 -5.40 -23.50
N LEU E 65 -18.15 -5.95 -24.41
CA LEU E 65 -19.44 -6.52 -24.04
C LEU E 65 -19.33 -7.70 -23.08
N PRO E 66 -18.50 -8.71 -23.42
CA PRO E 66 -18.31 -9.83 -22.50
C PRO E 66 -17.91 -9.36 -21.11
N PHE E 67 -17.05 -8.35 -21.05
CA PHE E 67 -16.61 -7.80 -19.77
C PHE E 67 -17.77 -7.18 -19.01
N GLN E 68 -18.62 -6.45 -19.73
CA GLN E 68 -19.77 -5.78 -19.12
C GLN E 68 -20.69 -6.78 -18.43
N ARG E 69 -20.91 -7.92 -19.07
CA ARG E 69 -21.73 -8.98 -18.49
C ARG E 69 -21.08 -9.56 -17.24
N LEU E 70 -19.76 -9.73 -17.29
CA LEU E 70 -19.01 -10.22 -16.15
C LEU E 70 -19.22 -9.30 -14.96
N VAL E 71 -19.21 -7.99 -15.22
CA VAL E 71 -19.44 -7.00 -14.18
C VAL E 71 -20.83 -7.15 -13.57
N ARG E 72 -21.84 -7.20 -14.42
CA ARG E 72 -23.22 -7.29 -13.96
C ARG E 72 -23.48 -8.59 -13.21
N GLU E 73 -22.86 -9.66 -13.69
CA GLU E 73 -22.99 -10.97 -13.06
C GLU E 73 -22.41 -10.97 -11.64
N ILE E 74 -21.22 -10.42 -11.50
CA ILE E 74 -20.58 -10.31 -10.19
C ILE E 74 -21.38 -9.40 -9.26
N ALA E 75 -22.01 -8.38 -9.84
CA ALA E 75 -22.76 -7.40 -9.07
C ALA E 75 -24.06 -7.98 -8.51
N GLN E 76 -24.62 -8.96 -9.22
CA GLN E 76 -25.85 -9.61 -8.79
C GLN E 76 -25.82 -9.97 -7.32
N ASP E 77 -24.66 -10.46 -6.86
CA ASP E 77 -24.54 -10.99 -5.51
C ASP E 77 -24.48 -9.92 -4.42
N PHE E 78 -24.78 -8.68 -4.79
CA PHE E 78 -24.78 -7.58 -3.81
C PHE E 78 -26.11 -6.85 -3.82
N LYS E 79 -26.63 -6.58 -5.01
CA LYS E 79 -27.92 -5.93 -5.16
C LYS E 79 -28.55 -6.37 -6.48
N THR E 80 -29.81 -6.80 -6.41
CA THR E 80 -30.50 -7.29 -7.59
C THR E 80 -31.01 -6.15 -8.47
N ASP E 81 -31.09 -6.40 -9.77
CA ASP E 81 -31.58 -5.41 -10.72
C ASP E 81 -30.81 -4.09 -10.63
N LEU E 82 -29.50 -4.20 -10.50
CA LEU E 82 -28.63 -3.03 -10.49
C LEU E 82 -28.47 -2.43 -11.88
N ARG E 83 -28.45 -1.11 -11.94
CA ARG E 83 -28.17 -0.43 -13.20
C ARG E 83 -26.79 0.20 -13.15
N PHE E 84 -26.15 0.32 -14.32
CA PHE E 84 -24.80 0.87 -14.40
C PHE E 84 -24.74 2.02 -15.39
N GLN E 85 -23.94 3.03 -15.06
CA GLN E 85 -23.57 4.03 -16.05
C GLN E 85 -22.49 3.40 -16.93
N SER E 86 -22.54 3.66 -18.24
CA SER E 86 -21.55 3.11 -19.15
C SER E 86 -20.14 3.44 -18.67
N SER E 87 -19.94 4.70 -18.28
CA SER E 87 -18.64 5.16 -17.82
C SER E 87 -18.17 4.41 -16.58
N ALA E 88 -19.13 3.89 -15.81
CA ALA E 88 -18.80 3.09 -14.64
C ALA E 88 -18.18 1.76 -15.06
N VAL E 89 -18.85 1.07 -15.98
CA VAL E 89 -18.34 -0.19 -16.51
C VAL E 89 -16.97 0.02 -17.17
N MET E 90 -16.83 1.14 -17.87
CA MET E 90 -15.56 1.47 -18.53
C MET E 90 -14.47 1.78 -17.51
N ALA E 91 -14.82 2.52 -16.46
CA ALA E 91 -13.87 2.83 -15.40
C ALA E 91 -13.37 1.55 -14.74
N LEU E 92 -14.23 0.54 -14.67
CA LEU E 92 -13.87 -0.75 -14.10
C LEU E 92 -12.91 -1.50 -15.00
N GLN E 93 -13.16 -1.45 -16.30
CA GLN E 93 -12.33 -2.15 -17.27
C GLN E 93 -10.92 -1.54 -17.31
N GLU E 94 -10.86 -0.21 -17.26
CA GLU E 94 -9.57 0.47 -17.20
C GLU E 94 -8.77 0.00 -15.98
N ALA E 95 -9.39 0.08 -14.81
CA ALA E 95 -8.75 -0.37 -13.58
C ALA E 95 -8.35 -1.84 -13.68
N SER E 96 -9.29 -2.68 -14.12
CA SER E 96 -9.05 -4.11 -14.22
C SER E 96 -7.85 -4.45 -15.10
N GLU E 97 -7.83 -3.89 -16.30
CA GLU E 97 -6.76 -4.18 -17.25
C GLU E 97 -5.43 -3.59 -16.80
N ALA E 98 -5.47 -2.43 -16.14
CA ALA E 98 -4.27 -1.84 -15.59
C ALA E 98 -3.73 -2.72 -14.48
N TYR E 99 -4.63 -3.31 -13.70
CA TYR E 99 -4.26 -4.21 -12.61
C TYR E 99 -3.62 -5.48 -13.15
N LEU E 100 -4.25 -6.08 -14.16
CA LEU E 100 -3.77 -7.33 -14.73
C LEU E 100 -2.43 -7.17 -15.44
N VAL E 101 -2.32 -6.14 -16.27
CA VAL E 101 -1.08 -5.87 -16.98
C VAL E 101 0.10 -5.77 -16.01
N ALA E 102 -0.10 -5.04 -14.92
CA ALA E 102 0.94 -4.88 -13.91
C ALA E 102 1.23 -6.22 -13.22
N LEU E 103 0.18 -6.98 -12.95
CA LEU E 103 0.34 -8.29 -12.32
C LEU E 103 1.19 -9.20 -13.19
N PHE E 104 0.98 -9.13 -14.50
CA PHE E 104 1.76 -9.94 -15.43
C PHE E 104 3.21 -9.52 -15.46
N GLU E 105 3.47 -8.24 -15.24
CA GLU E 105 4.84 -7.74 -15.17
C GLU E 105 5.58 -8.36 -13.99
N ASP E 106 4.92 -8.37 -12.83
CA ASP E 106 5.47 -8.97 -11.64
C ASP E 106 5.58 -10.49 -11.80
N THR E 107 4.54 -11.09 -12.37
CA THR E 107 4.54 -12.51 -12.66
C THR E 107 5.74 -12.86 -13.53
N ASN E 108 5.95 -12.05 -14.57
CA ASN E 108 7.04 -12.26 -15.51
C ASN E 108 8.40 -12.24 -14.82
N LEU E 109 8.55 -11.36 -13.83
CA LEU E 109 9.79 -11.28 -13.07
C LEU E 109 10.02 -12.53 -12.23
N CYS E 110 8.94 -13.13 -11.74
CA CYS E 110 9.04 -14.36 -10.96
C CYS E 110 9.48 -15.52 -11.84
N ALA E 111 8.92 -15.59 -13.05
CA ALA E 111 9.30 -16.63 -13.99
C ALA E 111 10.79 -16.53 -14.32
N ILE E 112 11.20 -15.35 -14.76
CA ILE E 112 12.61 -15.10 -15.08
C ILE E 112 13.50 -15.44 -13.89
N HIS E 113 13.03 -15.10 -12.69
CA HIS E 113 13.78 -15.38 -11.47
C HIS E 113 14.10 -16.87 -11.37
N ALA E 114 13.10 -17.71 -11.61
CA ALA E 114 13.28 -19.16 -11.55
C ALA E 114 13.99 -19.68 -12.79
N LYS E 115 14.66 -18.78 -13.51
CA LYS E 115 15.43 -19.12 -14.70
C LYS E 115 14.57 -19.68 -15.83
N ARG E 116 13.28 -19.30 -15.84
CA ARG E 116 12.38 -19.66 -16.90
C ARG E 116 11.98 -18.42 -17.71
N VAL E 117 11.31 -18.63 -18.83
CA VAL E 117 10.79 -17.53 -19.63
C VAL E 117 9.30 -17.73 -19.89
N THR E 118 8.73 -18.74 -19.24
CA THR E 118 7.30 -19.05 -19.36
C THR E 118 6.60 -18.82 -18.03
N ILE E 119 5.69 -17.85 -18.00
CA ILE E 119 4.93 -17.60 -16.78
C ILE E 119 4.01 -18.77 -16.46
N MET E 120 3.89 -19.09 -15.17
CA MET E 120 3.06 -20.19 -14.72
C MET E 120 2.23 -19.75 -13.53
N PRO E 121 1.18 -20.51 -13.19
CA PRO E 121 0.32 -20.17 -12.06
C PRO E 121 1.13 -19.92 -10.80
N LYS E 122 2.13 -20.75 -10.55
CA LYS E 122 3.01 -20.56 -9.39
C LYS E 122 3.59 -19.15 -9.37
N ASP E 123 3.96 -18.65 -10.54
CA ASP E 123 4.51 -17.31 -10.69
C ASP E 123 3.52 -16.23 -10.27
N ILE E 124 2.28 -16.36 -10.72
CA ILE E 124 1.22 -15.43 -10.35
C ILE E 124 0.94 -15.49 -8.85
N GLN E 125 0.97 -16.69 -8.31
CA GLN E 125 0.70 -16.90 -6.89
C GLN E 125 1.79 -16.27 -6.02
N LEU E 126 3.04 -16.39 -6.44
CA LEU E 126 4.15 -15.79 -5.71
C LEU E 126 4.05 -14.27 -5.74
N ALA E 127 3.76 -13.73 -6.91
CA ALA E 127 3.61 -12.29 -7.08
C ALA E 127 2.56 -11.72 -6.14
N ARG E 128 1.38 -12.34 -6.14
CA ARG E 128 0.27 -11.85 -5.33
C ARG E 128 0.55 -11.99 -3.84
N ARG E 129 1.22 -13.07 -3.47
CA ARG E 129 1.60 -13.29 -2.08
C ARG E 129 2.47 -12.16 -1.56
N ILE E 130 3.52 -11.84 -2.31
CA ILE E 130 4.44 -10.76 -1.92
C ILE E 130 3.72 -9.40 -1.93
N ARG E 131 2.76 -9.25 -2.83
CA ARG E 131 1.98 -8.02 -2.91
C ARG E 131 1.10 -7.82 -1.69
N GLY E 132 0.82 -8.91 -0.98
CA GLY E 132 -0.06 -8.85 0.17
C GLY E 132 -1.50 -9.10 -0.23
N GLU E 133 -1.69 -9.64 -1.42
CA GLU E 133 -3.03 -9.97 -1.91
C GLU E 133 -3.42 -11.37 -1.46
N ARG E 134 -2.44 -12.09 -0.89
CA ARG E 134 -2.66 -13.44 -0.39
C ARG E 134 -2.05 -13.61 0.99
N ARG F 17 -40.83 -7.01 -17.08
CA ARG F 17 -41.03 -8.09 -16.13
C ARG F 17 -40.08 -9.25 -16.39
N HIS F 18 -38.98 -8.97 -17.09
CA HIS F 18 -37.99 -9.99 -17.41
C HIS F 18 -36.83 -9.99 -16.41
N ARG F 19 -36.67 -11.09 -15.70
CA ARG F 19 -35.60 -11.23 -14.73
C ARG F 19 -34.46 -12.08 -15.29
N LYS F 20 -33.47 -11.40 -15.88
CA LYS F 20 -32.34 -12.09 -16.48
C LYS F 20 -31.25 -12.40 -15.46
N VAL F 21 -30.88 -13.67 -15.37
CA VAL F 21 -29.81 -14.10 -14.47
C VAL F 21 -28.59 -14.55 -15.27
N LEU F 22 -27.49 -13.83 -15.11
CA LEU F 22 -26.27 -14.08 -15.88
C LEU F 22 -25.44 -15.21 -15.27
N ARG F 23 -24.80 -15.99 -16.13
CA ARG F 23 -24.01 -17.13 -15.68
C ARG F 23 -22.86 -17.47 -16.63
N ASP F 24 -21.70 -17.78 -16.06
CA ASP F 24 -20.53 -18.22 -16.82
C ASP F 24 -19.96 -17.16 -17.76
N ASN F 25 -20.06 -15.90 -17.36
CA ASN F 25 -19.50 -14.83 -18.17
C ASN F 25 -18.00 -14.65 -17.99
N ILE F 26 -17.44 -15.36 -17.01
CA ILE F 26 -16.00 -15.33 -16.77
C ILE F 26 -15.26 -15.92 -17.97
N GLN F 27 -15.98 -16.71 -18.77
CA GLN F 27 -15.41 -17.32 -19.96
C GLN F 27 -15.37 -16.33 -21.12
N GLY F 28 -15.99 -15.17 -20.92
CA GLY F 28 -15.94 -14.10 -21.90
C GLY F 28 -14.55 -13.51 -21.95
N ILE F 29 -13.81 -13.70 -20.86
CA ILE F 29 -12.41 -13.28 -20.79
C ILE F 29 -11.55 -14.34 -21.48
N THR F 30 -11.49 -14.27 -22.80
CA THR F 30 -10.88 -15.31 -23.61
C THR F 30 -9.38 -15.45 -23.41
N LYS F 31 -8.85 -16.59 -23.82
CA LYS F 31 -7.42 -16.85 -23.80
C LYS F 31 -6.65 -15.80 -24.62
N PRO F 32 -7.09 -15.54 -25.86
CA PRO F 32 -6.44 -14.50 -26.67
C PRO F 32 -6.36 -13.16 -25.93
N ALA F 33 -7.47 -12.73 -25.33
CA ALA F 33 -7.51 -11.47 -24.62
C ALA F 33 -6.49 -11.44 -23.48
N ILE F 34 -6.40 -12.53 -22.75
CA ILE F 34 -5.45 -12.64 -21.64
C ILE F 34 -4.02 -12.60 -22.17
N ARG F 35 -3.78 -13.24 -23.31
CA ARG F 35 -2.48 -13.19 -23.94
C ARG F 35 -2.09 -11.75 -24.25
N ARG F 36 -3.01 -11.00 -24.85
CA ARG F 36 -2.78 -9.59 -25.16
C ARG F 36 -2.36 -8.82 -23.91
N LEU F 37 -3.10 -9.03 -22.82
CA LEU F 37 -2.77 -8.40 -21.54
C LEU F 37 -1.36 -8.75 -21.11
N ALA F 38 -1.04 -10.04 -21.13
CA ALA F 38 0.28 -10.51 -20.77
C ALA F 38 1.34 -9.91 -21.68
N ARG F 39 1.00 -9.75 -22.96
CA ARG F 39 1.90 -9.16 -23.93
C ARG F 39 2.26 -7.73 -23.54
N ARG F 40 1.25 -6.95 -23.18
CA ARG F 40 1.49 -5.58 -22.73
C ARG F 40 2.29 -5.58 -21.44
N GLY F 41 2.21 -6.68 -20.70
CA GLY F 41 2.97 -6.83 -19.47
C GLY F 41 4.39 -7.28 -19.73
N GLY F 42 4.69 -7.60 -20.99
CA GLY F 42 6.03 -7.98 -21.38
C GLY F 42 6.26 -9.48 -21.39
N VAL F 43 5.18 -10.25 -21.30
CA VAL F 43 5.28 -11.71 -21.26
C VAL F 43 5.45 -12.31 -22.66
N LYS F 44 6.37 -13.26 -22.77
CA LYS F 44 6.74 -13.84 -24.06
C LYS F 44 6.18 -15.26 -24.25
N ARG F 45 6.19 -16.04 -23.17
CA ARG F 45 5.69 -17.41 -23.22
C ARG F 45 4.70 -17.65 -22.08
N ILE F 46 3.60 -18.34 -22.38
CA ILE F 46 2.52 -18.49 -21.41
C ILE F 46 2.04 -19.93 -21.26
N SER F 47 2.08 -20.44 -20.03
CA SER F 47 1.57 -21.76 -19.73
C SER F 47 0.05 -21.80 -19.88
N GLY F 48 -0.48 -22.94 -20.30
CA GLY F 48 -1.90 -23.10 -20.52
C GLY F 48 -2.71 -22.97 -19.23
N LEU F 49 -2.07 -23.23 -18.10
CA LEU F 49 -2.74 -23.15 -16.81
C LEU F 49 -2.93 -21.70 -16.37
N ILE F 50 -2.22 -20.79 -17.04
CA ILE F 50 -2.29 -19.37 -16.73
C ILE F 50 -3.67 -18.78 -16.97
N TYR F 51 -4.29 -19.16 -18.09
CA TYR F 51 -5.54 -18.55 -18.52
C TYR F 51 -6.66 -18.70 -17.49
N GLU F 52 -6.78 -19.88 -16.88
CA GLU F 52 -7.81 -20.10 -15.89
C GLU F 52 -7.46 -19.42 -14.57
N GLU F 53 -6.18 -19.47 -14.22
CA GLU F 53 -5.69 -18.83 -13.00
C GLU F 53 -5.95 -17.32 -13.06
N THR F 54 -5.83 -16.74 -14.25
CA THR F 54 -6.04 -15.32 -14.44
C THR F 54 -7.51 -14.94 -14.25
N ARG F 55 -8.41 -15.78 -14.74
CA ARG F 55 -9.84 -15.53 -14.60
C ARG F 55 -10.24 -15.46 -13.13
N GLY F 56 -9.64 -16.32 -12.32
CA GLY F 56 -9.90 -16.33 -10.89
C GLY F 56 -9.44 -15.04 -10.23
N VAL F 57 -8.24 -14.59 -10.58
CA VAL F 57 -7.69 -13.37 -10.02
C VAL F 57 -8.56 -12.17 -10.38
N LEU F 58 -8.92 -12.06 -11.65
CA LEU F 58 -9.76 -10.97 -12.12
C LEU F 58 -11.09 -10.95 -11.39
N LYS F 59 -11.64 -12.13 -11.12
CA LYS F 59 -12.91 -12.24 -10.44
C LYS F 59 -12.81 -11.65 -9.03
N VAL F 60 -11.81 -12.09 -8.28
CA VAL F 60 -11.57 -11.56 -6.94
C VAL F 60 -11.41 -10.04 -6.97
N PHE F 61 -10.59 -9.56 -7.90
CA PHE F 61 -10.37 -8.13 -8.05
C PHE F 61 -11.68 -7.37 -8.24
N LEU F 62 -12.50 -7.85 -9.18
CA LEU F 62 -13.77 -7.20 -9.48
C LEU F 62 -14.75 -7.28 -8.31
N GLU F 63 -14.80 -8.44 -7.66
CA GLU F 63 -15.67 -8.61 -6.50
C GLU F 63 -15.37 -7.56 -5.45
N ASN F 64 -14.09 -7.33 -5.18
CA ASN F 64 -13.67 -6.38 -4.17
C ASN F 64 -14.01 -4.94 -4.51
N VAL F 65 -13.76 -4.54 -5.75
CA VAL F 65 -14.04 -3.18 -6.19
C VAL F 65 -15.53 -2.91 -6.31
N ILE F 66 -16.24 -3.82 -6.96
CA ILE F 66 -17.68 -3.68 -7.17
C ILE F 66 -18.45 -3.64 -5.85
N ARG F 67 -18.07 -4.52 -4.92
CA ARG F 67 -18.71 -4.55 -3.61
C ARG F 67 -18.73 -3.16 -2.97
N ASP F 68 -17.57 -2.52 -2.92
CA ASP F 68 -17.46 -1.19 -2.35
C ASP F 68 -18.19 -0.16 -3.19
N ALA F 69 -18.12 -0.32 -4.50
CA ALA F 69 -18.82 0.59 -5.41
C ALA F 69 -20.31 0.58 -5.11
N VAL F 70 -20.87 -0.63 -4.97
CA VAL F 70 -22.29 -0.78 -4.68
C VAL F 70 -22.62 -0.26 -3.29
N THR F 71 -21.70 -0.43 -2.35
CA THR F 71 -21.89 0.09 -1.00
C THR F 71 -22.08 1.59 -1.02
N TYR F 72 -21.34 2.27 -1.89
CA TYR F 72 -21.51 3.71 -2.08
C TYR F 72 -22.86 4.01 -2.72
N THR F 73 -23.28 3.13 -3.62
CA THR F 73 -24.54 3.32 -4.35
C THR F 73 -25.73 3.24 -3.40
N GLU F 74 -25.75 2.20 -2.57
CA GLU F 74 -26.83 2.00 -1.61
C GLU F 74 -26.90 3.13 -0.60
N HIS F 75 -25.74 3.64 -0.19
CA HIS F 75 -25.70 4.76 0.74
C HIS F 75 -26.41 5.97 0.14
N ALA F 76 -26.13 6.24 -1.13
CA ALA F 76 -26.73 7.39 -1.81
C ALA F 76 -28.19 7.12 -2.17
N LYS F 77 -28.69 5.96 -1.76
CA LYS F 77 -30.07 5.57 -2.06
C LYS F 77 -30.34 5.58 -3.57
N ARG F 78 -29.37 5.11 -4.35
CA ARG F 78 -29.52 5.05 -5.79
C ARG F 78 -29.59 3.62 -6.30
N LYS F 79 -30.25 3.43 -7.45
CA LYS F 79 -30.35 2.12 -8.08
C LYS F 79 -29.25 1.92 -9.12
N THR F 80 -28.59 3.01 -9.50
CA THR F 80 -27.58 2.94 -10.54
C THR F 80 -26.18 3.18 -9.99
N VAL F 81 -25.25 2.31 -10.34
CA VAL F 81 -23.85 2.49 -10.00
C VAL F 81 -23.25 3.56 -10.89
N THR F 82 -22.82 4.67 -10.29
CA THR F 82 -22.24 5.77 -11.07
C THR F 82 -20.74 5.62 -11.17
N ALA F 83 -20.15 6.33 -12.13
CA ALA F 83 -18.70 6.29 -12.33
C ALA F 83 -17.97 6.67 -11.05
N MET F 84 -18.45 7.71 -10.38
CA MET F 84 -17.82 8.16 -9.14
C MET F 84 -17.79 7.07 -8.08
N ASP F 85 -18.86 6.28 -8.02
CA ASP F 85 -18.91 5.15 -7.11
C ASP F 85 -17.72 4.23 -7.32
N VAL F 86 -17.43 3.92 -8.58
CA VAL F 86 -16.28 3.09 -8.92
C VAL F 86 -14.97 3.81 -8.59
N VAL F 87 -14.89 5.08 -8.94
CA VAL F 87 -13.69 5.86 -8.65
C VAL F 87 -13.37 5.89 -7.16
N TYR F 88 -14.38 6.19 -6.35
CA TYR F 88 -14.21 6.22 -4.90
C TYR F 88 -13.81 4.85 -4.37
N ALA F 89 -14.44 3.80 -4.89
CA ALA F 89 -14.14 2.44 -4.48
C ALA F 89 -12.67 2.13 -4.71
N LEU F 90 -12.18 2.44 -5.92
CA LEU F 90 -10.80 2.19 -6.29
C LEU F 90 -9.84 2.94 -5.38
N LYS F 91 -10.15 4.21 -5.10
CA LYS F 91 -9.31 5.04 -4.25
C LYS F 91 -9.19 4.44 -2.86
N ARG F 92 -10.30 3.96 -2.34
CA ARG F 92 -10.34 3.33 -1.03
C ARG F 92 -9.35 2.17 -0.96
N GLN F 93 -9.16 1.49 -2.09
CA GLN F 93 -8.32 0.30 -2.13
C GLN F 93 -6.91 0.60 -2.62
N GLY F 94 -6.55 1.88 -2.61
CA GLY F 94 -5.22 2.30 -3.01
C GLY F 94 -4.96 2.10 -4.49
N ARG F 95 -5.98 2.33 -5.30
CA ARG F 95 -5.85 2.23 -6.75
C ARG F 95 -6.54 3.39 -7.45
N THR F 96 -6.15 4.60 -7.06
CA THR F 96 -6.71 5.83 -7.60
C THR F 96 -6.73 5.80 -9.13
N LEU F 97 -7.83 6.24 -9.72
CA LEU F 97 -7.98 6.24 -11.17
C LEU F 97 -8.31 7.64 -11.68
N TYR F 98 -7.51 8.13 -12.63
CA TYR F 98 -7.74 9.44 -13.24
C TYR F 98 -8.45 9.29 -14.57
N GLY F 99 -9.42 10.17 -14.83
CA GLY F 99 -10.07 10.22 -16.13
C GLY F 99 -11.51 9.78 -16.15
N PHE F 100 -12.22 9.94 -15.04
CA PHE F 100 -13.63 9.58 -14.96
C PHE F 100 -14.37 10.46 -13.97
N GLY F 101 -13.61 11.32 -13.28
CA GLY F 101 -14.19 12.19 -12.27
C GLY F 101 -13.39 12.13 -10.98
N GLY F 102 -13.63 13.09 -10.09
CA GLY F 102 -12.92 13.16 -8.83
C GLY F 102 -11.52 13.73 -9.00
N ALA G 12 -32.72 17.11 38.56
CA ALA G 12 -32.65 15.92 37.72
C ALA G 12 -31.23 15.40 37.61
N LYS G 13 -30.98 14.24 38.23
CA LYS G 13 -29.64 13.65 38.23
C LYS G 13 -29.22 13.29 36.81
N ALA G 14 -27.91 13.18 36.58
CA ALA G 14 -27.39 12.98 35.23
C ALA G 14 -27.11 11.51 34.91
N LYS G 15 -27.42 11.13 33.68
CA LYS G 15 -27.14 9.78 33.19
C LYS G 15 -26.23 9.88 31.96
N THR G 16 -25.13 9.13 31.97
CA THR G 16 -24.23 9.09 30.83
C THR G 16 -24.97 8.57 29.61
N ARG G 17 -24.79 9.23 28.47
CA ARG G 17 -25.40 8.75 27.23
C ARG G 17 -24.95 7.32 26.94
N SER G 18 -23.79 6.95 27.49
CA SER G 18 -23.28 5.59 27.38
C SER G 18 -24.24 4.60 28.02
N SER G 19 -24.71 4.93 29.22
CA SER G 19 -25.61 4.06 29.96
C SER G 19 -26.97 3.91 29.28
N ARG G 20 -27.44 5.00 28.66
CA ARG G 20 -28.71 4.97 27.94
C ARG G 20 -28.65 3.97 26.79
N ALA G 21 -27.47 3.85 26.19
CA ALA G 21 -27.28 2.94 25.07
C ALA G 21 -26.76 1.59 25.54
N GLY G 22 -26.51 1.48 26.84
CA GLY G 22 -25.96 0.27 27.41
C GLY G 22 -24.57 -0.02 26.86
N LEU G 23 -23.70 0.97 26.94
CA LEU G 23 -22.34 0.85 26.41
C LEU G 23 -21.30 1.14 27.48
N GLN G 24 -20.12 0.56 27.32
CA GLN G 24 -19.00 0.83 28.22
C GLN G 24 -18.13 1.95 27.67
N PHE G 25 -18.14 2.09 26.35
CA PHE G 25 -17.40 3.16 25.69
C PHE G 25 -18.16 4.48 25.74
N PRO G 26 -17.43 5.60 25.81
CA PRO G 26 -18.00 6.92 26.11
C PRO G 26 -18.67 7.59 24.92
N VAL G 27 -19.99 7.48 24.85
CA VAL G 27 -20.77 8.16 23.81
C VAL G 27 -20.56 9.66 23.91
N GLY G 28 -20.41 10.17 25.13
CA GLY G 28 -20.17 11.57 25.35
C GLY G 28 -18.84 12.02 24.77
N ARG G 29 -17.78 11.30 25.15
CA ARG G 29 -16.44 11.62 24.68
C ARG G 29 -16.33 11.48 23.16
N VAL G 30 -16.82 10.36 22.64
CA VAL G 30 -16.80 10.11 21.21
C VAL G 30 -17.49 11.22 20.44
N HIS G 31 -18.65 11.65 20.93
CA HIS G 31 -19.41 12.71 20.28
C HIS G 31 -18.58 13.98 20.14
N ARG G 32 -17.82 14.32 21.18
CA ARG G 32 -16.98 15.50 21.16
C ARG G 32 -15.84 15.35 20.17
N LEU G 33 -15.13 14.24 20.24
CA LEU G 33 -14.01 13.97 19.35
C LEU G 33 -14.42 14.16 17.88
N LEU G 34 -15.68 13.84 17.57
CA LEU G 34 -16.19 14.03 16.23
C LEU G 34 -16.33 15.51 15.89
N ARG G 35 -16.91 16.27 16.81
CA ARG G 35 -17.11 17.71 16.60
C ARG G 35 -15.79 18.45 16.46
N LYS G 36 -14.85 18.15 17.36
CA LYS G 36 -13.55 18.80 17.36
C LYS G 36 -12.56 18.11 16.44
N GLY G 37 -13.03 17.13 15.69
CA GLY G 37 -12.15 16.31 14.87
C GLY G 37 -12.07 16.69 13.41
N ASN G 38 -12.72 17.80 13.05
CA ASN G 38 -12.70 18.27 11.66
C ASN G 38 -13.20 17.20 10.70
N TYR G 39 -14.40 16.69 10.94
CA TYR G 39 -14.99 15.66 10.08
C TYR G 39 -16.17 16.21 9.29
N ALA G 40 -17.05 16.94 9.97
CA ALA G 40 -18.18 17.59 9.32
C ALA G 40 -18.63 18.80 10.13
N GLU G 41 -19.50 19.61 9.55
CA GLU G 41 -20.01 20.78 10.23
C GLU G 41 -20.97 20.39 11.35
N ARG G 42 -21.65 19.26 11.18
CA ARG G 42 -22.66 18.82 12.12
C ARG G 42 -22.54 17.32 12.41
N VAL G 43 -22.85 16.93 13.64
CA VAL G 43 -22.80 15.52 14.03
C VAL G 43 -24.15 15.05 14.57
N GLY G 44 -24.76 14.10 13.89
CA GLY G 44 -26.04 13.55 14.30
C GLY G 44 -25.99 12.91 15.68
N ALA G 45 -27.11 12.96 16.39
CA ALA G 45 -27.18 12.45 17.76
C ALA G 45 -26.87 10.95 17.84
N GLY G 46 -27.21 10.22 16.78
CA GLY G 46 -27.01 8.77 16.76
C GLY G 46 -25.61 8.36 16.36
N ALA G 47 -24.90 9.25 15.68
CA ALA G 47 -23.55 8.96 15.18
C ALA G 47 -22.59 8.46 16.27
N PRO G 48 -22.43 9.24 17.36
CA PRO G 48 -21.49 8.85 18.41
C PRO G 48 -21.89 7.55 19.09
N VAL G 49 -23.18 7.36 19.30
CA VAL G 49 -23.68 6.13 19.90
C VAL G 49 -23.32 4.93 19.03
N TYR G 50 -23.54 5.07 17.73
CA TYR G 50 -23.25 4.00 16.79
C TYR G 50 -21.76 3.70 16.73
N LEU G 51 -20.94 4.76 16.73
CA LEU G 51 -19.49 4.62 16.65
C LEU G 51 -18.91 4.02 17.92
N ALA G 52 -19.32 4.56 19.07
CA ALA G 52 -18.88 4.03 20.35
C ALA G 52 -19.19 2.55 20.47
N ALA G 53 -20.39 2.18 20.01
CA ALA G 53 -20.82 0.79 20.03
C ALA G 53 -19.90 -0.10 19.20
N VAL G 54 -19.51 0.39 18.03
CA VAL G 54 -18.66 -0.37 17.13
C VAL G 54 -17.24 -0.51 17.69
N LEU G 55 -16.76 0.53 18.37
CA LEU G 55 -15.43 0.50 18.96
C LEU G 55 -15.37 -0.51 20.10
N GLU G 56 -16.42 -0.53 20.93
CA GLU G 56 -16.50 -1.49 22.03
C GLU G 56 -16.54 -2.91 21.50
N TYR G 57 -17.25 -3.13 20.40
CA TYR G 57 -17.34 -4.45 19.79
C TYR G 57 -15.97 -4.96 19.37
N LEU G 58 -15.26 -4.16 18.58
CA LEU G 58 -13.94 -4.53 18.11
C LEU G 58 -12.95 -4.71 19.26
N THR G 59 -13.08 -3.85 20.27
CA THR G 59 -12.28 -3.97 21.48
C THR G 59 -12.54 -5.29 22.17
N ALA G 60 -13.82 -5.63 22.32
CA ALA G 60 -14.23 -6.87 22.96
C ALA G 60 -13.75 -8.09 22.17
N GLU G 61 -13.83 -8.00 20.85
CA GLU G 61 -13.39 -9.09 19.98
C GLU G 61 -11.92 -9.43 20.18
N ILE G 62 -11.07 -8.41 20.15
CA ILE G 62 -9.63 -8.61 20.33
C ILE G 62 -9.30 -9.13 21.72
N LEU G 63 -9.91 -8.51 22.73
CA LEU G 63 -9.67 -8.90 24.13
C LEU G 63 -10.03 -10.35 24.39
N GLU G 64 -11.20 -10.77 23.91
CA GLU G 64 -11.66 -12.14 24.11
C GLU G 64 -10.66 -13.14 23.54
N LEU G 65 -10.11 -12.84 22.37
CA LEU G 65 -9.14 -13.72 21.74
C LEU G 65 -7.78 -13.65 22.46
N ALA G 66 -7.41 -12.45 22.89
CA ALA G 66 -6.16 -12.27 23.62
C ALA G 66 -6.21 -13.00 24.96
N GLY G 67 -7.36 -12.93 25.63
CA GLY G 67 -7.56 -13.63 26.89
C GLY G 67 -7.25 -15.11 26.72
N ASN G 68 -7.89 -15.73 25.75
CA ASN G 68 -7.64 -17.14 25.44
C ASN G 68 -6.15 -17.40 25.25
N ALA G 69 -5.50 -16.55 24.46
CA ALA G 69 -4.08 -16.69 24.18
C ALA G 69 -3.26 -16.68 25.45
N ALA G 70 -3.67 -15.86 26.42
CA ALA G 70 -2.97 -15.76 27.69
C ALA G 70 -3.13 -17.03 28.51
N ARG G 71 -4.36 -17.55 28.57
CA ARG G 71 -4.62 -18.79 29.30
C ARG G 71 -3.83 -19.96 28.71
N ASP G 72 -3.75 -20.00 27.39
CA ASP G 72 -3.06 -21.09 26.70
C ASP G 72 -1.56 -21.07 26.96
N ASN G 73 -1.11 -20.04 27.68
CA ASN G 73 0.29 -19.94 28.08
C ASN G 73 0.46 -19.79 29.58
N LYS G 74 -0.58 -20.19 30.31
CA LYS G 74 -0.57 -20.14 31.78
C LYS G 74 -0.29 -18.74 32.31
N LYS G 75 -0.90 -17.75 31.69
CA LYS G 75 -0.74 -16.36 32.11
C LYS G 75 -2.10 -15.73 32.37
N THR G 76 -2.19 -14.90 33.39
CA THR G 76 -3.45 -14.21 33.69
C THR G 76 -3.39 -12.77 33.22
N ARG G 77 -2.20 -12.32 32.86
CA ARG G 77 -2.00 -10.95 32.40
C ARG G 77 -1.73 -10.91 30.90
N ILE G 78 -2.55 -10.15 30.18
CA ILE G 78 -2.39 -10.02 28.74
C ILE G 78 -1.21 -9.13 28.37
N ILE G 79 -0.30 -9.66 27.57
CA ILE G 79 0.84 -8.90 27.09
C ILE G 79 0.80 -8.79 25.57
N PRO G 80 1.57 -7.84 25.00
CA PRO G 80 1.55 -7.60 23.55
C PRO G 80 1.58 -8.89 22.73
N ARG G 81 2.37 -9.87 23.15
CA ARG G 81 2.48 -11.13 22.43
C ARG G 81 1.12 -11.78 22.21
N HIS G 82 0.25 -11.70 23.20
CA HIS G 82 -1.07 -12.30 23.12
C HIS G 82 -1.93 -11.54 22.10
N LEU G 83 -1.91 -10.21 22.18
CA LEU G 83 -2.64 -9.40 21.23
C LEU G 83 -2.25 -9.78 19.80
N GLN G 84 -0.96 -10.05 19.61
CA GLN G 84 -0.44 -10.46 18.31
C GLN G 84 -1.06 -11.80 17.87
N LEU G 85 -0.89 -12.81 18.70
CA LEU G 85 -1.41 -14.15 18.41
C LEU G 85 -2.89 -14.11 18.09
N ALA G 86 -3.65 -13.33 18.87
CA ALA G 86 -5.08 -13.21 18.67
C ALA G 86 -5.40 -12.63 17.30
N VAL G 87 -4.72 -11.55 16.93
CA VAL G 87 -4.97 -10.86 15.68
C VAL G 87 -4.55 -11.67 14.45
N ARG G 88 -3.35 -12.24 14.51
CA ARG G 88 -2.77 -12.91 13.34
C ARG G 88 -3.39 -14.28 13.07
N ASN G 89 -4.04 -14.86 14.08
CA ASN G 89 -4.70 -16.15 13.91
C ASN G 89 -6.17 -15.98 13.54
N ASP G 90 -6.63 -14.74 13.50
CA ASP G 90 -7.99 -14.43 13.05
C ASP G 90 -7.92 -13.82 11.66
N GLU G 91 -8.50 -14.51 10.68
CA GLU G 91 -8.43 -14.08 9.30
C GLU G 91 -8.90 -12.63 9.13
N GLU G 92 -10.01 -12.28 9.78
CA GLU G 92 -10.63 -10.98 9.59
C GLU G 92 -9.91 -9.85 10.35
N LEU G 93 -9.40 -10.16 11.53
CA LEU G 93 -8.63 -9.17 12.30
C LEU G 93 -7.28 -8.92 11.65
N ASN G 94 -6.64 -10.01 11.20
CA ASN G 94 -5.37 -9.91 10.51
C ASN G 94 -5.47 -8.99 9.31
N LYS G 95 -6.60 -9.04 8.63
CA LYS G 95 -6.83 -8.23 7.44
C LYS G 95 -7.13 -6.78 7.82
N LEU G 96 -7.88 -6.60 8.91
CA LEU G 96 -8.18 -5.26 9.40
C LEU G 96 -6.90 -4.57 9.89
N LEU G 97 -5.95 -5.36 10.37
CA LEU G 97 -4.69 -4.83 10.85
C LEU G 97 -3.52 -5.39 10.04
N GLY G 98 -3.69 -5.44 8.72
CA GLY G 98 -2.68 -6.01 7.84
C GLY G 98 -1.51 -5.09 7.59
N ARG G 99 -1.70 -3.80 7.84
CA ARG G 99 -0.63 -2.81 7.65
C ARG G 99 -0.14 -2.28 8.99
N VAL G 100 -0.58 -2.91 10.08
CA VAL G 100 -0.20 -2.50 11.42
C VAL G 100 0.88 -3.40 12.00
N THR G 101 1.76 -2.81 12.81
CA THR G 101 2.80 -3.55 13.51
C THR G 101 2.60 -3.44 15.01
N ILE G 102 2.55 -4.57 15.69
CA ILE G 102 2.42 -4.59 17.13
C ILE G 102 3.78 -4.75 17.79
N ALA G 103 4.17 -3.76 18.58
CA ALA G 103 5.45 -3.79 19.27
C ALA G 103 5.53 -4.96 20.24
N GLN G 104 6.66 -5.67 20.21
CA GLN G 104 6.87 -6.80 21.11
C GLN G 104 5.86 -7.91 20.86
N GLY G 105 5.23 -7.89 19.69
CA GLY G 105 4.22 -8.88 19.34
C GLY G 105 4.81 -10.17 18.84
N GLY G 106 5.94 -10.07 18.14
CA GLY G 106 6.61 -11.24 17.60
C GLY G 106 6.02 -11.71 16.29
N VAL G 107 6.16 -13.00 16.01
CA VAL G 107 5.71 -13.58 14.76
C VAL G 107 5.08 -14.95 14.99
N LEU G 108 4.13 -15.32 14.15
CA LEU G 108 3.52 -16.65 14.21
C LEU G 108 4.51 -17.71 13.73
N PRO G 109 4.64 -18.80 14.50
CA PRO G 109 5.51 -19.91 14.10
C PRO G 109 5.12 -20.43 12.72
N ASN G 110 6.04 -20.36 11.77
CA ASN G 110 5.78 -20.81 10.41
C ASN G 110 7.04 -21.22 9.67
N ILE G 111 7.23 -22.52 9.49
CA ILE G 111 8.37 -23.06 8.76
C ILE G 111 7.91 -23.71 7.45
N GLN G 112 8.50 -23.28 6.34
CA GLN G 112 8.14 -23.81 5.04
C GLN G 112 8.45 -25.30 4.94
N SER G 113 7.54 -26.06 4.32
CA SER G 113 7.64 -27.50 4.25
C SER G 113 8.96 -27.99 3.65
N VAL G 114 9.41 -27.34 2.59
CA VAL G 114 10.62 -27.75 1.88
C VAL G 114 11.87 -27.62 2.76
N LEU G 115 11.72 -26.92 3.88
CA LEU G 115 12.86 -26.69 4.77
C LEU G 115 12.94 -27.76 5.86
N LEU G 116 11.83 -28.42 6.13
CA LEU G 116 11.80 -29.51 7.11
C LEU G 116 12.66 -30.68 6.63
N PRO G 117 13.40 -31.30 7.56
CA PRO G 117 14.35 -32.37 7.26
C PRO G 117 13.74 -33.50 6.45
N LYS G 118 14.52 -34.08 5.53
CA LYS G 118 14.06 -35.17 4.70
C LYS G 118 15.09 -36.31 4.67
N THR H 29 -0.70 17.58 33.65
CA THR H 29 -1.75 17.95 32.70
C THR H 29 -2.55 16.72 32.28
N ARG H 30 -3.88 16.87 32.23
CA ARG H 30 -4.77 15.77 31.90
C ARG H 30 -4.64 15.29 30.46
N LYS H 31 -4.15 14.07 30.29
CA LYS H 31 -4.09 13.44 28.98
C LYS H 31 -5.05 12.24 28.94
N GLU H 32 -6.19 12.42 28.27
CA GLU H 32 -7.23 11.40 28.26
C GLU H 32 -6.82 10.15 27.48
N SER H 33 -7.61 9.09 27.62
CA SER H 33 -7.30 7.80 27.05
C SER H 33 -8.55 6.92 26.97
N TYR H 34 -8.40 5.72 26.42
CA TYR H 34 -9.48 4.74 26.38
C TYR H 34 -9.23 3.63 27.38
N ALA H 35 -8.15 3.76 28.16
CA ALA H 35 -7.73 2.73 29.10
C ALA H 35 -8.87 2.20 29.96
N ILE H 36 -9.53 3.10 30.68
CA ILE H 36 -10.58 2.70 31.62
C ILE H 36 -11.73 1.99 30.91
N TYR H 37 -12.00 2.37 29.67
CA TYR H 37 -13.07 1.76 28.90
C TYR H 37 -12.65 0.40 28.37
N VAL H 38 -11.39 0.30 27.95
CA VAL H 38 -10.82 -0.96 27.50
C VAL H 38 -10.79 -1.96 28.65
N TYR H 39 -10.57 -1.44 29.85
CA TYR H 39 -10.50 -2.29 31.03
C TYR H 39 -11.89 -2.78 31.44
N LYS H 40 -12.88 -1.89 31.37
CA LYS H 40 -14.26 -2.26 31.66
C LYS H 40 -14.70 -3.40 30.76
N VAL H 41 -14.43 -3.27 29.47
CA VAL H 41 -14.74 -4.32 28.50
C VAL H 41 -13.98 -5.60 28.83
N LEU H 42 -12.74 -5.45 29.28
CA LEU H 42 -11.92 -6.60 29.63
C LEU H 42 -12.53 -7.39 30.79
N LYS H 43 -13.13 -6.68 31.74
CA LYS H 43 -13.72 -7.32 32.90
C LYS H 43 -15.01 -8.06 32.55
N GLN H 44 -15.66 -7.64 31.48
CA GLN H 44 -16.89 -8.28 31.02
C GLN H 44 -16.59 -9.56 30.24
N VAL H 45 -15.42 -9.60 29.61
CA VAL H 45 -15.06 -10.71 28.74
C VAL H 45 -14.19 -11.73 29.47
N HIS H 46 -13.27 -11.24 30.30
CA HIS H 46 -12.41 -12.10 31.10
C HIS H 46 -12.23 -11.48 32.49
N PRO H 47 -13.18 -11.74 33.39
CA PRO H 47 -13.22 -11.12 34.72
C PRO H 47 -11.97 -11.38 35.55
N ASP H 48 -11.28 -12.49 35.28
CA ASP H 48 -10.10 -12.87 36.06
C ASP H 48 -8.80 -12.57 35.33
N THR H 49 -8.89 -11.82 34.24
CA THR H 49 -7.70 -11.54 33.42
C THR H 49 -7.28 -10.07 33.50
N GLY H 50 -5.98 -9.85 33.54
CA GLY H 50 -5.42 -8.52 33.58
C GLY H 50 -4.72 -8.15 32.28
N ILE H 51 -4.09 -6.97 32.26
CA ILE H 51 -3.42 -6.48 31.06
C ILE H 51 -2.21 -5.63 31.39
N SER H 52 -1.10 -5.87 30.69
CA SER H 52 0.13 -5.12 30.91
C SER H 52 0.02 -3.71 30.34
N SER H 53 0.86 -2.81 30.83
CA SER H 53 0.89 -1.43 30.37
C SER H 53 1.06 -1.33 28.86
N LYS H 54 2.03 -2.06 28.32
CA LYS H 54 2.30 -2.04 26.89
C LYS H 54 1.11 -2.54 26.08
N ALA H 55 0.43 -3.56 26.60
CA ALA H 55 -0.74 -4.10 25.94
C ALA H 55 -1.89 -3.11 25.95
N MET H 56 -2.01 -2.37 27.05
CA MET H 56 -3.05 -1.35 27.17
C MET H 56 -2.77 -0.19 26.22
N SER H 57 -1.48 0.12 26.04
CA SER H 57 -1.08 1.16 25.09
C SER H 57 -1.48 0.74 23.68
N ILE H 58 -1.13 -0.49 23.31
CA ILE H 58 -1.48 -1.01 22.00
C ILE H 58 -2.99 -0.98 21.77
N MET H 59 -3.75 -1.42 22.76
CA MET H 59 -5.20 -1.38 22.68
C MET H 59 -5.70 0.05 22.51
N ASN H 60 -5.03 0.98 23.17
CA ASN H 60 -5.41 2.38 23.10
C ASN H 60 -5.16 2.97 21.71
N SER H 61 -4.03 2.60 21.11
CA SER H 61 -3.69 3.06 19.77
C SER H 61 -4.66 2.45 18.75
N PHE H 62 -5.02 1.20 18.97
CA PHE H 62 -5.94 0.50 18.06
C PHE H 62 -7.31 1.17 17.98
N VAL H 63 -7.83 1.58 19.14
CA VAL H 63 -9.12 2.25 19.19
C VAL H 63 -9.09 3.57 18.43
N ASN H 64 -8.05 4.35 18.65
CA ASN H 64 -7.88 5.62 17.95
C ASN H 64 -7.72 5.42 16.45
N ASP H 65 -6.99 4.37 16.07
CA ASP H 65 -6.80 4.04 14.67
C ASP H 65 -8.15 3.79 14.01
N VAL H 66 -8.88 2.81 14.55
CA VAL H 66 -10.20 2.45 14.04
C VAL H 66 -11.14 3.66 14.04
N PHE H 67 -11.02 4.50 15.07
CA PHE H 67 -11.85 5.69 15.17
C PHE H 67 -11.60 6.64 14.01
N GLU H 68 -10.33 6.91 13.72
CA GLU H 68 -9.96 7.81 12.64
C GLU H 68 -10.38 7.26 11.28
N ARG H 69 -10.15 5.97 11.06
CA ARG H 69 -10.56 5.33 9.81
C ARG H 69 -12.05 5.53 9.57
N ILE H 70 -12.85 5.08 10.53
CA ILE H 70 -14.31 5.12 10.41
C ILE H 70 -14.84 6.55 10.27
N ALA H 71 -14.34 7.45 11.12
CA ALA H 71 -14.77 8.84 11.08
C ALA H 71 -14.31 9.52 9.80
N GLY H 72 -13.12 9.17 9.33
CA GLY H 72 -12.59 9.72 8.11
C GLY H 72 -13.44 9.32 6.91
N GLU H 73 -13.76 8.04 6.82
CA GLU H 73 -14.59 7.53 5.73
C GLU H 73 -15.98 8.14 5.79
N ALA H 74 -16.51 8.25 7.00
CA ALA H 74 -17.82 8.86 7.21
C ALA H 74 -17.78 10.33 6.77
N SER H 75 -16.64 10.97 7.00
CA SER H 75 -16.46 12.36 6.63
C SER H 75 -16.58 12.53 5.12
N ARG H 76 -15.92 11.66 4.37
CA ARG H 76 -15.95 11.71 2.91
C ARG H 76 -17.34 11.36 2.37
N LEU H 77 -17.97 10.36 2.99
CA LEU H 77 -19.32 9.97 2.58
C LEU H 77 -20.28 11.15 2.60
N ALA H 78 -20.18 11.96 3.66
CA ALA H 78 -21.00 13.16 3.76
C ALA H 78 -20.64 14.15 2.66
N HIS H 79 -19.34 14.29 2.40
CA HIS H 79 -18.87 15.20 1.37
C HIS H 79 -19.34 14.76 -0.01
N TYR H 80 -19.05 13.51 -0.35
CA TYR H 80 -19.46 12.94 -1.64
C TYR H 80 -20.92 13.24 -1.93
N ASN H 81 -21.78 13.03 -0.93
CA ASN H 81 -23.22 13.20 -1.09
C ASN H 81 -23.72 14.59 -0.70
N LYS H 82 -22.80 15.54 -0.63
CA LYS H 82 -23.15 16.93 -0.37
C LYS H 82 -23.99 17.11 0.89
N ARG H 83 -23.63 16.38 1.94
CA ARG H 83 -24.27 16.52 3.25
C ARG H 83 -23.29 17.16 4.22
N SER H 84 -23.82 17.92 5.17
CA SER H 84 -22.97 18.59 6.15
C SER H 84 -23.12 17.99 7.55
N THR H 85 -23.75 16.82 7.63
CA THR H 85 -23.96 16.15 8.90
C THR H 85 -23.53 14.69 8.85
N ILE H 86 -22.75 14.29 9.84
CA ILE H 86 -22.38 12.88 9.99
C ILE H 86 -23.39 12.18 10.88
N THR H 87 -24.22 11.34 10.27
CA THR H 87 -25.26 10.63 11.01
C THR H 87 -24.88 9.16 11.20
N SER H 88 -25.79 8.41 11.83
CA SER H 88 -25.57 6.99 12.03
C SER H 88 -25.39 6.30 10.69
N ARG H 89 -26.03 6.84 9.66
CA ARG H 89 -26.00 6.26 8.32
C ARG H 89 -24.58 6.20 7.77
N GLU H 90 -23.87 7.33 7.84
CA GLU H 90 -22.49 7.39 7.35
C GLU H 90 -21.58 6.46 8.15
N ILE H 91 -21.73 6.48 9.46
CA ILE H 91 -20.95 5.61 10.33
C ILE H 91 -21.13 4.16 9.92
N GLN H 92 -22.38 3.78 9.66
CA GLN H 92 -22.70 2.42 9.27
C GLN H 92 -22.06 2.03 7.93
N THR H 93 -22.23 2.90 6.94
CA THR H 93 -21.65 2.66 5.62
C THR H 93 -20.11 2.64 5.70
N ALA H 94 -19.57 3.49 6.56
CA ALA H 94 -18.13 3.54 6.78
C ALA H 94 -17.63 2.22 7.37
N VAL H 95 -18.43 1.66 8.27
CA VAL H 95 -18.11 0.36 8.88
C VAL H 95 -18.14 -0.76 7.83
N ARG H 96 -19.16 -0.76 6.98
CA ARG H 96 -19.28 -1.76 5.93
C ARG H 96 -18.09 -1.74 4.98
N LEU H 97 -17.57 -0.54 4.74
CA LEU H 97 -16.43 -0.36 3.84
C LEU H 97 -15.12 -0.80 4.46
N LEU H 98 -14.95 -0.54 5.75
CA LEU H 98 -13.66 -0.71 6.42
C LEU H 98 -13.46 -2.07 7.10
N LEU H 99 -14.53 -2.66 7.60
CA LEU H 99 -14.43 -3.93 8.31
C LEU H 99 -14.71 -5.14 7.42
N PRO H 100 -13.83 -6.15 7.48
CA PRO H 100 -13.94 -7.37 6.68
C PRO H 100 -15.07 -8.30 7.13
N GLY H 101 -15.71 -8.95 6.16
CA GLY H 101 -16.70 -9.97 6.41
C GLY H 101 -17.59 -9.83 7.63
N GLU H 102 -17.58 -10.87 8.46
CA GLU H 102 -18.47 -10.95 9.62
C GLU H 102 -18.31 -9.78 10.59
N LEU H 103 -17.06 -9.34 10.79
CA LEU H 103 -16.79 -8.20 11.65
C LEU H 103 -17.76 -7.06 11.36
N ALA H 104 -17.90 -6.72 10.08
CA ALA H 104 -18.79 -5.64 9.67
C ALA H 104 -20.24 -5.96 10.04
N LYS H 105 -20.68 -7.17 9.70
CA LYS H 105 -22.05 -7.59 9.99
C LYS H 105 -22.40 -7.43 11.46
N HIS H 106 -21.55 -7.99 12.33
CA HIS H 106 -21.76 -7.93 13.76
C HIS H 106 -21.59 -6.52 14.31
N ALA H 107 -20.63 -5.78 13.76
CA ALA H 107 -20.41 -4.39 14.16
C ALA H 107 -21.66 -3.56 13.86
N VAL H 108 -22.30 -3.85 12.73
CA VAL H 108 -23.53 -3.16 12.36
C VAL H 108 -24.67 -3.57 13.29
N SER H 109 -24.70 -4.85 13.67
CA SER H 109 -25.69 -5.34 14.61
C SER H 109 -25.58 -4.56 15.91
N GLU H 110 -24.36 -4.47 16.43
CA GLU H 110 -24.10 -3.76 17.68
C GLU H 110 -24.41 -2.27 17.56
N GLY H 111 -23.97 -1.66 16.46
CA GLY H 111 -24.25 -0.26 16.22
C GLY H 111 -25.73 0.04 16.23
N THR H 112 -26.47 -0.70 15.41
CA THR H 112 -27.92 -0.53 15.32
C THR H 112 -28.57 -0.78 16.68
N LYS H 113 -28.15 -1.86 17.33
CA LYS H 113 -28.66 -2.21 18.66
C LYS H 113 -28.59 -1.02 19.62
N ALA H 114 -27.40 -0.45 19.75
CA ALA H 114 -27.17 0.65 20.69
C ALA H 114 -28.04 1.87 20.37
N VAL H 115 -28.08 2.26 19.11
CA VAL H 115 -28.86 3.42 18.69
C VAL H 115 -30.34 3.21 19.00
N THR H 116 -30.82 2.00 18.77
CA THR H 116 -32.21 1.66 19.05
C THR H 116 -32.48 1.81 20.54
N LYS H 117 -31.64 1.19 21.35
CA LYS H 117 -31.78 1.24 22.80
C LYS H 117 -31.69 2.67 23.31
N TYR H 118 -30.79 3.45 22.73
CA TYR H 118 -30.58 4.84 23.13
C TYR H 118 -31.80 5.69 22.83
N THR H 119 -32.50 5.36 21.75
CA THR H 119 -33.71 6.07 21.35
C THR H 119 -34.83 5.83 22.35
N SER H 120 -34.77 4.70 23.05
CA SER H 120 -35.78 4.36 24.05
C SER H 120 -35.67 5.23 25.29
N ALA H 121 -34.56 5.10 26.01
CA ALA H 121 -34.34 5.87 27.23
C ALA H 121 -34.40 7.38 26.97
N ILE K 29 6.30 -39.43 38.71
CA ILE K 29 6.78 -38.82 37.48
C ILE K 29 5.74 -37.85 36.91
N ALA K 30 5.42 -38.02 35.63
CA ALA K 30 4.42 -37.19 34.98
C ALA K 30 3.02 -37.62 35.37
N PHE K 31 2.11 -36.67 35.50
CA PHE K 31 0.74 -36.96 35.91
C PHE K 31 0.04 -37.87 34.91
N HIS K 32 -0.42 -39.02 35.38
CA HIS K 32 -1.08 -39.99 34.53
C HIS K 32 -2.19 -40.74 35.27
N LEU K 33 -3.41 -40.67 34.74
CA LEU K 33 -4.55 -41.34 35.35
C LEU K 33 -4.79 -42.71 34.72
N GLU K 34 -5.19 -43.67 35.55
CA GLU K 34 -5.47 -45.02 35.08
C GLU K 34 -6.86 -45.11 34.48
N LEU K 35 -7.03 -45.98 33.49
CA LEU K 35 -8.34 -46.24 32.92
C LEU K 35 -9.25 -46.86 33.98
N PRO K 36 -10.50 -46.40 34.04
CA PRO K 36 -11.46 -46.87 35.05
C PRO K 36 -11.84 -48.32 34.83
N LYS K 37 -12.26 -48.99 35.90
CA LYS K 37 -12.74 -50.37 35.80
C LYS K 37 -14.25 -50.38 35.63
N ARG K 38 -14.74 -51.29 34.80
CA ARG K 38 -16.17 -51.45 34.62
C ARG K 38 -16.75 -52.10 35.86
N ARG K 39 -17.97 -51.70 36.23
CA ARG K 39 -18.65 -52.30 37.37
C ARG K 39 -18.82 -53.81 37.18
N THR K 40 -18.75 -54.56 38.27
CA THR K 40 -18.71 -56.01 38.19
C THR K 40 -19.89 -56.69 38.87
N VAL K 41 -20.60 -55.94 39.71
CA VAL K 41 -21.76 -56.50 40.42
C VAL K 41 -22.95 -56.64 39.47
N LEU K 42 -23.32 -57.89 39.20
CA LEU K 42 -24.43 -58.18 38.29
C LEU K 42 -25.76 -57.82 38.94
N GLY K 43 -26.66 -57.24 38.14
CA GLY K 43 -27.95 -56.83 38.65
C GLY K 43 -29.04 -56.83 37.60
N ASN K 44 -30.26 -56.52 38.04
CA ASN K 44 -31.41 -56.44 37.14
C ASN K 44 -31.92 -55.01 37.04
N VAL K 45 -32.26 -54.59 35.82
CA VAL K 45 -32.75 -53.24 35.59
C VAL K 45 -34.18 -53.06 36.06
N LEU K 46 -34.42 -51.99 36.81
CA LEU K 46 -35.78 -51.65 37.26
C LEU K 46 -36.14 -50.23 36.82
N VAL K 47 -37.42 -50.01 36.57
CA VAL K 47 -37.88 -48.69 36.13
C VAL K 47 -39.21 -48.33 36.79
N CYS K 48 -39.58 -47.06 36.68
CA CYS K 48 -40.89 -46.59 37.13
C CYS K 48 -41.11 -45.14 36.72
N GLY K 49 -42.37 -44.74 36.63
CA GLY K 49 -42.71 -43.39 36.20
C GLY K 49 -43.42 -43.41 34.85
N ASN K 50 -43.45 -42.25 34.19
CA ASN K 50 -44.06 -42.15 32.87
C ASN K 50 -43.16 -42.77 31.80
N GLY K 51 -43.79 -43.44 30.83
CA GLY K 51 -43.04 -44.08 29.76
C GLY K 51 -43.64 -43.80 28.41
N ASP K 52 -44.18 -42.59 28.25
CA ASP K 52 -44.83 -42.18 27.00
C ASP K 52 -43.92 -42.40 25.78
N VAL K 53 -42.72 -41.86 25.84
CA VAL K 53 -41.77 -41.99 24.73
C VAL K 53 -40.92 -43.25 24.83
N GLY K 54 -41.34 -44.18 25.68
CA GLY K 54 -40.70 -45.47 25.79
C GLY K 54 -39.48 -45.52 26.69
N GLN K 55 -39.41 -44.60 27.64
CA GLN K 55 -38.28 -44.55 28.56
C GLN K 55 -38.40 -45.56 29.69
N LEU K 56 -39.46 -46.36 29.65
CA LEU K 56 -39.66 -47.42 30.63
C LEU K 56 -39.11 -48.74 30.13
N GLY K 57 -38.94 -48.85 28.81
CA GLY K 57 -38.41 -50.05 28.19
C GLY K 57 -39.33 -51.26 28.30
N LEU K 58 -40.56 -51.04 28.76
CA LEU K 58 -41.50 -52.14 28.98
C LEU K 58 -42.41 -52.37 27.77
N GLY K 59 -42.01 -51.85 26.62
CA GLY K 59 -42.83 -51.96 25.42
C GLY K 59 -43.63 -50.69 25.21
N GLU K 60 -44.43 -50.65 24.15
CA GLU K 60 -45.19 -49.46 23.83
C GLU K 60 -46.64 -49.51 24.33
N ASP K 61 -46.95 -50.53 25.10
CA ASP K 61 -48.30 -50.67 25.67
C ASP K 61 -48.33 -50.21 27.13
N ILE K 62 -47.16 -50.13 27.75
CA ILE K 62 -47.05 -49.70 29.14
C ILE K 62 -46.53 -48.27 29.20
N LEU K 63 -47.38 -47.36 29.69
CA LEU K 63 -47.04 -45.95 29.70
C LEU K 63 -46.79 -45.39 31.10
N GLU K 64 -46.97 -46.23 32.12
CA GLU K 64 -46.80 -45.77 33.50
C GLU K 64 -46.66 -46.90 34.51
N ARG K 65 -45.72 -46.73 35.43
CA ARG K 65 -45.58 -47.63 36.57
C ARG K 65 -45.54 -46.80 37.85
N LYS K 66 -46.06 -47.34 38.94
CA LYS K 66 -46.05 -46.65 40.22
C LYS K 66 -45.10 -47.34 41.20
N ARG K 67 -44.84 -48.62 40.96
CA ARG K 67 -43.86 -49.37 41.73
C ARG K 67 -42.77 -49.87 40.78
N LEU K 68 -41.58 -50.12 41.32
CA LEU K 68 -40.45 -50.55 40.49
C LEU K 68 -40.78 -51.81 39.69
N SER K 69 -40.52 -51.76 38.39
CA SER K 69 -40.81 -52.88 37.50
C SER K 69 -39.56 -53.35 36.76
N PRO K 70 -39.45 -54.67 36.55
CA PRO K 70 -38.29 -55.30 35.89
C PRO K 70 -38.31 -55.10 34.38
N VAL K 71 -37.15 -54.79 33.82
CA VAL K 71 -37.00 -54.64 32.37
C VAL K 71 -36.43 -55.91 31.76
N ALA K 72 -37.06 -56.39 30.70
CA ALA K 72 -36.64 -57.64 30.07
C ALA K 72 -35.86 -57.41 28.78
N GLY K 73 -34.79 -58.18 28.61
CA GLY K 73 -34.02 -58.13 27.38
C GLY K 73 -32.54 -57.83 27.56
N ILE K 74 -32.17 -57.41 28.75
CA ILE K 74 -30.78 -57.02 29.01
C ILE K 74 -30.02 -58.06 29.81
N PRO K 75 -28.94 -58.61 29.23
CA PRO K 75 -28.11 -59.66 29.84
C PRO K 75 -26.98 -59.08 30.69
N ASP K 76 -27.00 -59.37 31.99
CA ASP K 76 -25.90 -59.04 32.89
C ASP K 76 -25.65 -57.54 33.02
N ALA K 77 -26.67 -56.79 33.43
CA ALA K 77 -26.53 -55.36 33.62
C ALA K 77 -25.66 -55.06 34.84
N VAL K 78 -24.72 -54.13 34.68
CA VAL K 78 -23.80 -53.78 35.77
C VAL K 78 -23.81 -52.29 36.07
N ASP K 79 -24.24 -51.50 35.09
CA ASP K 79 -24.28 -50.04 35.25
C ASP K 79 -25.42 -49.43 34.47
N ILE K 80 -25.96 -48.33 34.97
CA ILE K 80 -27.10 -47.67 34.34
C ILE K 80 -26.88 -46.16 34.27
N SER K 81 -27.59 -45.52 33.35
CA SER K 81 -27.50 -44.07 33.19
C SER K 81 -28.80 -43.53 32.59
N ALA K 82 -29.47 -42.65 33.33
CA ALA K 82 -30.75 -42.13 32.89
C ALA K 82 -30.64 -40.74 32.29
N GLY K 83 -31.04 -40.62 31.02
CA GLY K 83 -31.14 -39.33 30.38
C GLY K 83 -32.49 -38.71 30.68
N GLY K 84 -32.84 -37.65 29.95
CA GLY K 84 -34.13 -37.01 30.14
C GLY K 84 -35.28 -37.88 29.69
N MET K 85 -35.17 -38.40 28.47
CA MET K 85 -36.23 -39.20 27.88
C MET K 85 -35.75 -40.57 27.40
N HIS K 86 -34.57 -40.98 27.84
CA HIS K 86 -34.03 -42.27 27.45
C HIS K 86 -33.14 -42.87 28.53
N ASN K 87 -32.61 -44.05 28.27
CA ASN K 87 -31.77 -44.75 29.23
C ASN K 87 -30.64 -45.53 28.58
N LEU K 88 -29.56 -45.72 29.33
CA LEU K 88 -28.44 -46.52 28.88
C LEU K 88 -28.16 -47.62 29.90
N VAL K 89 -27.72 -48.77 29.41
CA VAL K 89 -27.41 -49.89 30.30
C VAL K 89 -26.11 -50.58 29.86
N LEU K 90 -25.17 -50.67 30.79
CA LEU K 90 -23.89 -51.32 30.51
C LEU K 90 -23.93 -52.75 31.04
N THR K 91 -23.40 -53.68 30.26
CA THR K 91 -23.45 -55.10 30.62
C THR K 91 -22.09 -55.65 31.03
N LYS K 92 -22.09 -56.85 31.58
CA LYS K 92 -20.88 -57.52 32.04
C LYS K 92 -19.77 -57.48 31.00
N SER K 93 -20.13 -57.78 29.75
CA SER K 93 -19.16 -57.85 28.67
C SER K 93 -18.76 -56.48 28.15
N GLY K 94 -19.58 -55.48 28.43
CA GLY K 94 -19.29 -54.11 28.01
C GLY K 94 -20.17 -53.63 26.88
N ASP K 95 -21.27 -54.34 26.63
CA ASP K 95 -22.23 -53.95 25.61
C ASP K 95 -23.19 -52.91 26.18
N ILE K 96 -23.73 -52.07 25.30
CA ILE K 96 -24.64 -51.02 25.73
C ILE K 96 -26.03 -51.17 25.11
N TYR K 97 -27.03 -51.34 25.96
CA TYR K 97 -28.41 -51.37 25.52
C TYR K 97 -29.07 -50.03 25.84
N SER K 98 -29.95 -49.58 24.94
CA SER K 98 -30.61 -48.28 25.12
C SER K 98 -32.09 -48.37 24.77
N PHE K 99 -32.87 -47.44 25.31
CA PHE K 99 -34.30 -47.34 25.03
C PHE K 99 -34.86 -45.99 25.47
N GLY K 100 -35.84 -45.50 24.73
CA GLY K 100 -36.43 -44.20 25.03
C GLY K 100 -36.67 -43.37 23.78
N CYS K 101 -36.82 -42.06 23.97
CA CYS K 101 -37.06 -41.15 22.86
C CYS K 101 -35.83 -41.00 21.97
N ASN K 102 -35.94 -41.47 20.73
CA ASN K 102 -34.82 -41.42 19.79
C ASN K 102 -35.03 -40.34 18.73
N ASP K 103 -35.83 -39.33 19.06
CA ASP K 103 -36.12 -38.23 18.14
C ASP K 103 -34.86 -37.48 17.74
N GLU K 104 -33.86 -37.48 18.61
CA GLU K 104 -32.63 -36.75 18.36
C GLU K 104 -31.44 -37.68 18.09
N GLY K 105 -31.64 -38.97 18.27
CA GLY K 105 -30.59 -39.95 18.02
C GLY K 105 -29.90 -40.40 19.30
N ALA K 106 -30.55 -40.16 20.43
CA ALA K 106 -29.96 -40.45 21.73
C ALA K 106 -29.79 -41.94 22.00
N LEU K 107 -30.42 -42.78 21.19
CA LEU K 107 -30.35 -44.22 21.39
C LEU K 107 -29.22 -44.84 20.58
N GLY K 108 -28.62 -44.05 19.70
CA GLY K 108 -27.48 -44.50 18.91
C GLY K 108 -27.72 -45.82 18.20
N ARG K 109 -28.95 -46.02 17.72
CA ARG K 109 -29.30 -47.23 16.99
C ARG K 109 -30.53 -47.00 16.12
N ASP K 110 -30.71 -47.86 15.12
CA ASP K 110 -31.81 -47.73 14.18
C ASP K 110 -33.16 -48.01 14.85
N THR K 111 -34.01 -47.00 14.91
CA THR K 111 -35.31 -47.12 15.55
C THR K 111 -36.44 -47.07 14.54
N SER K 112 -36.20 -47.63 13.36
CA SER K 112 -37.18 -47.60 12.27
C SER K 112 -38.40 -48.46 12.55
N GLU K 113 -38.18 -49.74 12.84
CA GLU K 113 -39.27 -50.66 13.14
C GLU K 113 -40.07 -50.15 14.34
N ASP K 114 -41.38 -50.37 14.31
CA ASP K 114 -42.25 -49.90 15.38
C ASP K 114 -41.94 -50.53 16.73
N GLY K 115 -41.97 -49.71 17.78
CA GLY K 115 -41.76 -50.18 19.13
C GLY K 115 -40.35 -50.62 19.41
N SER K 116 -39.42 -50.28 18.52
CA SER K 116 -38.02 -50.65 18.70
C SER K 116 -37.33 -49.73 19.69
N GLU K 117 -38.00 -48.64 20.05
CA GLU K 117 -37.45 -47.68 21.01
C GLU K 117 -38.12 -47.83 22.38
N SER K 118 -39.16 -48.66 22.44
CA SER K 118 -39.88 -48.89 23.68
C SER K 118 -39.32 -50.12 24.39
N LYS K 119 -38.36 -50.79 23.76
CA LYS K 119 -37.72 -51.97 24.33
C LYS K 119 -36.21 -51.90 24.11
N PRO K 120 -35.43 -52.40 25.09
CA PRO K 120 -33.96 -52.32 25.04
C PRO K 120 -33.38 -53.07 23.84
N ASP K 121 -32.33 -52.50 23.26
CA ASP K 121 -31.61 -53.18 22.18
C ASP K 121 -30.16 -52.70 22.10
N LEU K 122 -29.28 -53.55 21.56
CA LEU K 122 -27.85 -53.31 21.57
C LEU K 122 -27.41 -52.14 20.69
N ILE K 123 -26.30 -51.51 21.09
CA ILE K 123 -25.68 -50.44 20.30
C ILE K 123 -24.40 -50.95 19.66
N ASP K 124 -24.19 -50.61 18.39
CA ASP K 124 -23.01 -51.06 17.67
C ASP K 124 -21.82 -50.15 17.91
N LEU K 125 -20.79 -50.69 18.56
CA LEU K 125 -19.58 -49.94 18.86
C LEU K 125 -18.35 -50.72 18.41
N PRO K 126 -17.25 -49.99 18.12
CA PRO K 126 -15.98 -50.61 17.72
C PRO K 126 -15.44 -51.58 18.77
N GLY K 127 -15.73 -51.30 20.04
CA GLY K 127 -15.28 -52.16 21.12
C GLY K 127 -16.25 -52.22 22.28
N LYS K 128 -15.77 -52.68 23.43
CA LYS K 128 -16.60 -52.74 24.63
C LYS K 128 -16.44 -51.47 25.46
N ALA K 129 -17.45 -51.18 26.28
CA ALA K 129 -17.46 -49.94 27.04
C ALA K 129 -17.11 -50.11 28.51
N LEU K 130 -16.61 -49.04 29.13
CA LEU K 130 -16.29 -49.03 30.55
C LEU K 130 -17.29 -48.17 31.31
N CYS K 131 -17.61 -47.01 30.74
CA CYS K 131 -18.51 -46.06 31.36
C CYS K 131 -19.61 -45.60 30.42
N ILE K 132 -20.74 -45.18 30.97
CA ILE K 132 -21.83 -44.63 30.19
C ILE K 132 -22.36 -43.35 30.82
N SER K 133 -22.88 -42.45 30.00
CA SER K 133 -23.46 -41.21 30.48
C SER K 133 -24.57 -40.77 29.53
N ALA K 134 -25.57 -40.07 30.07
CA ALA K 134 -26.70 -39.64 29.25
C ALA K 134 -27.19 -38.25 29.64
N GLY K 135 -27.60 -37.48 28.64
CA GLY K 135 -28.18 -36.17 28.86
C GLY K 135 -29.64 -36.18 28.44
N ASP K 136 -30.16 -35.00 28.10
CA ASP K 136 -31.56 -34.90 27.68
C ASP K 136 -31.75 -35.37 26.24
N SER K 137 -30.75 -35.15 25.41
CA SER K 137 -30.85 -35.49 23.99
C SER K 137 -29.57 -36.11 23.46
N HIS K 138 -28.66 -36.47 24.36
CA HIS K 138 -27.37 -37.03 23.94
C HIS K 138 -26.94 -38.18 24.83
N SER K 139 -26.00 -38.99 24.34
CA SER K 139 -25.42 -40.07 25.12
C SER K 139 -23.93 -40.17 24.83
N ALA K 140 -23.22 -40.86 25.70
CA ALA K 140 -21.77 -41.03 25.53
C ALA K 140 -21.28 -42.26 26.27
N CYS K 141 -20.13 -42.78 25.84
CA CYS K 141 -19.52 -43.94 26.49
C CYS K 141 -18.01 -43.83 26.45
N LEU K 142 -17.34 -44.62 27.28
CA LEU K 142 -15.88 -44.68 27.30
C LEU K 142 -15.43 -46.09 26.96
N LEU K 143 -14.84 -46.27 25.80
CA LEU K 143 -14.38 -47.59 25.38
C LEU K 143 -13.18 -48.05 26.18
N GLU K 144 -12.93 -49.36 26.19
CA GLU K 144 -11.86 -49.94 26.97
C GLU K 144 -10.47 -49.43 26.58
N ASP K 145 -10.38 -48.80 25.41
CA ASP K 145 -9.11 -48.31 24.91
C ASP K 145 -8.91 -46.83 25.17
N GLY K 146 -9.90 -46.18 25.78
CA GLY K 146 -9.79 -44.79 26.16
C GLY K 146 -10.45 -43.82 25.19
N ARG K 147 -11.22 -44.34 24.25
CA ARG K 147 -11.93 -43.48 23.30
C ARG K 147 -13.31 -43.09 23.85
N VAL K 148 -13.71 -41.85 23.60
CA VAL K 148 -15.01 -41.36 24.03
C VAL K 148 -15.96 -41.24 22.84
N PHE K 149 -16.88 -42.19 22.73
CA PHE K 149 -17.90 -42.15 21.69
C PHE K 149 -19.19 -41.53 22.18
N ALA K 150 -19.81 -40.70 21.34
CA ALA K 150 -21.04 -40.02 21.72
C ALA K 150 -22.01 -39.97 20.54
N TRP K 151 -23.28 -39.73 20.84
CA TRP K 151 -24.31 -39.65 19.81
C TRP K 151 -25.52 -38.85 20.29
N GLY K 152 -26.42 -38.52 19.38
CA GLY K 152 -27.53 -37.65 19.68
C GLY K 152 -27.14 -36.22 19.40
N SER K 153 -27.58 -35.29 20.25
CA SER K 153 -27.19 -33.89 20.10
C SER K 153 -27.49 -33.07 21.35
N PHE K 154 -26.90 -31.87 21.41
CA PHE K 154 -27.14 -30.96 22.52
C PHE K 154 -28.17 -29.91 22.11
N ARG K 155 -28.71 -29.20 23.10
CA ARG K 155 -29.79 -28.26 22.84
C ARG K 155 -29.68 -26.99 23.68
N ASP K 156 -29.67 -25.84 23.01
CA ASP K 156 -29.63 -24.56 23.70
C ASP K 156 -30.97 -23.84 23.58
N SER K 157 -31.00 -22.55 23.91
CA SER K 157 -32.22 -21.76 23.90
C SER K 157 -32.84 -21.65 22.51
N HIS K 158 -32.00 -21.78 21.48
CA HIS K 158 -32.48 -21.69 20.11
C HIS K 158 -33.02 -23.03 19.64
N GLY K 159 -32.44 -24.11 20.15
CA GLY K 159 -32.89 -25.45 19.81
C GLY K 159 -31.75 -26.41 19.55
N ASN K 160 -31.94 -27.26 18.55
CA ASN K 160 -30.93 -28.26 18.20
C ASN K 160 -29.62 -27.61 17.78
N MET K 161 -28.52 -28.06 18.39
CA MET K 161 -27.20 -27.58 18.04
C MET K 161 -26.46 -28.65 17.25
N GLY K 162 -26.71 -29.91 17.61
CA GLY K 162 -26.02 -31.04 17.02
C GLY K 162 -24.91 -31.52 17.93
N LEU K 163 -24.39 -32.71 17.67
CA LEU K 163 -23.29 -33.23 18.45
C LEU K 163 -21.99 -32.57 18.01
N THR K 164 -21.83 -32.43 16.69
CA THR K 164 -20.71 -31.70 16.12
C THR K 164 -21.26 -30.45 15.43
N ILE K 165 -20.36 -29.70 14.80
CA ILE K 165 -20.79 -28.52 14.05
C ILE K 165 -21.57 -28.94 12.82
N ASP K 166 -21.43 -30.22 12.45
CA ASP K 166 -22.08 -30.76 11.26
C ASP K 166 -23.54 -31.10 11.52
N GLY K 167 -23.89 -31.29 12.78
CA GLY K 167 -25.26 -31.60 13.15
C GLY K 167 -25.39 -32.83 14.03
N ASN K 168 -26.53 -33.51 13.92
CA ASN K 168 -26.82 -34.67 14.74
C ASN K 168 -25.97 -35.89 14.39
N LYS K 169 -25.88 -36.83 15.31
CA LYS K 169 -25.19 -38.09 15.09
C LYS K 169 -26.07 -39.26 15.51
N ARG K 170 -26.88 -39.74 14.58
CA ARG K 170 -27.78 -40.85 14.84
C ARG K 170 -26.99 -42.08 15.27
N THR K 171 -25.72 -42.12 14.89
CA THR K 171 -24.84 -43.23 15.23
C THR K 171 -23.54 -42.72 15.87
N PRO K 172 -22.99 -43.49 16.81
CA PRO K 172 -21.81 -43.13 17.60
C PRO K 172 -20.61 -42.68 16.76
N ILE K 173 -19.88 -41.69 17.26
CA ILE K 173 -18.65 -41.23 16.62
C ILE K 173 -17.63 -40.85 17.68
N ASP K 174 -16.35 -41.13 17.41
CA ASP K 174 -15.29 -40.75 18.32
C ASP K 174 -15.24 -39.23 18.41
N LEU K 175 -15.36 -38.70 19.63
CA LEU K 175 -15.43 -37.26 19.83
C LEU K 175 -14.07 -36.67 20.17
N MET K 176 -13.25 -37.45 20.87
CA MET K 176 -11.91 -37.01 21.25
C MET K 176 -10.85 -37.82 20.50
N GLU K 177 -11.04 -37.93 19.18
CA GLU K 177 -10.17 -38.75 18.35
C GLU K 177 -8.70 -38.38 18.53
N GLY K 178 -7.88 -39.37 18.89
CA GLY K 178 -6.47 -39.17 19.11
C GLY K 178 -6.11 -39.11 20.59
N THR K 179 -7.02 -38.56 21.39
CA THR K 179 -6.81 -38.43 22.82
C THR K 179 -7.35 -39.63 23.59
N VAL K 180 -6.64 -40.02 24.64
CA VAL K 180 -7.10 -41.09 25.52
C VAL K 180 -7.75 -40.50 26.77
N CYS K 181 -8.96 -40.95 27.07
CA CYS K 181 -9.72 -40.43 28.19
C CYS K 181 -9.93 -41.48 29.28
N CYS K 182 -10.29 -41.04 30.47
CA CYS K 182 -10.46 -41.94 31.60
C CYS K 182 -11.76 -41.70 32.36
N SER K 183 -12.56 -40.74 31.89
CA SER K 183 -13.82 -40.44 32.57
C SER K 183 -14.74 -39.56 31.72
N ILE K 184 -16.05 -39.77 31.88
CA ILE K 184 -17.06 -38.95 31.21
C ILE K 184 -18.18 -38.59 32.18
N ALA K 185 -18.78 -37.42 31.96
CA ALA K 185 -19.89 -36.98 32.79
C ALA K 185 -20.83 -36.10 31.97
N SER K 186 -22.12 -36.40 32.01
CA SER K 186 -23.10 -35.67 31.21
C SER K 186 -24.06 -34.86 32.07
N GLY K 187 -24.32 -33.63 31.62
CA GLY K 187 -25.38 -32.83 32.19
C GLY K 187 -26.58 -32.92 31.27
N ALA K 188 -27.53 -32.01 31.44
CA ALA K 188 -28.72 -32.00 30.58
C ALA K 188 -28.33 -31.85 29.12
N ASP K 189 -27.49 -30.86 28.82
CA ASP K 189 -27.11 -30.57 27.44
C ASP K 189 -25.63 -30.22 27.30
N HIS K 190 -24.78 -30.86 28.09
CA HIS K 190 -23.34 -30.68 27.95
C HIS K 190 -22.59 -31.95 28.38
N LEU K 191 -21.43 -32.18 27.76
CA LEU K 191 -20.65 -33.37 28.05
C LEU K 191 -19.28 -32.98 28.62
N VAL K 192 -18.89 -33.64 29.71
CA VAL K 192 -17.61 -33.38 30.36
C VAL K 192 -16.68 -34.57 30.21
N ILE K 193 -15.45 -34.31 29.76
CA ILE K 193 -14.49 -35.38 29.48
C ILE K 193 -13.18 -35.16 30.22
N LEU K 194 -12.61 -36.26 30.72
CA LEU K 194 -11.35 -36.19 31.46
C LEU K 194 -10.29 -37.06 30.79
N THR K 195 -9.15 -36.45 30.45
CA THR K 195 -8.06 -37.16 29.80
C THR K 195 -7.14 -37.79 30.83
N THR K 196 -6.35 -38.76 30.39
CA THR K 196 -5.42 -39.45 31.29
C THR K 196 -4.30 -38.51 31.75
N ALA K 197 -4.25 -37.33 31.15
CA ALA K 197 -3.24 -36.34 31.51
C ALA K 197 -3.74 -35.40 32.60
N GLY K 198 -5.02 -35.53 32.93
CA GLY K 198 -5.62 -34.70 33.96
C GLY K 198 -6.29 -33.46 33.39
N LYS K 199 -6.35 -33.40 32.06
CA LYS K 199 -7.00 -32.28 31.39
C LYS K 199 -8.50 -32.53 31.25
N VAL K 200 -9.28 -31.47 31.41
CA VAL K 200 -10.74 -31.58 31.33
C VAL K 200 -11.28 -30.87 30.09
N PHE K 201 -12.14 -31.56 29.34
CA PHE K 201 -12.75 -30.99 28.15
C PHE K 201 -14.27 -30.93 28.30
N THR K 202 -14.86 -29.85 27.77
CA THR K 202 -16.32 -29.71 27.80
C THR K 202 -16.86 -29.46 26.39
N VAL K 203 -18.17 -29.64 26.22
CA VAL K 203 -18.81 -29.45 24.92
C VAL K 203 -20.33 -29.47 25.06
N GLY K 204 -21.00 -28.63 24.28
CA GLY K 204 -22.46 -28.59 24.28
C GLY K 204 -23.01 -27.21 24.57
N CYS K 205 -24.17 -27.16 25.23
CA CYS K 205 -24.76 -25.90 25.63
C CYS K 205 -23.87 -25.21 26.66
N ALA K 206 -23.86 -23.88 26.65
CA ALA K 206 -22.98 -23.11 27.53
C ALA K 206 -23.68 -21.92 28.15
N GLU K 207 -24.99 -21.83 27.97
CA GLU K 207 -25.75 -20.66 28.40
C GLU K 207 -25.94 -20.58 29.92
N GLN K 208 -25.48 -21.60 30.63
CA GLN K 208 -25.50 -21.58 32.09
C GLN K 208 -24.07 -21.59 32.64
N GLY K 209 -23.10 -21.61 31.73
CA GLY K 209 -21.71 -21.61 32.12
C GLY K 209 -21.22 -23.01 32.49
N GLN K 210 -21.96 -24.02 32.03
CA GLN K 210 -21.62 -25.40 32.34
C GLN K 210 -20.35 -25.86 31.61
N LEU K 211 -19.94 -25.11 30.60
CA LEU K 211 -18.72 -25.43 29.87
C LEU K 211 -17.50 -24.86 30.58
N GLY K 212 -17.72 -23.82 31.37
CA GLY K 212 -16.67 -23.20 32.16
C GLY K 212 -15.45 -22.77 31.35
N ARG K 213 -15.68 -22.26 30.15
CA ARG K 213 -14.58 -21.85 29.29
C ARG K 213 -15.01 -20.88 28.20
N LEU K 214 -15.98 -20.03 28.51
CA LEU K 214 -16.47 -19.06 27.54
C LEU K 214 -16.96 -17.77 28.18
N SER K 215 -16.79 -16.67 27.47
CA SER K 215 -17.24 -15.37 27.94
C SER K 215 -18.74 -15.25 27.74
N GLU K 216 -19.37 -14.34 28.48
CA GLU K 216 -20.81 -14.15 28.39
C GLU K 216 -21.29 -13.92 26.97
N ARG K 217 -20.51 -13.16 26.20
CA ARG K 217 -20.87 -12.82 24.83
C ARG K 217 -20.78 -14.00 23.87
N SER K 218 -20.16 -15.09 24.29
CA SER K 218 -19.97 -16.23 23.41
C SER K 218 -20.73 -17.49 23.84
N ILE K 219 -21.29 -17.48 25.04
CA ILE K 219 -21.99 -18.65 25.55
C ILE K 219 -23.26 -18.92 24.76
N SER K 220 -23.80 -17.88 24.13
CA SER K 220 -25.02 -18.00 23.35
C SER K 220 -24.75 -18.58 21.96
N GLY K 221 -23.48 -18.58 21.56
CA GLY K 221 -23.08 -19.13 20.27
C GLY K 221 -23.41 -18.20 19.11
N GLU K 222 -23.59 -16.91 19.43
CA GLU K 222 -23.98 -15.93 18.43
C GLU K 222 -22.83 -15.01 18.04
N GLY K 223 -21.60 -15.53 18.12
CA GLY K 223 -20.43 -14.76 17.72
C GLY K 223 -20.10 -14.96 16.26
N ARG K 224 -18.93 -14.48 15.84
CA ARG K 224 -18.49 -14.65 14.46
C ARG K 224 -18.13 -16.11 14.19
N ARG K 225 -17.93 -16.87 15.26
CA ARG K 225 -17.58 -18.28 15.13
C ARG K 225 -18.78 -19.18 15.36
N GLY K 226 -19.93 -18.57 15.65
CA GLY K 226 -21.17 -19.31 15.87
C GLY K 226 -21.06 -20.34 16.97
N LYS K 227 -21.50 -21.57 16.68
CA LYS K 227 -21.49 -22.64 17.65
C LYS K 227 -20.24 -23.51 17.51
N ARG K 228 -19.26 -23.00 16.77
CA ARG K 228 -18.05 -23.77 16.47
C ARG K 228 -17.23 -24.06 17.72
N ASP K 229 -17.29 -23.16 18.70
CA ASP K 229 -16.53 -23.33 19.93
C ASP K 229 -17.30 -24.09 21.00
N LEU K 230 -18.63 -24.12 20.87
CA LEU K 230 -19.47 -24.85 21.80
C LEU K 230 -19.48 -26.34 21.46
N LEU K 231 -19.43 -26.63 20.16
CA LEU K 231 -19.59 -28.01 19.68
C LEU K 231 -18.25 -28.70 19.40
N ARG K 232 -17.15 -28.00 19.63
CA ARG K 232 -15.84 -28.61 19.54
C ARG K 232 -15.26 -28.81 20.94
N PRO K 233 -15.04 -30.07 21.33
CA PRO K 233 -14.49 -30.37 22.66
C PRO K 233 -13.25 -29.54 22.94
N THR K 234 -13.38 -28.53 23.81
CA THR K 234 -12.27 -27.66 24.13
C THR K 234 -11.89 -27.79 25.60
N GLN K 235 -10.59 -27.74 25.88
CA GLN K 235 -10.08 -27.91 27.23
C GLN K 235 -10.57 -26.81 28.17
N LEU K 236 -11.01 -27.22 29.35
CA LEU K 236 -11.38 -26.28 30.41
C LEU K 236 -10.12 -25.96 31.21
N ILE K 237 -9.62 -24.74 31.05
CA ILE K 237 -8.35 -24.38 31.66
C ILE K 237 -8.49 -23.47 32.88
N ILE K 238 -7.84 -23.86 33.98
CA ILE K 238 -7.76 -23.04 35.18
C ILE K 238 -6.29 -22.70 35.42
N THR K 239 -5.89 -21.50 35.00
CA THR K 239 -4.50 -21.09 35.06
C THR K 239 -3.82 -21.41 36.40
N ARG K 240 -2.67 -22.08 36.32
CA ARG K 240 -1.89 -22.43 37.50
C ARG K 240 -2.68 -23.27 38.50
N ALA K 241 -3.34 -24.30 37.99
CA ALA K 241 -4.02 -25.28 38.83
C ALA K 241 -3.57 -26.67 38.41
N LYS K 242 -3.37 -27.55 39.40
CA LYS K 242 -2.91 -28.91 39.13
C LYS K 242 -3.84 -29.62 38.16
N PRO K 243 -3.36 -30.73 37.58
CA PRO K 243 -4.21 -31.58 36.74
C PRO K 243 -5.37 -32.14 37.55
N PHE K 244 -6.55 -32.25 36.93
CA PHE K 244 -7.72 -32.76 37.62
C PHE K 244 -7.74 -34.29 37.57
N GLU K 245 -8.35 -34.89 38.59
CA GLU K 245 -8.35 -36.35 38.72
C GLU K 245 -9.75 -36.95 38.71
N ALA K 246 -10.77 -36.11 38.75
CA ALA K 246 -12.15 -36.58 38.77
C ALA K 246 -13.15 -35.50 38.35
N ILE K 247 -14.21 -35.93 37.69
CA ILE K 247 -15.24 -35.01 37.21
C ILE K 247 -16.64 -35.48 37.56
N TRP K 248 -17.55 -34.53 37.75
CA TRP K 248 -18.96 -34.82 37.97
C TRP K 248 -19.81 -33.79 37.25
N ALA K 249 -21.03 -34.17 36.89
CA ALA K 249 -21.90 -33.25 36.17
C ALA K 249 -23.36 -33.43 36.56
N THR K 250 -24.00 -32.34 36.94
CA THR K 250 -25.45 -32.33 37.14
C THR K 250 -26.07 -31.74 35.88
N ASN K 251 -27.38 -31.51 35.91
CA ASN K 251 -28.08 -31.01 34.73
C ASN K 251 -27.44 -29.77 34.10
N TYR K 252 -27.00 -28.84 34.94
CA TYR K 252 -26.42 -27.59 34.44
C TYR K 252 -25.16 -27.18 35.18
N CYS K 253 -24.45 -28.17 35.73
CA CYS K 253 -23.23 -27.91 36.47
C CYS K 253 -22.13 -28.91 36.13
N THR K 254 -20.88 -28.47 36.27
CA THR K 254 -19.73 -29.33 36.08
C THR K 254 -18.80 -29.21 37.29
N PHE K 255 -18.36 -30.34 37.82
CA PHE K 255 -17.49 -30.36 38.98
C PHE K 255 -16.16 -31.04 38.68
N MET K 256 -15.10 -30.56 39.30
CA MET K 256 -13.76 -31.09 39.07
C MET K 256 -12.99 -31.17 40.37
N ARG K 257 -12.05 -32.11 40.46
CA ARG K 257 -11.18 -32.21 41.63
C ARG K 257 -9.71 -32.22 41.20
N GLU K 258 -9.03 -31.09 41.39
CA GLU K 258 -7.63 -31.00 41.03
C GLU K 258 -6.76 -31.77 42.01
N SER K 259 -5.77 -32.49 41.48
CA SER K 259 -4.90 -33.33 42.30
C SER K 259 -4.13 -32.52 43.34
N GLN K 260 -3.53 -33.24 44.29
CA GLN K 260 -2.72 -32.64 45.34
C GLN K 260 -3.56 -31.87 46.37
N THR K 261 -4.13 -30.74 45.95
CA THR K 261 -4.89 -29.88 46.85
C THR K 261 -6.29 -30.43 47.14
N GLN K 262 -6.79 -31.28 46.25
CA GLN K 262 -8.07 -31.96 46.45
C GLN K 262 -9.28 -31.01 46.41
N VAL K 263 -9.02 -29.74 46.10
CA VAL K 263 -10.10 -28.76 46.01
C VAL K 263 -11.08 -29.13 44.92
N ILE K 264 -12.37 -28.95 45.20
CA ILE K 264 -13.41 -29.19 44.21
C ILE K 264 -13.77 -27.88 43.50
N TRP K 265 -13.59 -27.86 42.18
CA TRP K 265 -13.96 -26.70 41.39
C TRP K 265 -15.31 -26.92 40.73
N ALA K 266 -16.17 -25.89 40.77
CA ALA K 266 -17.50 -25.99 40.19
C ALA K 266 -17.80 -24.84 39.24
N THR K 267 -18.58 -25.13 38.21
CA THR K 267 -19.02 -24.11 37.26
C THR K 267 -20.40 -24.47 36.73
N GLY K 268 -21.16 -23.45 36.33
CA GLY K 268 -22.48 -23.68 35.76
C GLY K 268 -23.58 -22.93 36.48
N LEU K 269 -24.82 -23.37 36.27
CA LEU K 269 -25.98 -22.73 36.89
C LEU K 269 -25.84 -22.70 38.40
N ASN K 270 -26.25 -21.60 39.02
CA ASN K 270 -26.14 -21.45 40.46
C ASN K 270 -27.23 -20.55 41.04
N ASN K 271 -28.32 -20.40 40.32
CA ASN K 271 -29.43 -19.57 40.76
C ASN K 271 -30.13 -20.12 42.00
N PHE K 272 -29.74 -21.33 42.41
CA PHE K 272 -30.29 -21.95 43.61
C PHE K 272 -29.20 -22.64 44.41
N LYS K 273 -27.96 -22.18 44.22
CA LYS K 273 -26.82 -22.71 44.96
C LYS K 273 -26.52 -24.17 44.63
N GLN K 274 -26.76 -24.54 43.37
CA GLN K 274 -26.47 -25.90 42.92
C GLN K 274 -24.97 -26.20 42.99
N LEU K 275 -24.17 -25.15 43.15
CA LEU K 275 -22.71 -25.29 43.20
C LEU K 275 -22.20 -25.40 44.64
N ALA K 276 -23.12 -25.42 45.60
CA ALA K 276 -22.77 -25.56 47.01
C ALA K 276 -21.84 -24.44 47.49
N HIS K 277 -21.67 -23.41 46.68
CA HIS K 277 -20.88 -22.25 47.05
C HIS K 277 -21.55 -20.98 46.54
N GLU K 278 -21.04 -19.82 46.93
CA GLU K 278 -21.65 -18.56 46.54
C GLU K 278 -20.98 -17.96 45.30
N THR K 279 -21.80 -17.39 44.42
CA THR K 279 -21.30 -16.63 43.28
C THR K 279 -21.68 -15.17 43.46
N LYS K 280 -20.72 -14.37 43.88
CA LYS K 280 -20.96 -12.96 44.21
C LYS K 280 -21.66 -12.19 43.08
N GLY K 281 -22.95 -11.91 43.28
CA GLY K 281 -23.71 -11.05 42.38
C GLY K 281 -24.13 -11.70 41.08
N LYS K 282 -23.79 -12.96 40.89
CA LYS K 282 -24.13 -13.66 39.66
C LYS K 282 -25.15 -14.78 39.90
N GLU K 283 -25.90 -15.12 38.86
CA GLU K 283 -26.87 -16.20 38.93
C GLU K 283 -26.23 -17.53 38.49
N PHE K 284 -24.98 -17.44 38.05
CA PHE K 284 -24.23 -18.62 37.65
C PHE K 284 -22.74 -18.31 37.53
N ALA K 285 -21.94 -19.34 37.25
CA ALA K 285 -20.51 -19.17 37.08
C ALA K 285 -20.09 -19.61 35.68
N LEU K 286 -19.42 -18.73 34.97
CA LEU K 286 -18.99 -19.00 33.60
C LEU K 286 -17.62 -19.67 33.58
N THR K 287 -16.87 -19.48 34.66
CA THR K 287 -15.57 -20.14 34.83
C THR K 287 -15.47 -20.70 36.24
N PRO K 288 -14.83 -21.88 36.38
CA PRO K 288 -14.76 -22.63 37.63
C PRO K 288 -14.39 -21.77 38.83
N ILE K 289 -14.98 -22.09 39.98
CA ILE K 289 -14.65 -21.42 41.24
C ILE K 289 -14.39 -22.46 42.32
N LYS K 290 -13.60 -22.08 43.32
CA LYS K 290 -13.29 -22.99 44.42
C LYS K 290 -14.50 -23.23 45.31
N THR K 291 -14.70 -24.49 45.69
CA THR K 291 -15.74 -24.85 46.65
C THR K 291 -15.10 -25.51 47.86
N GLU K 292 -15.79 -25.46 48.99
CA GLU K 292 -15.27 -26.02 50.23
C GLU K 292 -15.72 -27.46 50.44
N LEU K 293 -16.09 -28.12 49.35
CA LEU K 293 -16.51 -29.52 49.40
C LEU K 293 -15.32 -30.42 49.73
N LYS K 294 -15.54 -31.36 50.66
CA LYS K 294 -14.46 -32.24 51.11
C LYS K 294 -14.85 -33.71 51.02
N ASP K 295 -13.84 -34.55 50.77
CA ASP K 295 -14.02 -36.00 50.79
C ASP K 295 -15.22 -36.45 49.97
N ILE K 296 -15.25 -36.06 48.70
CA ILE K 296 -16.38 -36.40 47.84
C ILE K 296 -16.27 -37.80 47.24
N ARG K 297 -17.27 -38.63 47.56
CA ARG K 297 -17.38 -39.96 46.97
C ARG K 297 -18.10 -39.87 45.63
N HIS K 298 -19.12 -39.02 45.58
CA HIS K 298 -19.90 -38.83 44.36
C HIS K 298 -20.78 -37.60 44.44
N ILE K 299 -21.04 -36.99 43.28
CA ILE K 299 -21.92 -35.84 43.19
C ILE K 299 -23.03 -36.08 42.18
N ALA K 300 -24.27 -35.90 42.62
CA ALA K 300 -25.42 -36.00 41.74
C ALA K 300 -26.26 -34.73 41.87
N GLY K 301 -27.20 -34.52 40.95
CA GLY K 301 -28.05 -33.35 41.01
C GLY K 301 -29.13 -33.33 39.95
N GLY K 302 -30.21 -32.63 40.25
CA GLY K 302 -31.28 -32.42 39.28
C GLY K 302 -31.10 -31.10 38.58
N GLN K 303 -32.13 -30.27 38.61
CA GLN K 303 -32.08 -28.96 37.97
C GLN K 303 -31.76 -27.85 38.97
N HIS K 304 -32.44 -27.89 40.12
CA HIS K 304 -32.26 -26.84 41.13
C HIS K 304 -31.85 -27.39 42.49
N HIS K 305 -31.22 -28.57 42.48
CA HIS K 305 -30.72 -29.15 43.72
C HIS K 305 -29.58 -30.12 43.43
N THR K 306 -28.63 -30.20 44.36
CA THR K 306 -27.48 -31.08 44.21
C THR K 306 -27.30 -31.97 45.43
N VAL K 307 -27.18 -33.27 45.20
CA VAL K 307 -26.99 -34.23 46.28
C VAL K 307 -25.53 -34.67 46.35
N ILE K 308 -24.95 -34.58 47.54
CA ILE K 308 -23.53 -34.86 47.73
C ILE K 308 -23.30 -36.07 48.64
N LEU K 309 -22.50 -37.01 48.15
CA LEU K 309 -22.16 -38.20 48.94
C LEU K 309 -20.66 -38.19 49.25
N THR K 310 -20.33 -38.27 50.53
CA THR K 310 -18.93 -38.25 50.96
C THR K 310 -18.38 -39.66 51.14
N THR K 311 -17.09 -39.76 51.41
CA THR K 311 -16.43 -41.05 51.54
C THR K 311 -16.76 -41.74 52.87
N ASP K 312 -17.23 -40.96 53.84
CA ASP K 312 -17.71 -41.53 55.09
C ASP K 312 -19.16 -41.97 54.94
N LEU K 313 -19.64 -41.96 53.69
CA LEU K 313 -20.96 -42.47 53.34
C LEU K 313 -22.11 -41.67 53.95
N LYS K 314 -21.91 -40.37 54.09
CA LYS K 314 -22.96 -39.48 54.57
C LYS K 314 -23.49 -38.60 53.43
N CYS K 315 -24.81 -38.47 53.36
CA CYS K 315 -25.46 -37.77 52.25
C CYS K 315 -25.90 -36.35 52.61
N SER K 316 -25.47 -35.38 51.81
CA SER K 316 -25.80 -33.98 52.03
C SER K 316 -26.43 -33.36 50.78
N VAL K 317 -27.11 -32.24 50.93
CA VAL K 317 -27.81 -31.62 49.80
C VAL K 317 -27.76 -30.09 49.81
N VAL K 318 -28.03 -29.51 48.65
CA VAL K 318 -28.16 -28.05 48.48
C VAL K 318 -29.19 -27.76 47.40
N GLY K 319 -29.72 -26.54 47.39
CA GLY K 319 -30.69 -26.14 46.39
C GLY K 319 -32.01 -25.65 46.97
N ARG K 320 -33.01 -25.50 46.12
CA ARG K 320 -34.32 -25.03 46.55
C ARG K 320 -35.14 -26.16 47.18
N PRO K 321 -35.97 -25.82 48.18
CA PRO K 321 -36.71 -26.78 49.01
C PRO K 321 -38.07 -27.21 48.44
N GLU K 322 -38.55 -26.55 47.39
CA GLU K 322 -39.88 -26.86 46.86
C GLU K 322 -40.05 -28.33 46.50
N TYR K 323 -41.21 -28.88 46.84
CA TYR K 323 -41.55 -30.26 46.54
C TYR K 323 -40.65 -31.25 47.27
N GLY K 324 -39.97 -30.77 48.31
CA GLY K 324 -39.16 -31.60 49.17
C GLY K 324 -38.02 -32.34 48.48
N ARG K 325 -37.47 -31.72 47.44
CA ARG K 325 -36.39 -32.36 46.69
C ARG K 325 -35.11 -32.41 47.51
N LEU K 326 -35.09 -31.70 48.63
CA LEU K 326 -33.92 -31.69 49.52
C LEU K 326 -34.02 -32.78 50.59
N GLY K 327 -35.23 -33.26 50.84
CA GLY K 327 -35.45 -34.31 51.81
C GLY K 327 -35.15 -33.89 53.24
N LEU K 328 -35.30 -32.59 53.52
CA LEU K 328 -35.02 -32.06 54.84
C LEU K 328 -36.29 -31.74 55.61
N GLY K 329 -37.40 -32.33 55.18
CA GLY K 329 -38.68 -32.12 55.84
C GLY K 329 -39.33 -30.81 55.45
N ASP K 330 -39.84 -30.10 56.45
CA ASP K 330 -40.52 -28.81 56.22
C ASP K 330 -39.53 -27.65 56.19
N VAL K 331 -38.89 -27.46 55.05
CA VAL K 331 -37.96 -26.35 54.87
C VAL K 331 -38.47 -25.42 53.77
N LYS K 332 -38.38 -24.12 54.02
CA LYS K 332 -38.89 -23.14 53.07
C LYS K 332 -37.79 -22.19 52.61
N ASP K 333 -36.57 -22.44 53.07
CA ASP K 333 -35.43 -21.60 52.70
C ASP K 333 -34.45 -22.34 51.79
N VAL K 334 -33.95 -21.64 50.79
CA VAL K 334 -32.99 -22.21 49.85
C VAL K 334 -31.67 -22.54 50.55
N VAL K 335 -31.41 -23.82 50.76
CA VAL K 335 -30.20 -24.27 51.43
C VAL K 335 -28.96 -23.93 50.61
N GLU K 336 -28.08 -23.10 51.17
CA GLU K 336 -26.90 -22.63 50.47
C GLU K 336 -25.65 -23.42 50.83
N LYS K 337 -25.57 -23.88 52.06
CA LYS K 337 -24.45 -24.70 52.51
C LYS K 337 -24.88 -26.16 52.67
N PRO K 338 -24.07 -27.08 52.13
CA PRO K 338 -24.36 -28.52 52.17
C PRO K 338 -24.87 -29.00 53.51
N THR K 339 -26.19 -29.16 53.61
CA THR K 339 -26.80 -29.69 54.81
C THR K 339 -26.94 -31.20 54.69
N ILE K 340 -26.60 -31.91 55.77
CA ILE K 340 -26.64 -33.37 55.76
C ILE K 340 -28.03 -33.92 56.06
N VAL K 341 -28.49 -34.84 55.22
CA VAL K 341 -29.80 -35.47 55.40
C VAL K 341 -29.84 -36.32 56.66
N LYS K 342 -30.53 -35.82 57.68
CA LYS K 342 -30.56 -36.46 58.99
C LYS K 342 -31.40 -37.74 59.02
N LYS K 343 -32.47 -37.74 58.24
CA LYS K 343 -33.42 -38.86 58.23
C LYS K 343 -32.77 -40.18 57.81
N LEU K 344 -31.65 -40.09 57.10
CA LEU K 344 -30.90 -41.27 56.69
C LEU K 344 -29.94 -41.72 57.78
N THR K 345 -30.30 -42.82 58.47
CA THR K 345 -29.49 -43.31 59.57
C THR K 345 -28.40 -44.28 59.12
N GLU K 346 -28.64 -44.97 58.01
CA GLU K 346 -27.68 -45.96 57.50
C GLU K 346 -26.58 -45.33 56.67
N LYS K 347 -25.55 -46.13 56.38
CA LYS K 347 -24.48 -45.69 55.49
C LYS K 347 -24.95 -45.71 54.05
N ILE K 348 -24.65 -44.64 53.32
CA ILE K 348 -25.07 -44.52 51.93
C ILE K 348 -23.91 -44.79 50.99
N VAL K 349 -24.12 -45.70 50.05
CA VAL K 349 -23.06 -46.08 49.11
C VAL K 349 -23.32 -45.53 47.70
N SER K 350 -24.48 -44.95 47.50
CA SER K 350 -24.83 -44.40 46.19
C SER K 350 -25.98 -43.41 46.25
N VAL K 351 -25.88 -42.34 45.46
CA VAL K 351 -26.95 -41.36 45.36
C VAL K 351 -27.31 -41.13 43.89
N GLY K 352 -28.52 -40.64 43.66
CA GLY K 352 -28.98 -40.36 42.32
C GLY K 352 -30.02 -39.26 42.30
N CYS K 353 -30.25 -38.68 41.14
CA CYS K 353 -31.20 -37.59 41.02
C CYS K 353 -31.99 -37.60 39.71
N GLY K 354 -33.26 -37.25 39.81
CA GLY K 354 -34.05 -36.89 38.64
C GLY K 354 -34.12 -35.38 38.59
N GLU K 355 -34.84 -34.83 37.62
CA GLU K 355 -34.93 -33.38 37.51
C GLU K 355 -35.31 -32.75 38.86
N VAL K 356 -36.34 -33.29 39.50
CA VAL K 356 -36.78 -32.76 40.78
C VAL K 356 -37.09 -33.89 41.78
N CYS K 357 -36.14 -34.80 41.94
CA CYS K 357 -36.25 -35.89 42.90
C CYS K 357 -34.88 -36.48 43.20
N SER K 358 -34.76 -37.17 44.34
CA SER K 358 -33.46 -37.70 44.75
C SER K 358 -33.56 -39.14 45.24
N TYR K 359 -32.43 -39.84 45.21
CA TYR K 359 -32.38 -41.24 45.65
C TYR K 359 -31.11 -41.52 46.44
N ALA K 360 -31.22 -42.45 47.39
CA ALA K 360 -30.07 -42.90 48.15
C ALA K 360 -30.13 -44.41 48.32
N VAL K 361 -28.99 -45.07 48.14
CA VAL K 361 -28.90 -46.52 48.30
C VAL K 361 -27.99 -46.85 49.47
N THR K 362 -28.54 -47.50 50.48
CA THR K 362 -27.77 -47.83 51.67
C THR K 362 -26.83 -49.01 51.41
N ILE K 363 -25.86 -49.18 52.29
CA ILE K 363 -24.85 -50.22 52.14
C ILE K 363 -25.46 -51.61 52.33
N ASP K 364 -26.59 -51.68 53.02
CA ASP K 364 -27.25 -52.96 53.27
C ASP K 364 -28.25 -53.32 52.18
N GLY K 365 -28.45 -52.42 51.23
CA GLY K 365 -29.27 -52.70 50.06
C GLY K 365 -30.59 -51.95 49.98
N LYS K 366 -30.90 -51.17 51.00
CA LYS K 366 -32.16 -50.41 51.01
C LYS K 366 -32.16 -49.31 49.96
N LEU K 367 -33.35 -48.82 49.65
CA LEU K 367 -33.50 -47.72 48.69
C LEU K 367 -34.41 -46.64 49.24
N TYR K 368 -33.88 -45.43 49.37
CA TYR K 368 -34.67 -44.29 49.83
C TYR K 368 -34.88 -43.30 48.68
N SER K 369 -36.02 -42.65 48.66
CA SER K 369 -36.32 -41.65 47.65
C SER K 369 -37.11 -40.49 48.25
N TRP K 370 -37.12 -39.37 47.56
CA TRP K 370 -37.85 -38.20 48.02
C TRP K 370 -37.90 -37.12 46.93
N GLY K 371 -38.77 -36.13 47.13
CA GLY K 371 -38.95 -35.08 46.15
C GLY K 371 -40.29 -35.16 45.46
N SER K 372 -40.39 -34.59 44.26
CA SER K 372 -41.62 -34.61 43.49
C SER K 372 -42.00 -36.03 43.10
N GLY K 373 -43.22 -36.43 43.44
CA GLY K 373 -43.73 -37.74 43.08
C GLY K 373 -44.82 -37.63 42.02
N VAL K 374 -45.01 -36.42 41.51
CA VAL K 374 -46.08 -36.14 40.55
C VAL K 374 -45.96 -36.98 39.29
N ASN K 375 -44.79 -37.57 39.07
CA ASN K 375 -44.57 -38.40 37.89
C ASN K 375 -44.30 -39.86 38.25
N ASN K 376 -44.58 -40.21 39.50
CA ASN K 376 -44.41 -41.58 39.98
C ASN K 376 -42.98 -42.09 39.81
N GLN K 377 -42.02 -41.18 39.98
CA GLN K 377 -40.62 -41.53 39.89
C GLN K 377 -40.10 -42.08 41.21
N LEU K 378 -40.80 -41.73 42.29
CA LEU K 378 -40.37 -42.09 43.64
C LEU K 378 -40.53 -43.59 43.92
N GLY K 379 -41.39 -44.25 43.15
CA GLY K 379 -41.62 -45.68 43.32
C GLY K 379 -42.31 -46.02 44.62
N VAL K 380 -42.71 -44.98 45.35
CA VAL K 380 -43.43 -45.14 46.61
C VAL K 380 -44.37 -43.95 46.82
N GLY K 381 -45.55 -44.22 47.37
CA GLY K 381 -46.57 -43.19 47.51
C GLY K 381 -47.52 -43.23 46.33
N ASP K 382 -48.41 -42.24 46.26
CA ASP K 382 -49.39 -42.20 45.18
C ASP K 382 -49.30 -40.90 44.41
N GLY K 383 -48.08 -40.49 44.08
CA GLY K 383 -47.86 -39.27 43.34
C GLY K 383 -47.64 -38.08 44.25
N ASP K 384 -47.70 -38.31 45.55
CA ASP K 384 -47.51 -37.25 46.53
C ASP K 384 -46.04 -36.97 46.77
N ASP K 385 -45.70 -35.70 46.96
CA ASP K 385 -44.33 -35.29 47.20
C ASP K 385 -43.84 -35.77 48.55
N GLU K 386 -42.66 -36.41 48.57
CA GLU K 386 -42.06 -36.86 49.82
C GLU K 386 -41.06 -35.82 50.32
N LEU K 387 -41.38 -35.21 51.45
CA LEU K 387 -40.55 -34.13 51.99
C LEU K 387 -39.29 -34.65 52.67
N GLU K 388 -39.26 -35.96 52.93
CA GLU K 388 -38.09 -36.58 53.53
C GLU K 388 -37.92 -38.00 53.02
N PRO K 389 -36.69 -38.55 53.11
CA PRO K 389 -36.38 -39.89 52.58
C PRO K 389 -37.39 -40.96 53.02
N ILE K 390 -37.97 -41.65 52.05
CA ILE K 390 -38.91 -42.73 52.34
C ILE K 390 -38.41 -44.03 51.73
N VAL K 391 -38.34 -45.07 52.53
CA VAL K 391 -37.90 -46.38 52.05
C VAL K 391 -38.88 -46.93 51.02
N VAL K 392 -38.35 -47.63 50.02
CA VAL K 392 -39.17 -48.20 48.95
C VAL K 392 -39.21 -49.72 49.04
N VAL K 393 -40.35 -50.26 49.46
CA VAL K 393 -40.52 -51.70 49.56
C VAL K 393 -41.73 -52.18 48.75
N SER K 394 -41.46 -52.71 47.56
CA SER K 394 -42.50 -53.28 46.71
C SER K 394 -42.15 -54.72 46.37
N LYS K 395 -42.91 -55.30 45.45
CA LYS K 395 -42.71 -56.70 45.07
C LYS K 395 -41.30 -56.94 44.52
N ASN K 396 -40.66 -55.88 44.04
CA ASN K 396 -39.38 -56.00 43.37
C ASN K 396 -38.19 -55.41 44.13
N THR K 397 -38.43 -54.91 45.35
CA THR K 397 -37.36 -54.35 46.15
C THR K 397 -37.22 -55.02 47.51
N GLN K 398 -38.35 -55.39 48.10
CA GLN K 398 -38.35 -55.98 49.44
C GLN K 398 -37.46 -57.21 49.51
N GLY K 399 -36.48 -57.17 50.43
CA GLY K 399 -35.57 -58.27 50.63
C GLY K 399 -34.44 -58.31 49.61
N LYS K 400 -34.50 -57.42 48.63
CA LYS K 400 -33.50 -57.37 47.58
C LYS K 400 -32.43 -56.32 47.86
N HIS K 401 -31.25 -56.49 47.29
CA HIS K 401 -30.14 -55.58 47.52
C HIS K 401 -30.01 -54.59 46.37
N MET K 402 -30.41 -53.34 46.63
CA MET K 402 -30.34 -52.30 45.61
C MET K 402 -28.90 -51.84 45.41
N LEU K 403 -28.59 -51.39 44.20
CA LEU K 403 -27.24 -50.98 43.86
C LEU K 403 -27.16 -49.55 43.33
N LEU K 404 -27.97 -49.27 42.32
CA LEU K 404 -27.91 -47.97 41.65
C LEU K 404 -29.28 -47.32 41.52
N ALA K 405 -29.31 -46.00 41.61
CA ALA K 405 -30.54 -45.25 41.46
C ALA K 405 -30.28 -43.97 40.67
N SER K 406 -30.94 -43.83 39.53
CA SER K 406 -30.79 -42.65 38.69
C SER K 406 -32.12 -42.23 38.09
N GLY K 407 -32.43 -40.94 38.18
CA GLY K 407 -33.69 -40.43 37.66
C GLY K 407 -33.51 -39.61 36.40
N GLY K 408 -34.58 -39.50 35.61
CA GLY K 408 -34.55 -38.71 34.39
C GLY K 408 -35.62 -37.64 34.40
N GLY K 409 -36.18 -37.36 33.23
CA GLY K 409 -37.23 -36.37 33.10
C GLY K 409 -38.47 -36.74 33.91
N GLN K 410 -39.19 -37.75 33.46
CA GLN K 410 -40.42 -38.17 34.11
C GLN K 410 -40.39 -39.63 34.52
N HIS K 411 -39.19 -40.21 34.52
CA HIS K 411 -39.01 -41.61 34.87
C HIS K 411 -37.81 -41.78 35.79
N ALA K 412 -37.58 -43.03 36.21
CA ALA K 412 -36.41 -43.37 37.00
C ALA K 412 -35.95 -44.78 36.66
N ILE K 413 -34.67 -45.04 36.83
CA ILE K 413 -34.11 -46.35 36.54
C ILE K 413 -33.21 -46.83 37.67
N PHE K 414 -33.20 -48.13 37.93
CA PHE K 414 -32.46 -48.69 39.04
C PHE K 414 -31.77 -49.99 38.66
N LEU K 415 -30.77 -50.38 39.44
CA LEU K 415 -30.14 -51.68 39.28
C LEU K 415 -30.16 -52.43 40.60
N VAL K 416 -30.81 -53.59 40.60
CA VAL K 416 -30.91 -54.40 41.81
C VAL K 416 -30.08 -55.67 41.68
N LYS K 417 -29.22 -55.92 42.65
CA LYS K 417 -28.29 -57.05 42.60
C LYS K 417 -28.99 -58.38 42.32
N ALA K 418 -28.42 -59.17 41.42
CA ALA K 418 -29.02 -60.44 41.02
C ALA K 418 -28.49 -61.61 41.84
N ASP K 419 -29.00 -62.80 41.55
CA ASP K 419 -28.60 -64.01 42.25
C ASP K 419 -27.83 -64.95 41.33
N ILE L 29 11.84 8.64 -52.86
CA ILE L 29 13.00 8.24 -52.08
C ILE L 29 13.02 8.93 -50.72
N ALA L 30 13.92 8.50 -49.85
CA ALA L 30 14.06 9.10 -48.52
C ALA L 30 14.94 10.34 -48.58
N PHE L 31 14.52 11.37 -47.85
CA PHE L 31 15.25 12.64 -47.81
C PHE L 31 16.68 12.43 -47.32
N HIS L 32 17.65 12.87 -48.10
CA HIS L 32 19.06 12.71 -47.75
C HIS L 32 19.90 13.85 -48.33
N LEU L 33 20.74 14.45 -47.47
CA LEU L 33 21.60 15.55 -47.87
C LEU L 33 23.05 15.10 -48.03
N GLU L 34 23.77 15.72 -48.96
CA GLU L 34 25.16 15.37 -49.22
C GLU L 34 26.10 16.18 -48.34
N LEU L 35 27.22 15.57 -47.95
CA LEU L 35 28.24 16.30 -47.20
C LEU L 35 28.81 17.43 -48.03
N PRO L 36 28.84 18.64 -47.45
CA PRO L 36 29.27 19.85 -48.17
C PRO L 36 30.70 19.73 -48.68
N LYS L 37 31.00 20.48 -49.73
CA LYS L 37 32.34 20.48 -50.30
C LYS L 37 33.20 21.60 -49.72
N ARG L 38 34.34 21.24 -49.14
CA ARG L 38 35.26 22.22 -48.60
C ARG L 38 35.65 23.24 -49.68
N ARG L 39 35.81 24.50 -49.27
CA ARG L 39 36.26 25.53 -50.20
C ARG L 39 37.63 25.15 -50.74
N THR L 40 37.87 25.47 -52.00
CA THR L 40 39.10 25.05 -52.67
C THR L 40 39.99 26.21 -53.10
N VAL L 41 39.43 27.43 -53.10
CA VAL L 41 40.19 28.61 -53.46
C VAL L 41 41.21 28.95 -52.39
N LEU L 42 42.50 28.81 -52.73
CA LEU L 42 43.58 29.13 -51.78
C LEU L 42 43.61 30.63 -51.49
N GLY L 43 44.07 30.98 -50.30
CA GLY L 43 44.12 32.37 -49.89
C GLY L 43 45.00 32.65 -48.69
N ASN L 44 45.15 33.93 -48.36
CA ASN L 44 45.93 34.36 -47.21
C ASN L 44 45.05 35.05 -46.18
N VAL L 45 45.26 34.72 -44.91
CA VAL L 45 44.44 35.26 -43.83
C VAL L 45 44.86 36.68 -43.44
N LEU L 46 43.87 37.55 -43.26
CA LEU L 46 44.12 38.91 -42.79
C LEU L 46 43.32 39.18 -41.52
N VAL L 47 43.77 40.15 -40.73
CA VAL L 47 43.08 40.54 -39.51
C VAL L 47 43.17 42.04 -39.28
N CYS L 48 42.35 42.54 -38.36
CA CYS L 48 42.44 43.92 -37.92
C CYS L 48 41.54 44.15 -36.70
N GLY L 49 41.89 45.14 -35.89
CA GLY L 49 41.14 45.41 -34.68
C GLY L 49 41.99 45.17 -33.45
N ASN L 50 41.33 45.06 -32.29
CA ASN L 50 42.03 44.80 -31.03
C ASN L 50 42.48 43.35 -30.91
N GLY L 51 43.68 43.15 -30.39
CA GLY L 51 44.23 41.82 -30.22
C GLY L 51 44.80 41.62 -28.83
N ASP L 52 44.11 42.15 -27.83
CA ASP L 52 44.56 42.10 -26.44
C ASP L 52 44.74 40.67 -25.93
N VAL L 53 43.83 39.79 -26.35
CA VAL L 53 43.91 38.39 -25.94
C VAL L 53 44.49 37.53 -27.06
N GLY L 54 45.17 38.17 -28.01
CA GLY L 54 45.84 37.48 -29.08
C GLY L 54 44.93 36.99 -30.19
N GLN L 55 43.82 37.70 -30.40
CA GLN L 55 42.87 37.32 -31.45
C GLN L 55 43.29 37.87 -32.82
N LEU L 56 44.43 38.56 -32.85
CA LEU L 56 44.99 39.03 -34.11
C LEU L 56 46.02 38.04 -34.64
N GLY L 57 46.43 37.11 -33.78
CA GLY L 57 47.39 36.08 -34.15
C GLY L 57 48.72 36.63 -34.64
N LEU L 58 49.07 37.82 -34.17
CA LEU L 58 50.32 38.46 -34.59
C LEU L 58 51.29 38.60 -33.42
N GLY L 59 51.47 37.53 -32.67
CA GLY L 59 52.36 37.55 -31.52
C GLY L 59 51.73 38.29 -30.34
N GLU L 60 52.51 38.49 -29.29
CA GLU L 60 52.00 39.13 -28.08
C GLU L 60 52.48 40.57 -27.94
N ASP L 61 53.14 41.09 -28.97
CA ASP L 61 53.65 42.45 -28.93
C ASP L 61 52.85 43.38 -29.86
N ILE L 62 51.80 42.84 -30.47
CA ILE L 62 50.93 43.62 -31.33
C ILE L 62 49.49 43.55 -30.80
N LEU L 63 49.00 44.69 -30.32
CA LEU L 63 47.70 44.74 -29.67
C LEU L 63 46.63 45.44 -30.50
N GLU L 64 47.05 46.09 -31.58
CA GLU L 64 46.09 46.80 -32.43
C GLU L 64 46.54 46.92 -33.88
N ARG L 65 45.58 46.79 -34.79
CA ARG L 65 45.81 47.00 -36.21
C ARG L 65 44.65 47.76 -36.82
N LYS L 66 44.95 48.91 -37.43
CA LYS L 66 43.92 49.75 -38.03
C LYS L 66 43.70 49.42 -39.51
N ARG L 67 44.65 48.69 -40.09
CA ARG L 67 44.56 48.26 -41.48
C ARG L 67 44.74 46.75 -41.57
N LEU L 68 44.11 46.12 -42.56
CA LEU L 68 44.20 44.68 -42.73
C LEU L 68 45.66 44.22 -42.75
N SER L 69 45.98 43.24 -41.90
CA SER L 69 47.36 42.76 -41.79
C SER L 69 47.45 41.25 -41.99
N PRO L 70 48.52 40.80 -42.65
CA PRO L 70 48.77 39.38 -42.93
C PRO L 70 49.00 38.57 -41.66
N VAL L 71 48.66 37.28 -41.71
CA VAL L 71 48.91 36.37 -40.59
C VAL L 71 49.74 35.18 -41.06
N ALA L 72 51.00 35.14 -40.62
CA ALA L 72 51.90 34.07 -41.03
C ALA L 72 51.75 32.84 -40.15
N GLY L 73 52.10 31.68 -40.70
CA GLY L 73 52.05 30.44 -39.95
C GLY L 73 51.02 29.44 -40.47
N ILE L 74 50.08 29.93 -41.25
CA ILE L 74 49.01 29.07 -41.78
C ILE L 74 49.20 28.82 -43.26
N PRO L 75 49.44 27.55 -43.63
CA PRO L 75 49.67 27.14 -45.02
C PRO L 75 48.39 26.85 -45.78
N ASP L 76 48.22 27.49 -46.93
CA ASP L 76 47.09 27.23 -47.82
C ASP L 76 45.74 27.27 -47.09
N ALA L 77 45.36 28.45 -46.63
CA ALA L 77 44.07 28.63 -45.97
C ALA L 77 42.95 28.75 -47.00
N VAL L 78 41.81 28.13 -46.71
CA VAL L 78 40.68 28.13 -47.66
C VAL L 78 39.39 28.68 -47.04
N ASP L 79 39.33 28.71 -45.71
CA ASP L 79 38.12 29.18 -45.03
C ASP L 79 38.43 29.74 -43.65
N ILE L 80 37.68 30.77 -43.25
CA ILE L 80 37.88 31.42 -41.97
C ILE L 80 36.61 31.40 -41.12
N SER L 81 36.77 31.65 -39.82
CA SER L 81 35.63 31.73 -38.91
C SER L 81 36.01 32.52 -37.66
N ALA L 82 35.34 33.64 -37.45
CA ALA L 82 35.64 34.52 -36.33
C ALA L 82 34.72 34.27 -35.14
N GLY L 83 35.32 34.08 -33.96
CA GLY L 83 34.57 33.95 -32.74
C GLY L 83 34.55 35.27 -31.99
N GLY L 84 34.17 35.22 -30.71
CA GLY L 84 34.13 36.41 -29.90
C GLY L 84 35.52 36.96 -29.64
N MET L 85 36.39 36.11 -29.12
CA MET L 85 37.75 36.52 -28.78
C MET L 85 38.78 35.58 -29.40
N HIS L 86 38.39 34.84 -30.44
CA HIS L 86 39.31 33.93 -31.11
C HIS L 86 38.93 33.68 -32.56
N ASN L 87 39.73 32.87 -33.23
CA ASN L 87 39.50 32.56 -34.65
C ASN L 87 39.87 31.13 -34.98
N LEU L 88 39.19 30.57 -35.98
CA LEU L 88 39.54 29.28 -36.53
C LEU L 88 39.87 29.44 -38.00
N VAL L 89 40.76 28.61 -38.51
CA VAL L 89 41.14 28.66 -39.92
C VAL L 89 41.24 27.25 -40.50
N LEU L 90 40.71 27.08 -41.71
CA LEU L 90 40.74 25.78 -42.37
C LEU L 90 41.69 25.81 -43.56
N THR L 91 42.47 24.75 -43.72
CA THR L 91 43.41 24.67 -44.82
C THR L 91 42.90 23.76 -45.94
N LYS L 92 43.54 23.84 -47.10
CA LYS L 92 43.15 23.04 -48.26
C LYS L 92 43.18 21.55 -47.95
N SER L 93 44.08 21.15 -47.06
CA SER L 93 44.23 19.75 -46.68
C SER L 93 43.20 19.33 -45.63
N GLY L 94 42.56 20.31 -45.03
CA GLY L 94 41.51 20.04 -44.03
C GLY L 94 41.95 20.31 -42.61
N ASP L 95 43.17 20.79 -42.44
CA ASP L 95 43.70 21.09 -41.11
C ASP L 95 43.11 22.37 -40.54
N ILE L 96 43.02 22.43 -39.22
CA ILE L 96 42.46 23.61 -38.55
C ILE L 96 43.49 24.29 -37.64
N TYR L 97 43.69 25.59 -37.88
CA TYR L 97 44.56 26.39 -37.03
C TYR L 97 43.71 27.39 -36.22
N SER L 98 44.10 27.59 -34.97
CA SER L 98 43.35 28.49 -34.09
C SER L 98 44.28 29.45 -33.35
N PHE L 99 43.71 30.55 -32.87
CA PHE L 99 44.45 31.51 -32.06
C PHE L 99 43.49 32.52 -31.43
N GLY L 100 43.87 33.01 -30.25
CA GLY L 100 43.03 33.96 -29.52
C GLY L 100 42.85 33.54 -28.07
N CYS L 101 41.87 34.12 -27.40
CA CYS L 101 41.61 33.79 -26.01
C CYS L 101 41.26 32.32 -25.84
N ASN L 102 41.99 31.64 -24.97
CA ASN L 102 41.80 30.21 -24.74
C ASN L 102 41.43 29.93 -23.29
N ASP L 103 40.86 30.93 -22.63
CA ASP L 103 40.50 30.83 -21.22
C ASP L 103 39.42 29.77 -20.98
N GLU L 104 38.77 29.34 -22.06
CA GLU L 104 37.71 28.35 -21.96
C GLU L 104 38.01 27.11 -22.79
N GLY L 105 39.13 27.14 -23.52
CA GLY L 105 39.52 26.03 -24.36
C GLY L 105 39.01 26.19 -25.77
N ALA L 106 38.66 27.42 -26.13
CA ALA L 106 38.08 27.69 -27.44
C ALA L 106 39.04 27.37 -28.59
N LEU L 107 40.32 27.30 -28.28
CA LEU L 107 41.33 27.02 -29.29
C LEU L 107 41.49 25.53 -29.55
N GLY L 108 41.18 24.72 -28.54
CA GLY L 108 41.26 23.27 -28.67
C GLY L 108 42.68 22.76 -28.81
N ARG L 109 43.59 23.37 -28.06
CA ARG L 109 45.00 22.95 -28.09
C ARG L 109 45.75 23.46 -26.88
N ASP L 110 46.90 22.85 -26.60
CA ASP L 110 47.72 23.21 -25.45
C ASP L 110 48.23 24.64 -25.53
N THR L 111 47.63 25.52 -24.73
CA THR L 111 48.05 26.92 -24.67
C THR L 111 49.07 27.10 -23.55
N SER L 112 49.73 26.01 -23.19
CA SER L 112 50.66 25.99 -22.05
C SER L 112 51.83 26.94 -22.24
N GLU L 113 52.59 26.75 -23.33
CA GLU L 113 53.77 27.56 -23.59
C GLU L 113 53.44 29.05 -23.58
N ASP L 114 54.43 29.86 -23.23
CA ASP L 114 54.25 31.31 -23.17
C ASP L 114 54.01 31.89 -24.55
N GLY L 115 52.97 32.73 -24.66
CA GLY L 115 52.65 33.39 -25.91
C GLY L 115 52.43 32.43 -27.08
N SER L 116 51.73 31.34 -26.80
CA SER L 116 51.43 30.35 -27.83
C SER L 116 49.98 30.46 -28.31
N GLU L 117 49.19 31.22 -27.56
CA GLU L 117 47.78 31.42 -27.90
C GLU L 117 47.61 32.60 -28.85
N SER L 118 48.65 33.41 -28.97
CA SER L 118 48.61 34.59 -29.83
C SER L 118 49.21 34.32 -31.21
N LYS L 119 49.47 33.05 -31.49
CA LYS L 119 49.98 32.64 -32.80
C LYS L 119 49.26 31.38 -33.27
N PRO L 120 48.94 31.33 -34.57
CA PRO L 120 48.19 30.20 -35.15
C PRO L 120 48.93 28.89 -35.04
N ASP L 121 48.26 27.87 -34.47
CA ASP L 121 48.86 26.55 -34.36
C ASP L 121 47.83 25.46 -34.67
N LEU L 122 48.32 24.24 -34.91
CA LEU L 122 47.46 23.14 -35.36
C LEU L 122 46.61 22.55 -34.24
N ILE L 123 45.48 21.96 -34.62
CA ILE L 123 44.61 21.26 -33.69
C ILE L 123 44.64 19.76 -34.00
N ASP L 124 44.65 18.95 -32.95
CA ASP L 124 44.72 17.51 -33.12
C ASP L 124 43.33 16.90 -33.31
N LEU L 125 43.02 16.52 -34.55
CA LEU L 125 41.72 15.97 -34.88
C LEU L 125 41.84 14.56 -35.48
N PRO L 126 40.79 13.74 -35.28
CA PRO L 126 40.73 12.37 -35.79
C PRO L 126 40.63 12.31 -37.32
N GLY L 127 40.78 13.45 -37.98
CA GLY L 127 40.74 13.51 -39.43
C GLY L 127 40.86 14.91 -39.97
N LYS L 128 40.33 15.13 -41.17
CA LYS L 128 40.34 16.45 -41.79
C LYS L 128 38.92 17.00 -41.86
N ALA L 129 38.79 18.32 -41.72
CA ALA L 129 37.47 18.94 -41.60
C ALA L 129 36.96 19.55 -42.91
N LEU L 130 35.65 19.71 -42.99
CA LEU L 130 35.00 20.31 -44.16
C LEU L 130 34.52 21.72 -43.84
N CYS L 131 33.96 21.89 -42.65
CA CYS L 131 33.43 23.18 -42.22
C CYS L 131 33.91 23.57 -40.83
N ILE L 132 33.89 24.87 -40.55
CA ILE L 132 34.25 25.37 -39.22
C ILE L 132 33.26 26.43 -38.75
N SER L 133 33.10 26.53 -37.43
CA SER L 133 32.24 27.55 -36.83
C SER L 133 32.76 27.88 -35.43
N ALA L 134 32.50 29.11 -34.99
CA ALA L 134 32.99 29.55 -33.69
C ALA L 134 32.05 30.55 -33.04
N GLY L 135 32.01 30.54 -31.70
CA GLY L 135 31.20 31.47 -30.95
C GLY L 135 32.06 32.31 -30.02
N ASP L 136 31.48 32.73 -28.90
CA ASP L 136 32.21 33.55 -27.94
C ASP L 136 33.22 32.72 -27.14
N SER L 137 32.84 31.50 -26.77
CA SER L 137 33.68 30.67 -25.92
C SER L 137 33.82 29.24 -26.43
N HIS L 138 33.37 29.00 -27.66
CA HIS L 138 33.39 27.66 -28.21
C HIS L 138 33.74 27.61 -29.69
N SER L 139 34.04 26.42 -30.18
CA SER L 139 34.33 26.20 -31.59
C SER L 139 33.80 24.84 -32.00
N ALA L 140 33.59 24.66 -33.30
CA ALA L 140 33.07 23.41 -33.83
C ALA L 140 33.51 23.17 -35.26
N CYS L 141 33.49 21.92 -35.69
CA CYS L 141 33.86 21.57 -37.06
C CYS L 141 33.11 20.34 -37.53
N LEU L 142 32.99 20.20 -38.85
CA LEU L 142 32.36 19.03 -39.45
C LEU L 142 33.40 18.22 -40.21
N LEU L 143 33.84 17.11 -39.64
CA LEU L 143 34.88 16.29 -40.25
C LEU L 143 34.45 15.75 -41.62
N GLU L 144 35.41 15.19 -42.34
CA GLU L 144 35.19 14.75 -43.71
C GLU L 144 34.39 13.45 -43.77
N ASP L 145 33.95 12.98 -42.61
CA ASP L 145 33.19 11.74 -42.53
C ASP L 145 31.79 11.96 -41.96
N GLY L 146 31.47 13.20 -41.61
CA GLY L 146 30.15 13.53 -41.12
C GLY L 146 30.08 13.74 -39.62
N ARG L 147 31.20 13.58 -38.93
CA ARG L 147 31.24 13.76 -37.49
C ARG L 147 31.38 15.23 -37.11
N VAL L 148 30.71 15.62 -36.02
CA VAL L 148 30.80 16.98 -35.52
C VAL L 148 31.61 17.03 -34.23
N PHE L 149 32.78 17.65 -34.30
CA PHE L 149 33.61 17.83 -33.12
C PHE L 149 33.54 19.25 -32.60
N ALA L 150 33.49 19.40 -31.28
CA ALA L 150 33.40 20.71 -30.65
C ALA L 150 34.32 20.80 -29.44
N TRP L 151 34.64 22.03 -29.04
CA TRP L 151 35.46 22.25 -27.86
C TRP L 151 35.20 23.63 -27.27
N GLY L 152 35.76 23.88 -26.09
CA GLY L 152 35.50 25.12 -25.37
C GLY L 152 34.29 24.94 -24.46
N SER L 153 33.39 25.92 -24.49
CA SER L 153 32.17 25.84 -23.68
C SER L 153 31.15 26.91 -24.04
N PHE L 154 29.95 26.78 -23.48
CA PHE L 154 28.91 27.77 -23.67
C PHE L 154 28.75 28.60 -22.40
N ARG L 155 27.99 29.68 -22.48
CA ARG L 155 27.88 30.61 -21.36
C ARG L 155 26.54 31.33 -21.33
N ASP L 156 25.76 31.08 -20.28
CA ASP L 156 24.50 31.80 -20.08
C ASP L 156 24.69 32.95 -19.10
N SER L 157 23.59 33.44 -18.53
CA SER L 157 23.64 34.57 -17.62
C SER L 157 24.34 34.21 -16.30
N HIS L 158 24.27 32.95 -15.91
CA HIS L 158 24.85 32.50 -14.65
C HIS L 158 26.31 32.08 -14.80
N GLY L 159 26.96 32.57 -15.85
CA GLY L 159 28.37 32.27 -16.07
C GLY L 159 28.58 31.08 -16.98
N ASN L 160 29.69 30.38 -16.75
CA ASN L 160 30.07 29.24 -17.58
C ASN L 160 29.06 28.08 -17.47
N MET L 161 28.91 27.34 -18.56
CA MET L 161 28.02 26.18 -18.58
C MET L 161 28.79 24.91 -18.88
N GLY L 162 29.82 25.04 -19.71
CA GLY L 162 30.57 23.89 -20.19
C GLY L 162 30.03 23.43 -21.53
N LEU L 163 30.84 22.67 -22.27
CA LEU L 163 30.42 22.16 -23.57
C LEU L 163 29.36 21.07 -23.40
N THR L 164 29.70 20.06 -22.62
CA THR L 164 28.74 19.04 -22.24
C THR L 164 28.30 19.27 -20.80
N ILE L 165 27.40 18.44 -20.30
CA ILE L 165 26.90 18.59 -18.94
C ILE L 165 28.02 18.40 -17.92
N ASP L 166 29.14 17.86 -18.38
CA ASP L 166 30.30 17.63 -17.52
C ASP L 166 31.09 18.92 -17.28
N GLY L 167 31.22 19.74 -18.33
CA GLY L 167 31.94 20.99 -18.23
C GLY L 167 32.69 21.33 -19.51
N ASN L 168 33.78 22.08 -19.37
CA ASN L 168 34.58 22.48 -20.52
C ASN L 168 35.19 21.30 -21.26
N LYS L 169 35.70 21.56 -22.46
CA LYS L 169 36.39 20.55 -23.24
C LYS L 169 37.60 21.15 -23.95
N ARG L 170 38.70 21.25 -23.23
CA ARG L 170 39.93 21.83 -23.76
C ARG L 170 40.30 21.17 -25.09
N THR L 171 40.09 19.86 -25.17
CA THR L 171 40.37 19.11 -26.39
C THR L 171 39.09 18.70 -27.10
N PRO L 172 39.09 18.73 -28.44
CA PRO L 172 37.92 18.42 -29.28
C PRO L 172 37.29 17.08 -28.95
N ILE L 173 35.96 17.03 -28.96
CA ILE L 173 35.22 15.80 -28.73
C ILE L 173 34.06 15.66 -29.70
N ASP L 174 33.68 14.43 -30.02
CA ASP L 174 32.52 14.19 -30.87
C ASP L 174 31.24 14.53 -30.12
N LEU L 175 30.42 15.39 -30.71
CA LEU L 175 29.22 15.87 -30.06
C LEU L 175 27.98 15.09 -30.51
N MET L 176 27.92 14.81 -31.80
CA MET L 176 26.83 14.02 -32.36
C MET L 176 27.33 12.61 -32.71
N GLU L 177 27.64 11.83 -31.68
CA GLU L 177 28.23 10.52 -31.88
C GLU L 177 27.24 9.55 -32.50
N GLY L 178 27.68 8.85 -33.55
CA GLY L 178 26.84 7.90 -34.24
C GLY L 178 25.80 8.57 -35.12
N THR L 179 26.05 9.82 -35.51
CA THR L 179 25.12 10.57 -36.33
C THR L 179 25.84 11.29 -37.47
N VAL L 180 25.44 11.00 -38.70
CA VAL L 180 26.05 11.64 -39.86
C VAL L 180 25.45 13.03 -40.05
N CYS L 181 26.31 14.05 -39.98
CA CYS L 181 25.88 15.44 -40.10
C CYS L 181 26.43 16.09 -41.36
N CYS L 182 25.84 17.21 -41.76
CA CYS L 182 26.19 17.85 -43.02
C CYS L 182 26.32 19.36 -42.93
N SER L 183 26.09 19.93 -41.75
CA SER L 183 26.18 21.38 -41.59
C SER L 183 26.22 21.81 -40.13
N ILE L 184 26.92 22.90 -39.85
CA ILE L 184 27.01 23.45 -38.50
C ILE L 184 26.93 24.98 -38.52
N ALA L 185 26.34 25.56 -37.49
CA ALA L 185 26.26 27.00 -37.34
C ALA L 185 26.43 27.39 -35.88
N SER L 186 27.21 28.43 -35.63
CA SER L 186 27.46 28.87 -34.26
C SER L 186 26.95 30.28 -33.98
N GLY L 187 26.28 30.43 -32.84
CA GLY L 187 25.91 31.74 -32.35
C GLY L 187 26.90 32.17 -31.29
N ALA L 188 26.55 33.20 -30.53
CA ALA L 188 27.40 33.66 -29.45
C ALA L 188 27.69 32.51 -28.49
N ASP L 189 26.63 31.81 -28.08
CA ASP L 189 26.76 30.73 -27.12
C ASP L 189 25.80 29.57 -27.37
N HIS L 190 25.54 29.29 -28.64
CA HIS L 190 24.75 28.12 -29.01
C HIS L 190 25.26 27.51 -30.31
N LEU L 191 25.10 26.20 -30.45
CA LEU L 191 25.55 25.50 -31.64
C LEU L 191 24.37 24.84 -32.37
N VAL L 192 24.35 25.00 -33.70
CA VAL L 192 23.29 24.44 -34.52
C VAL L 192 23.87 23.38 -35.45
N ILE L 193 23.18 22.24 -35.55
CA ILE L 193 23.67 21.11 -36.32
C ILE L 193 22.60 20.54 -37.24
N LEU L 194 22.99 20.21 -38.47
CA LEU L 194 22.08 19.64 -39.45
C LEU L 194 22.53 18.24 -39.86
N THR L 195 21.63 17.27 -39.69
CA THR L 195 21.94 15.89 -40.04
C THR L 195 21.63 15.63 -41.51
N THR L 196 22.22 14.58 -42.06
CA THR L 196 22.01 14.22 -43.46
C THR L 196 20.56 13.83 -43.73
N ALA L 197 19.79 13.65 -42.66
CA ALA L 197 18.38 13.29 -42.79
C ALA L 197 17.50 14.54 -42.75
N GLY L 198 18.13 15.70 -42.59
CA GLY L 198 17.42 16.96 -42.55
C GLY L 198 16.97 17.34 -41.15
N LYS L 199 17.48 16.64 -40.16
CA LYS L 199 17.14 16.92 -38.76
C LYS L 199 18.04 18.00 -38.18
N VAL L 200 17.43 18.95 -37.47
CA VAL L 200 18.17 20.04 -36.84
C VAL L 200 18.37 19.80 -35.35
N PHE L 201 19.58 20.06 -34.87
CA PHE L 201 19.90 19.93 -33.46
C PHE L 201 20.53 21.20 -32.91
N THR L 202 20.10 21.61 -31.73
CA THR L 202 20.65 22.80 -31.08
C THR L 202 21.18 22.46 -29.69
N VAL L 203 22.20 23.21 -29.26
CA VAL L 203 22.80 22.99 -27.95
C VAL L 203 23.49 24.26 -27.46
N GLY L 204 23.39 24.53 -26.16
CA GLY L 204 24.03 25.69 -25.56
C GLY L 204 23.06 26.58 -24.83
N CYS L 205 23.41 27.87 -24.70
CA CYS L 205 22.56 28.84 -24.04
C CYS L 205 21.18 28.91 -24.71
N ALA L 206 20.15 29.22 -23.93
CA ALA L 206 18.78 29.21 -24.45
C ALA L 206 17.96 30.40 -23.96
N GLU L 207 18.59 31.27 -23.17
CA GLU L 207 17.88 32.37 -22.53
C GLU L 207 17.28 33.39 -23.51
N GLN L 208 17.65 33.26 -24.78
CA GLN L 208 17.10 34.13 -25.82
C GLN L 208 16.22 33.34 -26.79
N GLY L 209 16.16 32.03 -26.58
CA GLY L 209 15.35 31.17 -27.43
C GLY L 209 16.09 30.71 -28.67
N GLN L 210 17.41 30.83 -28.64
CA GLN L 210 18.23 30.43 -29.78
C GLN L 210 18.21 28.92 -30.02
N LEU L 211 17.83 28.16 -28.99
CA LEU L 211 17.74 26.71 -29.14
C LEU L 211 16.43 26.33 -29.83
N GLY L 212 15.40 27.12 -29.60
CA GLY L 212 14.12 26.93 -30.27
C GLY L 212 13.34 25.70 -29.84
N ARG L 213 13.76 25.07 -28.74
CA ARG L 213 13.16 23.81 -28.33
C ARG L 213 12.95 23.70 -26.81
N LEU L 214 12.66 24.82 -26.15
CA LEU L 214 12.46 24.81 -24.70
C LEU L 214 11.43 25.83 -24.23
N SER L 215 10.77 25.51 -23.13
CA SER L 215 9.77 26.40 -22.54
C SER L 215 10.42 27.54 -21.78
N GLU L 216 9.73 28.66 -21.69
CA GLU L 216 10.26 29.84 -21.01
C GLU L 216 10.76 29.54 -19.60
N ARG L 217 10.15 28.53 -18.95
CA ARG L 217 10.50 28.19 -17.58
C ARG L 217 11.68 27.24 -17.46
N SER L 218 12.27 26.87 -18.60
CA SER L 218 13.38 25.92 -18.60
C SER L 218 14.62 26.44 -19.31
N ILE L 219 14.51 27.62 -19.92
CA ILE L 219 15.62 28.16 -20.71
C ILE L 219 16.78 28.67 -19.85
N SER L 220 16.46 29.09 -18.62
CA SER L 220 17.50 29.54 -17.70
C SER L 220 18.25 28.36 -17.08
N GLY L 221 17.73 27.16 -17.31
CA GLY L 221 18.35 25.95 -16.81
C GLY L 221 18.18 25.77 -15.31
N GLU L 222 17.11 26.33 -14.77
CA GLU L 222 16.88 26.29 -13.32
C GLU L 222 15.76 25.33 -12.94
N GLY L 223 15.42 24.42 -13.85
CA GLY L 223 14.40 23.42 -13.58
C GLY L 223 14.95 22.27 -12.74
N ARG L 224 14.15 21.22 -12.58
CA ARG L 224 14.59 20.05 -11.84
C ARG L 224 15.70 19.32 -12.60
N ARG L 225 15.71 19.48 -13.92
CA ARG L 225 16.70 18.82 -14.77
C ARG L 225 17.91 19.70 -15.01
N GLY L 226 18.01 20.80 -14.26
CA GLY L 226 19.14 21.70 -14.34
C GLY L 226 19.42 22.19 -15.75
N LYS L 227 20.59 21.83 -16.27
CA LYS L 227 21.00 22.26 -17.60
C LYS L 227 21.25 21.07 -18.52
N ARG L 228 20.77 19.91 -18.12
CA ARG L 228 20.97 18.68 -18.88
C ARG L 228 20.32 18.73 -20.27
N ASP L 229 19.25 19.51 -20.38
CA ASP L 229 18.53 19.62 -21.65
C ASP L 229 19.15 20.68 -22.56
N LEU L 230 19.90 21.62 -21.97
CA LEU L 230 20.58 22.63 -22.76
C LEU L 230 21.88 22.06 -23.32
N LEU L 231 22.57 21.27 -22.51
CA LEU L 231 23.91 20.81 -22.85
C LEU L 231 23.95 19.45 -23.54
N ARG L 232 22.78 18.92 -23.87
CA ARG L 232 22.72 17.70 -24.68
C ARG L 232 22.11 18.04 -26.02
N PRO L 233 22.85 17.82 -27.11
CA PRO L 233 22.34 18.10 -28.45
C PRO L 233 20.97 17.45 -28.65
N THR L 234 19.91 18.25 -28.63
CA THR L 234 18.56 17.75 -28.78
C THR L 234 17.92 18.30 -30.05
N GLN L 235 17.07 17.50 -30.68
CA GLN L 235 16.49 17.87 -31.97
C GLN L 235 15.49 19.02 -31.87
N LEU L 236 15.60 19.96 -32.81
CA LEU L 236 14.64 21.05 -32.93
C LEU L 236 13.48 20.59 -33.80
N ILE L 237 12.28 20.62 -33.23
CA ILE L 237 11.11 20.05 -33.90
C ILE L 237 10.00 21.06 -34.15
N ILE L 238 9.62 21.22 -35.42
CA ILE L 238 8.46 22.01 -35.79
C ILE L 238 7.37 21.07 -36.28
N THR L 239 6.41 20.79 -35.39
CA THR L 239 5.35 19.82 -35.69
C THR L 239 4.73 20.05 -37.06
N ARG L 240 4.65 18.98 -37.85
CA ARG L 240 4.13 19.04 -39.20
C ARG L 240 4.91 20.06 -40.03
N ALA L 241 6.09 19.64 -40.48
CA ALA L 241 6.96 20.46 -41.29
C ALA L 241 8.05 19.61 -41.94
N LYS L 242 8.31 19.86 -43.22
CA LYS L 242 9.28 19.06 -43.97
C LYS L 242 10.67 19.15 -43.36
N PRO L 243 11.54 18.18 -43.69
CA PRO L 243 12.93 18.19 -43.25
C PRO L 243 13.64 19.47 -43.69
N PHE L 244 14.66 19.89 -42.94
CA PHE L 244 15.39 21.11 -43.27
C PHE L 244 16.61 20.83 -44.12
N GLU L 245 16.98 21.78 -44.97
CA GLU L 245 18.08 21.59 -45.91
C GLU L 245 19.26 22.50 -45.62
N ALA L 246 19.03 23.56 -44.83
CA ALA L 246 20.09 24.52 -44.54
C ALA L 246 19.86 25.23 -43.21
N ILE L 247 20.95 25.58 -42.54
CA ILE L 247 20.89 26.25 -41.25
C ILE L 247 21.85 27.44 -41.19
N TRP L 248 21.43 28.48 -40.49
CA TRP L 248 22.29 29.63 -40.23
C TRP L 248 22.10 30.09 -38.79
N ALA L 249 23.06 30.84 -38.28
CA ALA L 249 22.98 31.36 -36.92
C ALA L 249 23.70 32.69 -36.79
N THR L 250 23.04 33.64 -36.13
CA THR L 250 23.69 34.89 -35.74
C THR L 250 24.10 34.74 -34.28
N ASN L 251 24.35 35.84 -33.60
CA ASN L 251 24.77 35.79 -32.21
C ASN L 251 23.74 35.14 -31.29
N TYR L 252 22.47 35.47 -31.51
CA TYR L 252 21.40 34.95 -30.66
C TYR L 252 20.20 34.50 -31.47
N CYS L 253 20.44 34.03 -32.69
CA CYS L 253 19.36 33.59 -33.56
C CYS L 253 19.73 32.31 -34.29
N THR L 254 18.70 31.54 -34.67
CA THR L 254 18.89 30.33 -35.45
C THR L 254 17.91 30.31 -36.61
N PHE L 255 18.43 30.15 -37.83
CA PHE L 255 17.60 30.15 -39.03
C PHE L 255 17.63 28.79 -39.72
N MET L 256 16.51 28.42 -40.33
CA MET L 256 16.39 27.13 -40.99
C MET L 256 15.63 27.25 -42.29
N ARG L 257 15.90 26.36 -43.23
CA ARG L 257 15.12 26.31 -44.47
C ARG L 257 14.44 24.96 -44.63
N GLU L 258 13.12 24.97 -44.52
CA GLU L 258 12.31 23.77 -44.71
C GLU L 258 12.32 23.37 -46.17
N SER L 259 12.63 22.10 -46.44
CA SER L 259 12.66 21.60 -47.82
C SER L 259 11.28 21.70 -48.46
N GLN L 260 11.24 21.59 -49.78
CA GLN L 260 9.99 21.72 -50.54
C GLN L 260 9.41 23.13 -50.44
N THR L 261 8.82 23.44 -49.30
CA THR L 261 8.18 24.73 -49.10
C THR L 261 9.18 25.88 -49.20
N GLN L 262 10.45 25.59 -48.95
CA GLN L 262 11.51 26.58 -49.06
C GLN L 262 11.34 27.74 -48.07
N VAL L 263 10.47 27.55 -47.09
CA VAL L 263 10.23 28.59 -46.08
C VAL L 263 11.39 28.68 -45.10
N ILE L 264 11.72 29.90 -44.69
CA ILE L 264 12.77 30.12 -43.71
C ILE L 264 12.17 30.26 -42.31
N TRP L 265 12.52 29.33 -41.43
CA TRP L 265 12.08 29.37 -40.03
C TRP L 265 13.13 30.03 -39.16
N ALA L 266 12.69 30.93 -38.28
CA ALA L 266 13.61 31.66 -37.41
C ALA L 266 13.20 31.57 -35.94
N THR L 267 14.20 31.56 -35.06
CA THR L 267 13.96 31.55 -33.62
C THR L 267 15.12 32.22 -32.89
N GLY L 268 14.82 32.85 -31.75
CA GLY L 268 15.84 33.49 -30.95
C GLY L 268 15.53 34.94 -30.65
N LEU L 269 16.54 35.67 -30.17
CA LEU L 269 16.37 37.08 -29.81
C LEU L 269 15.78 37.87 -30.97
N ASN L 270 14.84 38.76 -30.65
CA ASN L 270 14.16 39.55 -31.67
C ASN L 270 13.78 40.93 -31.15
N ASN L 271 14.47 41.37 -30.11
CA ASN L 271 14.18 42.67 -29.51
C ASN L 271 14.48 43.84 -30.44
N PHE L 272 15.12 43.54 -31.56
CA PHE L 272 15.40 44.54 -32.58
C PHE L 272 15.05 44.01 -33.96
N LYS L 273 14.15 43.04 -34.01
CA LYS L 273 13.69 42.45 -35.27
C LYS L 273 14.81 41.72 -36.00
N GLN L 274 15.72 41.10 -35.25
CA GLN L 274 16.81 40.35 -35.85
C GLN L 274 16.29 39.19 -36.68
N LEU L 275 15.09 38.72 -36.36
CA LEU L 275 14.51 37.58 -37.06
C LEU L 275 13.84 37.98 -38.38
N ALA L 276 13.76 39.28 -38.62
CA ALA L 276 13.19 39.82 -39.85
C ALA L 276 11.66 39.72 -39.90
N HIS L 277 11.08 38.99 -38.95
CA HIS L 277 9.63 38.90 -38.83
C HIS L 277 9.18 39.40 -37.46
N GLU L 278 7.87 39.54 -37.28
CA GLU L 278 7.32 40.05 -36.03
C GLU L 278 7.00 38.94 -35.03
N THR L 279 7.26 39.22 -33.76
CA THR L 279 6.85 38.33 -32.68
C THR L 279 5.86 39.06 -31.78
N LYS L 280 4.57 38.77 -31.97
CA LYS L 280 3.50 39.47 -31.27
C LYS L 280 3.82 39.85 -29.82
N GLY L 281 4.21 41.10 -29.62
CA GLY L 281 4.45 41.63 -28.30
C GLY L 281 5.45 40.85 -27.47
N LYS L 282 6.47 40.31 -28.13
CA LYS L 282 7.52 39.57 -27.44
C LYS L 282 8.91 40.04 -27.88
N GLU L 283 9.86 39.99 -26.95
CA GLU L 283 11.22 40.43 -27.23
C GLU L 283 12.05 39.33 -27.87
N PHE L 284 11.53 38.10 -27.84
CA PHE L 284 12.23 36.97 -28.43
C PHE L 284 11.27 35.89 -28.92
N ALA L 285 11.82 34.85 -29.54
CA ALA L 285 11.02 33.72 -30.00
C ALA L 285 11.60 32.41 -29.49
N LEU L 286 10.85 31.73 -28.64
CA LEU L 286 11.30 30.49 -28.02
C LEU L 286 11.21 29.31 -29.00
N THR L 287 10.24 29.36 -29.90
CA THR L 287 10.07 28.32 -30.91
C THR L 287 9.96 28.95 -32.30
N PRO L 288 10.52 28.25 -33.30
CA PRO L 288 10.63 28.75 -34.68
C PRO L 288 9.33 29.33 -35.23
N ILE L 289 9.46 30.39 -36.02
CA ILE L 289 8.31 31.02 -36.68
C ILE L 289 8.60 31.20 -38.16
N LYS L 290 7.54 31.27 -38.97
CA LYS L 290 7.68 31.50 -40.40
C LYS L 290 8.11 32.93 -40.69
N THR L 291 9.17 33.08 -41.48
CA THR L 291 9.58 34.39 -41.95
C THR L 291 9.29 34.52 -43.44
N GLU L 292 9.13 35.76 -43.90
CA GLU L 292 8.84 36.02 -45.30
C GLU L 292 10.13 36.18 -46.09
N LEU L 293 11.20 35.58 -45.57
CA LEU L 293 12.49 35.58 -46.25
C LEU L 293 12.46 34.65 -47.46
N LYS L 294 12.93 35.15 -48.60
CA LYS L 294 12.96 34.36 -49.82
C LYS L 294 14.30 34.48 -50.52
N ASP L 295 14.69 33.42 -51.21
CA ASP L 295 15.95 33.41 -51.96
C ASP L 295 17.13 33.75 -51.08
N ILE L 296 17.47 32.84 -50.16
CA ILE L 296 18.59 33.07 -49.26
C ILE L 296 19.85 32.33 -49.67
N ARG L 297 20.91 33.09 -49.93
CA ARG L 297 22.22 32.52 -50.24
C ARG L 297 22.99 32.32 -48.94
N HIS L 298 22.85 33.29 -48.04
CA HIS L 298 23.54 33.23 -46.76
C HIS L 298 22.98 34.26 -45.78
N ILE L 299 23.02 33.92 -44.49
CA ILE L 299 22.55 34.82 -43.44
C ILE L 299 23.65 35.05 -42.42
N ALA L 300 23.93 36.33 -42.14
CA ALA L 300 24.89 36.69 -41.11
C ALA L 300 24.24 37.70 -40.17
N GLY L 301 24.87 37.95 -39.03
CA GLY L 301 24.34 38.91 -38.10
C GLY L 301 25.17 39.12 -36.85
N GLY L 302 25.02 40.28 -36.23
CA GLY L 302 25.66 40.57 -34.97
C GLY L 302 24.65 40.47 -33.84
N GLN L 303 24.84 41.28 -32.81
CA GLN L 303 23.93 41.26 -31.66
C GLN L 303 22.54 41.75 -32.02
N HIS L 304 22.45 42.96 -32.58
CA HIS L 304 21.16 43.58 -32.82
C HIS L 304 20.89 43.91 -34.29
N HIS L 305 21.51 43.16 -35.20
CA HIS L 305 21.27 43.38 -36.63
C HIS L 305 21.61 42.14 -37.43
N THR L 306 20.87 41.93 -38.52
CA THR L 306 21.08 40.78 -39.38
C THR L 306 21.29 41.20 -40.82
N VAL L 307 22.33 40.66 -41.45
CA VAL L 307 22.62 40.94 -42.85
C VAL L 307 22.23 39.75 -43.71
N ILE L 308 21.39 40.01 -44.71
CA ILE L 308 20.83 38.97 -45.56
C ILE L 308 21.39 39.02 -46.98
N LEU L 309 21.93 37.90 -47.44
CA LEU L 309 22.44 37.80 -48.80
C LEU L 309 21.54 36.91 -49.65
N THR L 310 20.88 37.51 -50.64
CA THR L 310 19.97 36.77 -51.51
C THR L 310 20.69 36.09 -52.68
N THR L 311 19.95 35.28 -53.43
CA THR L 311 20.52 34.50 -54.52
C THR L 311 20.81 35.37 -55.75
N ASP L 312 20.10 36.48 -55.87
CA ASP L 312 20.38 37.44 -56.93
C ASP L 312 21.55 38.33 -56.52
N LEU L 313 22.28 37.89 -55.50
CA LEU L 313 23.50 38.53 -55.04
C LEU L 313 23.32 39.97 -54.59
N LYS L 314 22.16 40.26 -54.01
CA LYS L 314 21.90 41.56 -53.40
C LYS L 314 21.94 41.45 -51.88
N CYS L 315 22.16 42.55 -51.20
CA CYS L 315 22.31 42.54 -49.74
C CYS L 315 21.21 43.33 -49.04
N SER L 316 20.61 42.73 -48.03
CA SER L 316 19.54 43.38 -47.27
C SER L 316 19.81 43.28 -45.77
N VAL L 317 19.25 44.21 -45.00
CA VAL L 317 19.52 44.25 -43.57
C VAL L 317 18.28 44.52 -42.71
N VAL L 318 18.37 44.12 -41.43
CA VAL L 318 17.35 44.43 -40.43
C VAL L 318 18.04 44.66 -39.10
N GLY L 319 17.39 45.40 -38.20
CA GLY L 319 17.94 45.63 -36.89
C GLY L 319 17.90 47.09 -36.45
N ARG L 320 18.74 47.44 -35.49
CA ARG L 320 18.79 48.80 -34.96
C ARG L 320 19.82 49.65 -35.70
N PRO L 321 19.52 50.95 -35.87
CA PRO L 321 20.33 51.88 -36.66
C PRO L 321 21.58 52.40 -35.94
N GLU L 322 21.55 52.44 -34.61
CA GLU L 322 22.66 53.01 -33.85
C GLU L 322 24.03 52.58 -34.38
N TYR L 323 24.90 53.57 -34.58
CA TYR L 323 26.27 53.34 -35.05
C TYR L 323 26.33 52.83 -36.48
N GLY L 324 25.24 53.03 -37.22
CA GLY L 324 25.18 52.70 -38.64
C GLY L 324 25.60 51.28 -38.98
N ARG L 325 25.16 50.32 -38.18
CA ARG L 325 25.48 48.92 -38.42
C ARG L 325 24.63 48.36 -39.56
N LEU L 326 23.65 49.15 -39.98
CA LEU L 326 22.74 48.73 -41.04
C LEU L 326 23.23 49.17 -42.42
N GLY L 327 24.15 50.12 -42.43
CA GLY L 327 24.76 50.58 -43.67
C GLY L 327 23.81 51.32 -44.59
N LEU L 328 22.76 51.91 -44.02
CA LEU L 328 21.79 52.65 -44.80
C LEU L 328 21.98 54.16 -44.62
N GLY L 329 22.85 54.53 -43.70
CA GLY L 329 23.19 55.93 -43.49
C GLY L 329 22.46 56.58 -42.33
N ASP L 330 21.79 57.69 -42.61
CA ASP L 330 21.13 58.49 -41.57
C ASP L 330 19.79 57.90 -41.16
N VAL L 331 19.78 56.61 -40.82
CA VAL L 331 18.57 55.94 -40.36
C VAL L 331 18.37 56.20 -38.87
N LYS L 332 17.14 56.54 -38.49
CA LYS L 332 16.84 56.86 -37.10
C LYS L 332 15.91 55.83 -36.45
N ASP L 333 15.19 55.09 -37.28
CA ASP L 333 14.23 54.11 -36.78
C ASP L 333 14.72 52.67 -36.96
N VAL L 334 14.25 51.80 -36.09
CA VAL L 334 14.58 50.38 -36.15
C VAL L 334 14.01 49.75 -37.42
N VAL L 335 14.89 49.24 -38.27
CA VAL L 335 14.47 48.59 -39.50
C VAL L 335 13.87 47.22 -39.20
N GLU L 336 12.59 47.07 -39.52
CA GLU L 336 11.85 45.86 -39.19
C GLU L 336 11.74 44.90 -40.38
N LYS L 337 11.57 45.46 -41.58
CA LYS L 337 11.46 44.66 -42.79
C LYS L 337 12.77 44.68 -43.57
N PRO L 338 13.18 43.50 -44.08
CA PRO L 338 14.43 43.34 -44.83
C PRO L 338 14.63 44.45 -45.86
N THR L 339 15.48 45.41 -45.54
CA THR L 339 15.75 46.53 -46.43
C THR L 339 17.08 46.36 -47.16
N ILE L 340 17.03 46.37 -48.48
CA ILE L 340 18.23 46.23 -49.30
C ILE L 340 19.15 47.45 -49.18
N VAL L 341 20.43 47.19 -48.92
CA VAL L 341 21.42 48.25 -48.82
C VAL L 341 21.64 48.92 -50.17
N LYS L 342 21.38 50.23 -50.24
CA LYS L 342 21.38 50.95 -51.51
C LYS L 342 22.77 51.09 -52.14
N LYS L 343 23.72 51.61 -51.36
CA LYS L 343 25.03 51.95 -51.91
C LYS L 343 25.78 50.75 -52.48
N LEU L 344 25.37 49.55 -52.09
CA LEU L 344 25.95 48.34 -52.66
C LEU L 344 25.30 48.05 -54.02
N THR L 345 26.02 48.39 -55.10
CA THR L 345 25.49 48.25 -56.44
C THR L 345 26.05 47.03 -57.18
N GLU L 346 27.24 46.60 -56.79
CA GLU L 346 27.87 45.42 -57.39
C GLU L 346 27.23 44.15 -56.86
N LYS L 347 27.55 43.02 -57.49
CA LYS L 347 27.08 41.72 -57.02
C LYS L 347 27.89 41.28 -55.82
N ILE L 348 27.21 40.80 -54.79
CA ILE L 348 27.86 40.34 -53.57
C ILE L 348 27.85 38.82 -53.47
N VAL L 349 29.02 38.24 -53.20
CA VAL L 349 29.13 36.79 -53.11
C VAL L 349 29.39 36.32 -51.68
N SER L 350 29.44 37.26 -50.75
CA SER L 350 29.69 36.93 -49.35
C SER L 350 29.42 38.11 -48.41
N VAL L 351 28.86 37.79 -47.25
CA VAL L 351 28.62 38.81 -46.22
C VAL L 351 29.12 38.32 -44.87
N GLY L 352 29.47 39.25 -43.99
CA GLY L 352 29.96 38.91 -42.66
C GLY L 352 29.55 39.95 -41.64
N CYS L 353 29.65 39.59 -40.36
CA CYS L 353 29.26 40.50 -39.29
C CYS L 353 30.12 40.35 -38.04
N GLY L 354 30.42 41.48 -37.40
CA GLY L 354 30.96 41.48 -36.06
C GLY L 354 29.82 41.79 -35.12
N GLU L 355 30.10 41.91 -33.82
CA GLU L 355 29.05 42.19 -32.86
C GLU L 355 28.20 43.40 -33.27
N VAL L 356 28.87 44.42 -33.80
CA VAL L 356 28.18 45.65 -34.18
C VAL L 356 28.76 46.27 -35.45
N CYS L 357 29.02 45.42 -36.45
CA CYS L 357 29.54 45.87 -37.74
C CYS L 357 29.26 44.84 -38.82
N SER L 358 29.38 45.25 -40.08
CA SER L 358 29.03 44.37 -41.19
C SER L 358 30.03 44.44 -42.35
N TYR L 359 30.09 43.37 -43.13
CA TYR L 359 31.02 43.28 -44.24
C TYR L 359 30.36 42.75 -45.51
N ALA L 360 30.92 43.11 -46.65
CA ALA L 360 30.39 42.65 -47.93
C ALA L 360 31.53 42.45 -48.93
N VAL L 361 31.61 41.25 -49.50
CA VAL L 361 32.62 40.93 -50.49
C VAL L 361 32.00 40.82 -51.89
N THR L 362 32.48 41.64 -52.81
CA THR L 362 31.93 41.66 -54.17
C THR L 362 32.41 40.47 -55.00
N ILE L 363 31.70 40.21 -56.09
CA ILE L 363 32.02 39.09 -56.97
C ILE L 363 33.37 39.29 -57.65
N ASP L 364 33.79 40.54 -57.77
CA ASP L 364 35.07 40.86 -58.40
C ASP L 364 36.24 40.79 -57.43
N GLY L 365 35.96 40.96 -56.15
CA GLY L 365 36.99 40.82 -55.13
C GLY L 365 37.19 42.01 -54.21
N LYS L 366 36.30 43.00 -54.31
CA LYS L 366 36.38 44.17 -53.46
C LYS L 366 35.78 43.89 -52.08
N LEU L 367 36.03 44.80 -51.14
CA LEU L 367 35.55 44.62 -49.77
C LEU L 367 34.94 45.91 -49.20
N TYR L 368 33.69 45.82 -48.78
CA TYR L 368 33.03 46.94 -48.11
C TYR L 368 32.82 46.62 -46.64
N SER L 369 32.75 47.65 -45.81
CA SER L 369 32.50 47.47 -44.39
C SER L 369 31.77 48.67 -43.82
N TRP L 370 31.06 48.47 -42.71
CA TRP L 370 30.31 49.54 -42.07
C TRP L 370 29.91 49.16 -40.65
N GLY L 371 29.58 50.17 -39.85
CA GLY L 371 29.18 49.94 -38.47
C GLY L 371 30.13 50.63 -37.50
N SER L 372 30.25 50.05 -36.29
CA SER L 372 31.09 50.62 -35.26
C SER L 372 32.58 50.39 -35.56
N GLY L 373 33.34 51.47 -35.59
CA GLY L 373 34.77 51.39 -35.83
C GLY L 373 35.55 51.67 -34.57
N VAL L 374 34.86 51.73 -33.44
CA VAL L 374 35.48 52.04 -32.16
C VAL L 374 36.54 51.01 -31.78
N ASN L 375 36.47 49.84 -32.41
CA ASN L 375 37.45 48.78 -32.17
C ASN L 375 38.33 48.53 -33.40
N ASN L 376 38.30 49.48 -34.33
CA ASN L 376 39.11 49.39 -35.55
C ASN L 376 38.90 48.08 -36.30
N GLN L 377 37.63 47.68 -36.44
CA GLN L 377 37.30 46.42 -37.10
C GLN L 377 36.98 46.64 -38.58
N LEU L 378 36.80 47.90 -38.97
CA LEU L 378 36.32 48.22 -40.32
C LEU L 378 37.42 48.14 -41.39
N GLY L 379 38.68 48.19 -40.95
CA GLY L 379 39.80 48.12 -41.88
C GLY L 379 40.02 49.43 -42.63
N VAL L 380 39.07 50.35 -42.48
CA VAL L 380 39.19 51.68 -43.08
C VAL L 380 38.63 52.71 -42.09
N GLY L 381 39.11 53.94 -42.18
CA GLY L 381 38.74 54.97 -41.24
C GLY L 381 39.69 54.96 -40.05
N ASP L 382 39.47 55.87 -39.11
CA ASP L 382 40.36 55.97 -37.95
C ASP L 382 39.59 55.75 -36.65
N GLY L 383 38.66 54.80 -36.66
CA GLY L 383 37.85 54.52 -35.50
C GLY L 383 36.46 55.13 -35.62
N ASP L 384 36.24 55.85 -36.70
CA ASP L 384 34.96 56.50 -36.95
C ASP L 384 33.92 55.49 -37.44
N ASP L 385 32.69 55.63 -36.95
CA ASP L 385 31.60 54.77 -37.38
C ASP L 385 31.23 55.06 -38.82
N GLU L 386 31.12 54.01 -39.63
CA GLU L 386 30.74 54.16 -41.03
C GLU L 386 29.26 53.86 -41.22
N LEU L 387 28.48 54.88 -41.55
CA LEU L 387 27.04 54.74 -41.68
C LEU L 387 26.65 54.12 -43.01
N GLU L 388 27.53 54.25 -43.99
CA GLU L 388 27.30 53.64 -45.30
C GLU L 388 28.50 52.80 -45.71
N PRO L 389 28.25 51.73 -46.48
CA PRO L 389 29.30 50.81 -46.93
C PRO L 389 30.46 51.54 -47.57
N ILE L 390 31.66 51.41 -46.99
CA ILE L 390 32.85 52.04 -47.53
C ILE L 390 33.87 51.00 -47.96
N VAL L 391 34.39 51.15 -49.18
CA VAL L 391 35.35 50.20 -49.72
C VAL L 391 36.69 50.27 -48.97
N VAL L 392 37.26 49.10 -48.69
CA VAL L 392 38.50 49.01 -47.94
C VAL L 392 39.70 48.87 -48.86
N VAL L 393 40.38 49.98 -49.11
CA VAL L 393 41.57 49.95 -49.96
C VAL L 393 42.82 50.35 -49.18
N SER L 394 43.60 49.35 -48.79
CA SER L 394 44.87 49.58 -48.11
C SER L 394 45.95 48.71 -48.73
N LYS L 395 47.16 48.81 -48.20
CA LYS L 395 48.29 48.04 -48.72
C LYS L 395 47.93 46.59 -49.04
N ASN L 396 47.31 45.91 -48.09
CA ASN L 396 47.07 44.48 -48.20
C ASN L 396 45.76 44.09 -48.90
N THR L 397 45.07 45.08 -49.45
CA THR L 397 43.85 44.81 -50.22
C THR L 397 43.88 45.48 -51.58
N GLN L 398 44.72 46.49 -51.72
CA GLN L 398 44.82 47.26 -52.96
C GLN L 398 45.13 46.37 -54.15
N GLY L 399 44.15 46.22 -55.05
CA GLY L 399 44.32 45.41 -56.24
C GLY L 399 44.40 43.92 -55.95
N LYS L 400 43.69 43.49 -54.91
CA LYS L 400 43.68 42.08 -54.53
C LYS L 400 42.25 41.52 -54.54
N HIS L 401 42.13 40.20 -54.48
CA HIS L 401 40.83 39.55 -54.57
C HIS L 401 40.36 39.08 -53.20
N MET L 402 39.33 39.75 -52.67
CA MET L 402 38.79 39.40 -51.36
C MET L 402 37.78 38.25 -51.49
N LEU L 403 37.83 37.32 -50.54
CA LEU L 403 36.96 36.15 -50.58
C LEU L 403 35.98 36.12 -49.41
N LEU L 404 36.51 36.11 -48.19
CA LEU L 404 35.68 35.98 -47.01
C LEU L 404 35.92 37.08 -45.99
N ALA L 405 34.89 37.37 -45.19
CA ALA L 405 34.98 38.37 -44.14
C ALA L 405 34.05 38.00 -42.99
N SER L 406 34.59 37.98 -41.78
CA SER L 406 33.80 37.70 -40.59
C SER L 406 34.41 38.39 -39.38
N GLY L 407 33.57 39.09 -38.62
CA GLY L 407 34.03 39.85 -37.48
C GLY L 407 33.67 39.22 -36.14
N GLY L 408 34.42 39.59 -35.11
CA GLY L 408 34.15 39.13 -33.75
C GLY L 408 33.70 40.27 -32.86
N GLY L 409 34.13 40.24 -31.61
CA GLY L 409 33.78 41.27 -30.66
C GLY L 409 34.55 42.56 -30.85
N GLN L 410 35.88 42.45 -30.89
CA GLN L 410 36.72 43.63 -31.02
C GLN L 410 37.67 43.52 -32.21
N HIS L 411 37.53 42.46 -32.99
CA HIS L 411 38.41 42.23 -34.13
C HIS L 411 37.63 41.78 -35.35
N ALA L 412 38.35 41.55 -36.44
CA ALA L 412 37.77 41.03 -37.67
C ALA L 412 38.81 40.23 -38.44
N ILE L 413 38.36 39.19 -39.13
CA ILE L 413 39.26 38.34 -39.90
C ILE L 413 38.77 38.19 -41.34
N PHE L 414 39.72 38.15 -42.28
CA PHE L 414 39.40 38.09 -43.69
C PHE L 414 40.24 37.04 -44.40
N LEU L 415 39.85 36.70 -45.64
CA LEU L 415 40.60 35.77 -46.45
C LEU L 415 40.79 36.33 -47.86
N VAL L 416 42.04 36.67 -48.19
CA VAL L 416 42.36 37.22 -49.50
C VAL L 416 42.83 36.10 -50.43
N LYS L 417 42.47 36.21 -51.71
CA LYS L 417 42.85 35.22 -52.70
C LYS L 417 44.36 35.25 -52.97
N ALA L 418 45.00 34.11 -52.78
CA ALA L 418 46.45 34.00 -53.00
C ALA L 418 46.75 33.85 -54.48
N ASP L 419 48.01 34.03 -54.85
CA ASP L 419 48.42 33.93 -56.24
C ASP L 419 49.03 32.56 -56.55
N LYS L 420 48.68 31.58 -55.74
CA LYS L 420 49.18 30.22 -55.92
C LYS L 420 48.16 29.35 -56.63
N GLN L 421 47.06 29.06 -55.93
CA GLN L 421 45.98 28.25 -56.49
C GLN L 421 46.48 26.89 -57.00
N ASP L 422 47.25 26.20 -56.17
CA ASP L 422 47.79 24.90 -56.52
C ASP L 422 46.67 23.90 -56.82
#